data_4PQV
# 
_entry.id   4PQV 
# 
_audit_conform.dict_name       mmcif_pdbx.dic 
_audit_conform.dict_version    5.387 
_audit_conform.dict_location   http://mmcif.pdb.org/dictionaries/ascii/mmcif_pdbx.dic 
# 
loop_
_database_2.database_id 
_database_2.database_code 
_database_2.pdbx_database_accession 
_database_2.pdbx_DOI 
PDB   4PQV         pdb_00004pqv 10.2210/pdb4pqv/pdb 
NDB   NA2945       ?            ?                   
RCSB  RCSB085109   ?            ?                   
WWPDB D_1000085109 ?            ?                   
# 
loop_
_pdbx_audit_revision_history.ordinal 
_pdbx_audit_revision_history.data_content_type 
_pdbx_audit_revision_history.major_revision 
_pdbx_audit_revision_history.minor_revision 
_pdbx_audit_revision_history.revision_date 
1 'Structure model' 1 0 2014-04-30 
2 'Structure model' 1 1 2017-11-22 
3 'Structure model' 1 2 2024-02-28 
# 
_pdbx_audit_revision_details.ordinal             1 
_pdbx_audit_revision_details.revision_ordinal    1 
_pdbx_audit_revision_details.data_content_type   'Structure model' 
_pdbx_audit_revision_details.provider            repository 
_pdbx_audit_revision_details.type                'Initial release' 
_pdbx_audit_revision_details.description         ? 
_pdbx_audit_revision_details.details             ? 
# 
loop_
_pdbx_audit_revision_group.ordinal 
_pdbx_audit_revision_group.revision_ordinal 
_pdbx_audit_revision_group.data_content_type 
_pdbx_audit_revision_group.group 
1 2 'Structure model' 'Refinement description' 
2 3 'Structure model' 'Data collection'        
3 3 'Structure model' 'Database references'    
4 3 'Structure model' 'Derived calculations'   
# 
loop_
_pdbx_audit_revision_category.ordinal 
_pdbx_audit_revision_category.revision_ordinal 
_pdbx_audit_revision_category.data_content_type 
_pdbx_audit_revision_category.category 
1 2 'Structure model' software               
2 3 'Structure model' chem_comp_atom         
3 3 'Structure model' chem_comp_bond         
4 3 'Structure model' database_2             
5 3 'Structure model' pdbx_struct_conn_angle 
6 3 'Structure model' struct_conn            
7 3 'Structure model' struct_ref_seq_dif     
8 3 'Structure model' struct_site            
# 
loop_
_pdbx_audit_revision_item.ordinal 
_pdbx_audit_revision_item.revision_ordinal 
_pdbx_audit_revision_item.data_content_type 
_pdbx_audit_revision_item.item 
1  2 'Structure model' '_software.name'                              
2  3 'Structure model' '_database_2.pdbx_DOI'                        
3  3 'Structure model' '_database_2.pdbx_database_accession'         
4  3 'Structure model' '_pdbx_struct_conn_angle.ptnr1_auth_comp_id'  
5  3 'Structure model' '_pdbx_struct_conn_angle.ptnr1_auth_seq_id'   
6  3 'Structure model' '_pdbx_struct_conn_angle.ptnr1_label_asym_id' 
7  3 'Structure model' '_pdbx_struct_conn_angle.ptnr1_label_atom_id' 
8  3 'Structure model' '_pdbx_struct_conn_angle.ptnr1_label_comp_id' 
9  3 'Structure model' '_pdbx_struct_conn_angle.ptnr1_label_seq_id'  
10 3 'Structure model' '_pdbx_struct_conn_angle.ptnr3_auth_comp_id'  
11 3 'Structure model' '_pdbx_struct_conn_angle.ptnr3_auth_seq_id'   
12 3 'Structure model' '_pdbx_struct_conn_angle.ptnr3_label_asym_id' 
13 3 'Structure model' '_pdbx_struct_conn_angle.ptnr3_label_atom_id' 
14 3 'Structure model' '_pdbx_struct_conn_angle.ptnr3_label_comp_id' 
15 3 'Structure model' '_pdbx_struct_conn_angle.ptnr3_label_seq_id'  
16 3 'Structure model' '_pdbx_struct_conn_angle.value'               
17 3 'Structure model' '_struct_conn.pdbx_dist_value'                
18 3 'Structure model' '_struct_conn.ptnr1_auth_comp_id'             
19 3 'Structure model' '_struct_conn.ptnr1_auth_seq_id'              
20 3 'Structure model' '_struct_conn.ptnr1_label_asym_id'            
21 3 'Structure model' '_struct_conn.ptnr1_label_atom_id'            
22 3 'Structure model' '_struct_conn.ptnr1_label_comp_id'            
23 3 'Structure model' '_struct_conn.ptnr1_label_seq_id'             
24 3 'Structure model' '_struct_conn.ptnr2_auth_comp_id'             
25 3 'Structure model' '_struct_conn.ptnr2_auth_seq_id'              
26 3 'Structure model' '_struct_conn.ptnr2_label_asym_id'            
27 3 'Structure model' '_struct_conn.ptnr2_label_atom_id'            
28 3 'Structure model' '_struct_conn.ptnr2_label_comp_id'            
29 3 'Structure model' '_struct_ref_seq_dif.details'                 
30 3 'Structure model' '_struct_site.pdbx_auth_asym_id'              
31 3 'Structure model' '_struct_site.pdbx_auth_comp_id'              
32 3 'Structure model' '_struct_site.pdbx_auth_seq_id'               
# 
_pdbx_database_status.status_code                     REL 
_pdbx_database_status.entry_id                        4PQV 
_pdbx_database_status.recvd_initial_deposition_date   2014-03-04 
_pdbx_database_status.deposit_site                    RCSB 
_pdbx_database_status.process_site                    RCSB 
_pdbx_database_status.status_code_sf                  REL 
_pdbx_database_status.status_code_mr                  ? 
_pdbx_database_status.SG_entry                        ? 
_pdbx_database_status.status_code_cs                  ? 
_pdbx_database_status.methods_development_category    ? 
_pdbx_database_status.pdb_format_compatible           Y 
_pdbx_database_status.status_code_nmr_data            ? 
# 
loop_
_audit_author.name 
_audit_author.pdbx_ordinal 
'Chapman, E.G.'    1 
'Costantino, D.A.' 2 
'Rabe, J.L.'       3 
'Moon, S.L.'       4 
'Wilusz, J.'       5 
'Nix, J.C.'        6 
'Kieft, J.S.'      7 
# 
_citation.id                        primary 
_citation.title                     'The structural basis of pathogenic subgenomic flavivirus RNA (sfRNA) production.' 
_citation.journal_abbrev            Science 
_citation.journal_volume            344 
_citation.page_first                307 
_citation.page_last                 310 
_citation.year                      2014 
_citation.journal_id_ASTM           SCIEAS 
_citation.country                   US 
_citation.journal_id_ISSN           0036-8075 
_citation.journal_id_CSD            0038 
_citation.book_publisher            ? 
_citation.pdbx_database_id_PubMed   24744377 
_citation.pdbx_database_id_DOI      10.1126/science.1250897 
# 
loop_
_citation_author.citation_id 
_citation_author.name 
_citation_author.ordinal 
_citation_author.identifier_ORCID 
primary 'Chapman, E.G.'    1 ? 
primary 'Costantino, D.A.' 2 ? 
primary 'Rabe, J.L.'       3 ? 
primary 'Moon, S.L.'       4 ? 
primary 'Wilusz, J.'       5 ? 
primary 'Nix, J.C.'        6 ? 
primary 'Kieft, J.S.'      7 ? 
# 
loop_
_entity.id 
_entity.type 
_entity.src_method 
_entity.pdbx_description 
_entity.formula_weight 
_entity.pdbx_number_of_molecules 
_entity.pdbx_ec 
_entity.pdbx_mutation 
_entity.pdbx_fragment 
_entity.details 
1 polymer     syn 'XRN1-resistant flaviviral RNA' 22095.186 1 ? 'U2G, G-U pair insertion' ? ? 
2 non-polymer syn 'MAGNESIUM ION'                 24.305    9 ? ?                         ? ? 
3 water       nat water                           18.015    7 ? ?                         ? ? 
# 
_entity_poly.entity_id                      1 
_entity_poly.type                           polyribonucleotide 
_entity_poly.nstd_linkage                   no 
_entity_poly.nstd_monomer                   no 
_entity_poly.pdbx_seq_one_letter_code       GGGUCAGAUCGGCGAAAGUCGCCACUUCGCCGAGGAGUGCAAUCUGUGAGGCCCCAGGAGGACUGGGU 
_entity_poly.pdbx_seq_one_letter_code_can   GGGUCAGAUCGGCGAAAGUCGCCACUUCGCCGAGGAGUGCAAUCUGUGAGGCCCCAGGAGGACUGGGU 
_entity_poly.pdbx_strand_id                 A 
_entity_poly.pdbx_target_identifier         ? 
# 
loop_
_pdbx_entity_nonpoly.entity_id 
_pdbx_entity_nonpoly.name 
_pdbx_entity_nonpoly.comp_id 
2 'MAGNESIUM ION' MG  
3 water           HOH 
# 
loop_
_entity_poly_seq.entity_id 
_entity_poly_seq.num 
_entity_poly_seq.mon_id 
_entity_poly_seq.hetero 
1 1  G n 
1 2  G n 
1 3  G n 
1 4  U n 
1 5  C n 
1 6  A n 
1 7  G n 
1 8  A n 
1 9  U n 
1 10 C n 
1 11 G n 
1 12 G n 
1 13 C n 
1 14 G n 
1 15 A n 
1 16 A n 
1 17 A n 
1 18 G n 
1 19 U n 
1 20 C n 
1 21 G n 
1 22 C n 
1 23 C n 
1 24 A n 
1 25 C n 
1 26 U n 
1 27 U n 
1 28 C n 
1 29 G n 
1 30 C n 
1 31 C n 
1 32 G n 
1 33 A n 
1 34 G n 
1 35 G n 
1 36 A n 
1 37 G n 
1 38 U n 
1 39 G n 
1 40 C n 
1 41 A n 
1 42 A n 
1 43 U n 
1 44 C n 
1 45 U n 
1 46 G n 
1 47 U n 
1 48 G n 
1 49 A n 
1 50 G n 
1 51 G n 
1 52 C n 
1 53 C n 
1 54 C n 
1 55 C n 
1 56 A n 
1 57 G n 
1 58 G n 
1 59 A n 
1 60 G n 
1 61 G n 
1 62 A n 
1 63 C n 
1 64 U n 
1 65 G n 
1 66 G n 
1 67 G n 
1 68 U n 
# 
_pdbx_entity_src_syn.entity_id              1 
_pdbx_entity_src_syn.pdbx_src_id            1 
_pdbx_entity_src_syn.pdbx_alt_source_flag   sample 
_pdbx_entity_src_syn.pdbx_beg_seq_num       ? 
_pdbx_entity_src_syn.pdbx_end_seq_num       ? 
_pdbx_entity_src_syn.organism_scientific    'Murray Valley encephalitis virus' 
_pdbx_entity_src_syn.organism_common_name   ? 
_pdbx_entity_src_syn.ncbi_taxonomy_id       11079 
_pdbx_entity_src_syn.details                'RNA was prepared by in vitro transcription with T7 polymerase' 
# 
loop_
_chem_comp.id 
_chem_comp.type 
_chem_comp.mon_nstd_flag 
_chem_comp.name 
_chem_comp.pdbx_synonyms 
_chem_comp.formula 
_chem_comp.formula_weight 
A   'RNA linking' y "ADENOSINE-5'-MONOPHOSPHATE" ? 'C10 H14 N5 O7 P' 347.221 
C   'RNA linking' y "CYTIDINE-5'-MONOPHOSPHATE"  ? 'C9 H14 N3 O8 P'  323.197 
G   'RNA linking' y "GUANOSINE-5'-MONOPHOSPHATE" ? 'C10 H14 N5 O8 P' 363.221 
HOH non-polymer   . WATER                        ? 'H2 O'            18.015  
MG  non-polymer   . 'MAGNESIUM ION'              ? 'Mg 2'            24.305  
U   'RNA linking' y "URIDINE-5'-MONOPHOSPHATE"   ? 'C9 H13 N2 O9 P'  324.181 
# 
loop_
_pdbx_poly_seq_scheme.asym_id 
_pdbx_poly_seq_scheme.entity_id 
_pdbx_poly_seq_scheme.seq_id 
_pdbx_poly_seq_scheme.mon_id 
_pdbx_poly_seq_scheme.ndb_seq_num 
_pdbx_poly_seq_scheme.pdb_seq_num 
_pdbx_poly_seq_scheme.auth_seq_num 
_pdbx_poly_seq_scheme.pdb_mon_id 
_pdbx_poly_seq_scheme.auth_mon_id 
_pdbx_poly_seq_scheme.pdb_strand_id 
_pdbx_poly_seq_scheme.pdb_ins_code 
_pdbx_poly_seq_scheme.hetero 
A 1 1  G 1  1  1  G G A . n 
A 1 2  G 2  2  2  G G A . n 
A 1 3  G 3  3  3  G G A . n 
A 1 4  U 4  4  4  U U A . n 
A 1 5  C 5  5  5  C C A . n 
A 1 6  A 6  6  6  A A A . n 
A 1 7  G 7  7  7  G G A . n 
A 1 8  A 8  8  8  A A A . n 
A 1 9  U 9  9  9  U U A . n 
A 1 10 C 10 10 10 C C A . n 
A 1 11 G 11 11 11 G G A . n 
A 1 12 G 12 12 12 G G A . n 
A 1 13 C 13 13 13 C C A . n 
A 1 14 G 14 14 14 G G A . n 
A 1 15 A 15 15 15 A A A . n 
A 1 16 A 16 16 16 A A A . n 
A 1 17 A 17 17 17 A A A . n 
A 1 18 G 18 18 18 G G A . n 
A 1 19 U 19 19 19 U U A . n 
A 1 20 C 20 20 20 C C A . n 
A 1 21 G 21 21 21 G G A . n 
A 1 22 C 22 22 22 C C A . n 
A 1 23 C 23 23 23 C C A . n 
A 1 24 A 24 24 24 A A A . n 
A 1 25 C 25 25 25 C C A . n 
A 1 26 U 26 26 26 U U A . n 
A 1 27 U 27 27 27 U U A . n 
A 1 28 C 28 28 28 C C A . n 
A 1 29 G 29 29 29 G G A . n 
A 1 30 C 30 30 30 C C A . n 
A 1 31 C 31 31 31 C C A . n 
A 1 32 G 32 32 32 G G A . n 
A 1 33 A 33 33 33 A A A . n 
A 1 34 G 34 34 34 G G A . n 
A 1 35 G 35 35 35 G G A . n 
A 1 36 A 36 36 36 A A A . n 
A 1 37 G 37 37 37 G G A . n 
A 1 38 U 38 38 38 U U A . n 
A 1 39 G 39 39 39 G G A . n 
A 1 40 C 40 40 40 C C A . n 
A 1 41 A 41 41 41 A A A . n 
A 1 42 A 42 42 42 A A A . n 
A 1 43 U 43 43 43 U U A . n 
A 1 44 C 44 44 44 C C A . n 
A 1 45 U 45 45 45 U U A . n 
A 1 46 G 46 46 46 G G A . n 
A 1 47 U 47 47 47 U U A . n 
A 1 48 G 48 48 48 G G A . n 
A 1 49 A 49 49 49 A A A . n 
A 1 50 G 50 50 50 G G A . n 
A 1 51 G 51 51 51 G G A . n 
A 1 52 C 52 52 52 C C A . n 
A 1 53 C 53 53 53 C C A . n 
A 1 54 C 54 54 54 C C A . n 
A 1 55 C 55 55 55 C C A . n 
A 1 56 A 56 56 56 A A A . n 
A 1 57 G 57 57 57 G G A . n 
A 1 58 G 58 58 58 G G A . n 
A 1 59 A 59 59 59 A A A . n 
A 1 60 G 60 60 60 G G A . n 
A 1 61 G 61 61 61 G G A . n 
A 1 62 A 62 62 62 A A A . n 
A 1 63 C 63 63 63 C C A . n 
A 1 64 U 64 64 64 U U A . n 
A 1 65 G 65 65 65 G G A . n 
A 1 66 G 66 66 66 G G A . n 
A 1 67 G 67 67 67 G G A . n 
A 1 68 U 68 68 68 U U A . n 
# 
loop_
_pdbx_nonpoly_scheme.asym_id 
_pdbx_nonpoly_scheme.entity_id 
_pdbx_nonpoly_scheme.mon_id 
_pdbx_nonpoly_scheme.ndb_seq_num 
_pdbx_nonpoly_scheme.pdb_seq_num 
_pdbx_nonpoly_scheme.auth_seq_num 
_pdbx_nonpoly_scheme.pdb_mon_id 
_pdbx_nonpoly_scheme.auth_mon_id 
_pdbx_nonpoly_scheme.pdb_strand_id 
_pdbx_nonpoly_scheme.pdb_ins_code 
B 2 MG  1 101 1  MG  MG  A . 
C 2 MG  1 102 1  MG  MG  A . 
D 2 MG  1 103 1  MG  MG  A . 
E 2 MG  1 104 1  MG  MG  A . 
F 2 MG  1 105 1  MG  MG  A . 
G 2 MG  1 106 1  MG  MG  A . 
H 2 MG  1 107 1  MG  MG  A . 
I 2 MG  1 108 1  MG  MG  A . 
J 2 MG  1 109 1  MG  MG  A . 
K 3 HOH 1 201 1  HOH HOH A . 
K 3 HOH 2 202 2  HOH HOH A . 
K 3 HOH 3 203 3  HOH HOH A . 
K 3 HOH 4 204 4  HOH HOH A . 
K 3 HOH 5 205 5  HOH HOH A . 
K 3 HOH 6 206 6  HOH HOH A . 
K 3 HOH 7 207 13 HOH HOH A . 
# 
loop_
_software.name 
_software.classification 
_software.version 
_software.citation_id 
_software.pdbx_ordinal 
Blu-Ice 'data collection' Ice                           ? 1 
PHENIX  'model building'  .                             ? 2 
PHENIX  refinement        '(phenix.refine: 1.8.4_1496)' ? 3 
d*TREK  'data reduction'  .                             ? 4 
d*TREK  'data scaling'    .                             ? 5 
PHENIX  phasing           .                             ? 6 
# 
_cell.entry_id           4PQV 
_cell.length_a           76.698 
_cell.length_b           76.698 
_cell.length_c           76.448 
_cell.angle_alpha        90.00 
_cell.angle_beta         90.00 
_cell.angle_gamma        120.00 
_cell.Z_PDB              6 
_cell.pdbx_unique_axis   ? 
_cell.length_a_esd       ? 
_cell.length_b_esd       ? 
_cell.length_c_esd       ? 
_cell.angle_alpha_esd    ? 
_cell.angle_beta_esd     ? 
_cell.angle_gamma_esd    ? 
# 
_symmetry.entry_id                         4PQV 
_symmetry.space_group_name_H-M             'P 32 2 1' 
_symmetry.pdbx_full_space_group_name_H-M   ? 
_symmetry.cell_setting                     ? 
_symmetry.Int_Tables_number                154 
_symmetry.space_group_name_Hall            ? 
# 
_exptl.entry_id          4PQV 
_exptl.method            'X-RAY DIFFRACTION' 
_exptl.crystals_number   1 
# 
_exptl_crystal.id                    1 
_exptl_crystal.density_meas          ? 
_exptl_crystal.density_Matthews      2.94 
_exptl_crystal.density_percent_sol   58.13 
_exptl_crystal.description           ? 
_exptl_crystal.F_000                 ? 
_exptl_crystal.preparation           ? 
# 
_exptl_crystal_grow.crystal_id      1 
_exptl_crystal_grow.method          'VAPOR DIFFUSION, SITTING DROP' 
_exptl_crystal_grow.temp            293 
_exptl_crystal_grow.temp_details    ? 
_exptl_crystal_grow.pH              7.5 
_exptl_crystal_grow.pdbx_details    
;drop: 1 uL 5 mg/mL RNA in 2.5 mM magnesium chloride, 10 mM HEPES-KOH pH 7.5 (heated to 65 C for 3 minutes, cooled at room temperature, 0.5 mM spermidine added, centrifuged for 10 minutes at 13000 x g) + 2 uL 10% MPD, 40 mM sodium cacodylate, pH 6.0, 12 mM spermine, 80 mM sodium chloride, 20 mM magnesium chloride (Nucleic Acid Mini-Screen kit, Hampton Research), well: 20-35% MPD, crystals appeared within 2-3 days and grew to full size over 1-2 weeks.  To obtain derivatized crystals for phasing, 5 uL 4 mM iridium (III) hexammine in RNase-free water was added directly to crystallization drops and well solutions <35% MPD were replaced with 35% MPD.  Wells were then re-sealed and allowed to re-equilibrate for at least 2 days, VAPOR DIFFUSION, SITTING DROP, temperature 293K
;
_exptl_crystal_grow.pdbx_pH_range   ? 
# 
_diffrn.id                     1 
_diffrn.ambient_temp           100 
_diffrn.ambient_temp_details   ? 
_diffrn.crystal_id             1 
# 
_diffrn_detector.diffrn_id              1 
_diffrn_detector.detector               CMOS 
_diffrn_detector.type                   TAURUS-1 
_diffrn_detector.pdbx_collection_date   2013-09-27 
_diffrn_detector.details                ? 
# 
_diffrn_radiation.diffrn_id                        1 
_diffrn_radiation.wavelength_id                    1 
_diffrn_radiation.pdbx_monochromatic_or_laue_m_l   M 
_diffrn_radiation.monochromator                    'Rosenbaum-Rock sagitally focused Si(111)' 
_diffrn_radiation.pdbx_diffrn_protocol             'SINGLE WAVELENGTH' 
_diffrn_radiation.pdbx_scattering_type             x-ray 
# 
_diffrn_radiation_wavelength.id           1 
_diffrn_radiation_wavelength.wavelength   1.0972 
_diffrn_radiation_wavelength.wt           1.0 
# 
_diffrn_source.diffrn_id                   1 
_diffrn_source.source                      SYNCHROTRON 
_diffrn_source.type                        'ALS BEAMLINE 4.2.2' 
_diffrn_source.pdbx_synchrotron_site       ALS 
_diffrn_source.pdbx_synchrotron_beamline   4.2.2 
_diffrn_source.pdbx_wavelength             ? 
_diffrn_source.pdbx_wavelength_list        1.0972 
# 
_reflns.entry_id                     4PQV 
_reflns.observed_criterion_sigma_I   ? 
_reflns.observed_criterion_sigma_F   ? 
_reflns.d_resolution_low             50.14 
_reflns.d_resolution_high            2.45 
_reflns.number_obs                   9499 
_reflns.number_all                   ? 
_reflns.percent_possible_obs         ? 
_reflns.pdbx_Rmerge_I_obs            ? 
_reflns.pdbx_Rsym_value              ? 
_reflns.pdbx_netI_over_sigmaI        ? 
_reflns.B_iso_Wilson_estimate        ? 
_reflns.pdbx_redundancy              ? 
_reflns.R_free_details               ? 
_reflns.limit_h_max                  ? 
_reflns.limit_h_min                  ? 
_reflns.limit_k_max                  ? 
_reflns.limit_k_min                  ? 
_reflns.limit_l_max                  ? 
_reflns.limit_l_min                  ? 
_reflns.observed_criterion_F_max     ? 
_reflns.observed_criterion_F_min     ? 
_reflns.pdbx_chi_squared             ? 
_reflns.pdbx_scaling_rejects         ? 
_reflns.pdbx_ordinal                 1 
_reflns.pdbx_diffrn_id               1 
# 
_reflns_shell.d_res_high             2.45 
_reflns_shell.d_res_low              ? 
_reflns_shell.percent_possible_all   ? 
_reflns_shell.Rmerge_I_obs           ? 
_reflns_shell.pdbx_Rsym_value        ? 
_reflns_shell.meanI_over_sigI_obs    ? 
_reflns_shell.pdbx_redundancy        ? 
_reflns_shell.percent_possible_obs   ? 
_reflns_shell.number_unique_all      ? 
_reflns_shell.number_measured_all    ? 
_reflns_shell.number_measured_obs    ? 
_reflns_shell.number_unique_obs      ? 
_reflns_shell.pdbx_chi_squared       ? 
_reflns_shell.pdbx_ordinal           1 
_reflns_shell.pdbx_diffrn_id         1 
# 
_refine.pdbx_refine_id                           'X-RAY DIFFRACTION' 
_refine.entry_id                                 4PQV 
_refine.pdbx_diffrn_id                           1 
_refine.pdbx_TLS_residual_ADP_flag               ? 
_refine.ls_number_reflns_obs                     8418 
_refine.ls_number_reflns_all                     ? 
_refine.pdbx_ls_sigma_I                          ? 
_refine.pdbx_ls_sigma_F                          1.39 
_refine.pdbx_data_cutoff_high_absF               ? 
_refine.pdbx_data_cutoff_low_absF                ? 
_refine.pdbx_data_cutoff_high_rms_absF           ? 
_refine.ls_d_res_low                             50.140 
_refine.ls_d_res_high                            2.463 
_refine.ls_percent_reflns_obs                    85.47 
_refine.ls_R_factor_obs                          0.2357 
_refine.ls_R_factor_all                          ? 
_refine.ls_R_factor_R_work                       0.2303 
_refine.ls_R_factor_R_free                       0.2835 
_refine.ls_R_factor_R_free_error                 ? 
_refine.ls_R_factor_R_free_error_details         ? 
_refine.ls_percent_reflns_R_free                 9.91 
_refine.ls_number_reflns_R_free                  824 
_refine.ls_number_parameters                     ? 
_refine.ls_number_restraints                     ? 
_refine.occupancy_min                            ? 
_refine.occupancy_max                            ? 
_refine.correlation_coeff_Fo_to_Fc               ? 
_refine.correlation_coeff_Fo_to_Fc_free          ? 
_refine.B_iso_mean                               ? 
_refine.aniso_B[1][1]                            ? 
_refine.aniso_B[2][2]                            ? 
_refine.aniso_B[3][3]                            ? 
_refine.aniso_B[1][2]                            ? 
_refine.aniso_B[1][3]                            ? 
_refine.aniso_B[2][3]                            ? 
_refine.solvent_model_details                    'FLAT BULK SOLVENT MODEL' 
_refine.solvent_model_param_ksol                 ? 
_refine.solvent_model_param_bsol                 ? 
_refine.pdbx_solvent_vdw_probe_radii             1.11 
_refine.pdbx_solvent_ion_probe_radii             ? 
_refine.pdbx_solvent_shrinkage_radii             0.90 
_refine.pdbx_ls_cross_valid_method               ? 
_refine.details                                  ? 
_refine.pdbx_starting_model                      ? 
_refine.pdbx_method_to_determine_struct          SAD 
_refine.pdbx_isotropic_thermal_model             ? 
_refine.pdbx_stereochemistry_target_values       ML 
_refine.pdbx_stereochem_target_val_spec_case     ? 
_refine.pdbx_R_Free_selection_details            RANDOM 
_refine.pdbx_overall_ESU_R                       ? 
_refine.pdbx_overall_ESU_R_Free                  ? 
_refine.overall_SU_ML                            0.35 
_refine.pdbx_overall_phase_error                 38.25 
_refine.overall_SU_B                             ? 
_refine.overall_SU_R_Cruickshank_DPI             ? 
_refine.pdbx_overall_SU_R_free_Cruickshank_DPI   ? 
_refine.pdbx_overall_SU_R_Blow_DPI               ? 
_refine.pdbx_overall_SU_R_free_Blow_DPI          ? 
_refine.ls_redundancy_reflns_obs                 ? 
_refine.overall_SU_R_free                        ? 
_refine.ls_wR_factor_R_free                      ? 
_refine.ls_wR_factor_R_work                      ? 
_refine.overall_FOM_free_R_set                   ? 
_refine.overall_FOM_work_R_set                   ? 
# 
_refine_hist.pdbx_refine_id                   'X-RAY DIFFRACTION' 
_refine_hist.cycle_id                         LAST 
_refine_hist.pdbx_number_atoms_protein        0 
_refine_hist.pdbx_number_atoms_nucleic_acid   1466 
_refine_hist.pdbx_number_atoms_ligand         9 
_refine_hist.number_atoms_solvent             7 
_refine_hist.number_atoms_total               1482 
_refine_hist.d_res_high                       2.463 
_refine_hist.d_res_low                        50.140 
# 
loop_
_refine_ls_restr.type 
_refine_ls_restr.dev_ideal 
_refine_ls_restr.dev_ideal_target 
_refine_ls_restr.weight 
_refine_ls_restr.number 
_refine_ls_restr.pdbx_refine_id 
_refine_ls_restr.pdbx_restraint_function 
f_bond_d           0.006  ? ? 1641 'X-RAY DIFFRACTION' ? 
f_angle_d          1.247  ? ? 2560 'X-RAY DIFFRACTION' ? 
f_dihedral_angle_d 14.545 ? ? 813  'X-RAY DIFFRACTION' ? 
f_chiral_restr     0.050  ? ? 340  'X-RAY DIFFRACTION' ? 
f_plane_restr      0.007  ? ? 68   'X-RAY DIFFRACTION' ? 
# 
loop_
_refine_ls_shell.pdbx_refine_id 
_refine_ls_shell.pdbx_total_number_of_bins_used 
_refine_ls_shell.d_res_high 
_refine_ls_shell.d_res_low 
_refine_ls_shell.number_reflns_R_work 
_refine_ls_shell.R_factor_R_work 
_refine_ls_shell.percent_reflns_obs 
_refine_ls_shell.R_factor_R_free 
_refine_ls_shell.R_factor_R_free_error 
_refine_ls_shell.percent_reflns_R_free 
_refine_ls_shell.number_reflns_R_free 
_refine_ls_shell.number_reflns_all 
_refine_ls_shell.R_factor_all 
_refine_ls_shell.redundancy_reflns_obs 
_refine_ls_shell.number_reflns_obs 
'X-RAY DIFFRACTION' . 2.463  2.5422  180  0.4780 13.00  0.6652 . . 24  . . . . 
'X-RAY DIFFRACTION' . 2.5422 2.6331  611  0.4380 40.00  0.4572 . . 63  . . . . 
'X-RAY DIFFRACTION' . 2.6331 2.7385  1344 0.3632 91.00  0.3844 . . 142 . . . . 
'X-RAY DIFFRACTION' . 2.7385 2.8631  1450 0.3357 100.00 0.3826 . . 165 . . . . 
'X-RAY DIFFRACTION' . 2.8631 3.0141  1495 0.3115 100.00 0.3750 . . 165 . . . . 
'X-RAY DIFFRACTION' . 3.0141 3.2029  1478 0.2623 100.00 0.2777 . . 166 . . . . 
'X-RAY DIFFRACTION' . 3.2029 3.4501  1483 0.2303 100.00 0.2881 . . 166 . . . . 
'X-RAY DIFFRACTION' . 3.4501 3.7972  1507 0.2166 100.00 0.2516 . . 159 . . . . 
'X-RAY DIFFRACTION' . 3.7972 4.3464  1481 0.2010 100.00 0.2710 . . 164 . . . . 
'X-RAY DIFFRACTION' . 4.3464 5.4749  1510 0.2051 100.00 0.2577 . . 165 . . . . 
'X-RAY DIFFRACTION' . 5.4749 50.1505 1477 0.2051 99.00  0.2714 . . 163 . . . . 
# 
_struct.entry_id                  4PQV 
_struct.title                     
;Crystal structure of an Xrn1-resistant RNA from the 3' untranslated region of a flavivirus (Murray Valley Encephalitis virus)
;
_struct.pdbx_model_details        ? 
_struct.pdbx_CASP_flag            ? 
_struct.pdbx_model_type_details   ? 
# 
_struct_keywords.entry_id        4PQV 
_struct_keywords.pdbx_keywords   RNA 
_struct_keywords.text            
;flavivirus, 3' untranslated region, sfRNA, pseudoknot, Type C RNA three-way junction, Xrn1 resistant RNA, xrRNA), resists degradation, exonuclease Xrn1, small flaviviral RNA, RNA
;
# 
loop_
_struct_asym.id 
_struct_asym.pdbx_blank_PDB_chainid_flag 
_struct_asym.pdbx_modified 
_struct_asym.entity_id 
_struct_asym.details 
A N N 1 ? 
B N N 2 ? 
C N N 2 ? 
D N N 2 ? 
E N N 2 ? 
F N N 2 ? 
G N N 2 ? 
H N N 2 ? 
I N N 2 ? 
J N N 2 ? 
K N N 3 ? 
# 
_struct_ref.id                         1 
_struct_ref.db_name                    GB 
_struct_ref.db_code                    KC852196.1 
_struct_ref.entity_id                  1 
_struct_ref.pdbx_seq_one_letter_code   GUGUCAGAUCGCGAAAGCGCCACUUCGCCGAGGAGUGCAAUCUGUGAGGCCCCAGGAGGACUGGGU 
_struct_ref.pdbx_align_begin           10594 
_struct_ref.pdbx_db_accession          KC852196.1 
_struct_ref.pdbx_db_isoform            ? 
# 
_struct_ref_seq.align_id                      1 
_struct_ref_seq.ref_id                        1 
_struct_ref_seq.pdbx_PDB_id_code              4PQV 
_struct_ref_seq.pdbx_strand_id                A 
_struct_ref_seq.seq_align_beg                 1 
_struct_ref_seq.pdbx_seq_align_beg_ins_code   ? 
_struct_ref_seq.seq_align_end                 68 
_struct_ref_seq.pdbx_seq_align_end_ins_code   ? 
_struct_ref_seq.pdbx_db_accession             KC852196.1 
_struct_ref_seq.db_align_beg                  10594 
_struct_ref_seq.pdbx_db_align_beg_ins_code    ? 
_struct_ref_seq.db_align_end                  10659 
_struct_ref_seq.pdbx_db_align_end_ins_code    ? 
_struct_ref_seq.pdbx_auth_seq_align_beg       1 
_struct_ref_seq.pdbx_auth_seq_align_end       68 
# 
loop_
_struct_ref_seq_dif.align_id 
_struct_ref_seq_dif.pdbx_pdb_id_code 
_struct_ref_seq_dif.mon_id 
_struct_ref_seq_dif.pdbx_pdb_strand_id 
_struct_ref_seq_dif.seq_num 
_struct_ref_seq_dif.pdbx_pdb_ins_code 
_struct_ref_seq_dif.pdbx_seq_db_name 
_struct_ref_seq_dif.pdbx_seq_db_accession_code 
_struct_ref_seq_dif.db_mon_id 
_struct_ref_seq_dif.pdbx_seq_db_seq_num 
_struct_ref_seq_dif.details 
_struct_ref_seq_dif.pdbx_auth_seq_num 
_struct_ref_seq_dif.pdbx_ordinal 
1 4PQV G A 2  ? GB KC852196.1 U 10595 'engineered mutation' 2  1 
1 4PQV G A 11 ? GB KC852196.1 ? ?     insertion             11 2 
1 4PQV U A 19 ? GB KC852196.1 ? ?     insertion             19 3 
# 
_pdbx_struct_assembly.id                   1 
_pdbx_struct_assembly.details              author_defined_assembly 
_pdbx_struct_assembly.method_details       ? 
_pdbx_struct_assembly.oligomeric_details   monomeric 
_pdbx_struct_assembly.oligomeric_count     1 
# 
_pdbx_struct_assembly_gen.assembly_id       1 
_pdbx_struct_assembly_gen.oper_expression   1 
_pdbx_struct_assembly_gen.asym_id_list      A,B,C,D,E,F,G,H,I,J,K 
# 
_pdbx_struct_oper_list.id                   1 
_pdbx_struct_oper_list.type                 'identity operation' 
_pdbx_struct_oper_list.name                 1_555 
_pdbx_struct_oper_list.symmetry_operation   x,y,z 
_pdbx_struct_oper_list.matrix[1][1]         1.0000000000 
_pdbx_struct_oper_list.matrix[1][2]         0.0000000000 
_pdbx_struct_oper_list.matrix[1][3]         0.0000000000 
_pdbx_struct_oper_list.vector[1]            0.0000000000 
_pdbx_struct_oper_list.matrix[2][1]         0.0000000000 
_pdbx_struct_oper_list.matrix[2][2]         1.0000000000 
_pdbx_struct_oper_list.matrix[2][3]         0.0000000000 
_pdbx_struct_oper_list.vector[2]            0.0000000000 
_pdbx_struct_oper_list.matrix[3][1]         0.0000000000 
_pdbx_struct_oper_list.matrix[3][2]         0.0000000000 
_pdbx_struct_oper_list.matrix[3][3]         1.0000000000 
_pdbx_struct_oper_list.vector[3]            0.0000000000 
# 
_struct_biol.id        1 
_struct_biol.details   ? 
# 
loop_
_struct_conn.id 
_struct_conn.conn_type_id 
_struct_conn.pdbx_leaving_atom_flag 
_struct_conn.pdbx_PDB_id 
_struct_conn.ptnr1_label_asym_id 
_struct_conn.ptnr1_label_comp_id 
_struct_conn.ptnr1_label_seq_id 
_struct_conn.ptnr1_label_atom_id 
_struct_conn.pdbx_ptnr1_label_alt_id 
_struct_conn.pdbx_ptnr1_PDB_ins_code 
_struct_conn.pdbx_ptnr1_standard_comp_id 
_struct_conn.ptnr1_symmetry 
_struct_conn.ptnr2_label_asym_id 
_struct_conn.ptnr2_label_comp_id 
_struct_conn.ptnr2_label_seq_id 
_struct_conn.ptnr2_label_atom_id 
_struct_conn.pdbx_ptnr2_label_alt_id 
_struct_conn.pdbx_ptnr2_PDB_ins_code 
_struct_conn.ptnr1_auth_asym_id 
_struct_conn.ptnr1_auth_comp_id 
_struct_conn.ptnr1_auth_seq_id 
_struct_conn.ptnr2_auth_asym_id 
_struct_conn.ptnr2_auth_comp_id 
_struct_conn.ptnr2_auth_seq_id 
_struct_conn.ptnr2_symmetry 
_struct_conn.pdbx_ptnr3_label_atom_id 
_struct_conn.pdbx_ptnr3_label_seq_id 
_struct_conn.pdbx_ptnr3_label_comp_id 
_struct_conn.pdbx_ptnr3_label_asym_id 
_struct_conn.pdbx_ptnr3_label_alt_id 
_struct_conn.pdbx_ptnr3_PDB_ins_code 
_struct_conn.details 
_struct_conn.pdbx_dist_value 
_struct_conn.pdbx_value_order 
_struct_conn.pdbx_role 
metalc1  metalc ? ? A C  5  OP2 ? ? ? 1_555 C MG  .  MG ? ? A C  5   A MG  102 1_555 ? ? ? ? ? ? ?             2.215 ? ? 
metalc2  metalc ? ? A G  11 O6  ? ? ? 1_555 H MG  .  MG ? ? A G  11  A MG  107 1_555 ? ? ? ? ? ? ?             2.988 ? ? 
metalc3  metalc ? ? A A  16 OP1 ? ? ? 1_555 E MG  .  MG ? ? A A  16  A MG  104 1_555 ? ? ? ? ? ? ?             2.997 ? ? 
metalc4  metalc ? ? A C  23 OP2 ? ? ? 1_555 C MG  .  MG ? ? A C  23  A MG  102 1_555 ? ? ? ? ? ? ?             1.776 ? ? 
metalc5  metalc ? ? A G  67 O6  ? ? ? 1_555 J MG  .  MG ? ? A G  67  A MG  109 1_555 ? ? ? ? ? ? ?             2.233 ? ? 
metalc6  metalc ? ? C MG .  MG  ? ? ? 1_555 K HOH .  O  ? ? A MG 102 A HOH 201 1_555 ? ? ? ? ? ? ?             1.999 ? ? 
metalc7  metalc ? ? C MG .  MG  ? ? ? 1_555 K HOH .  O  ? ? A MG 102 A HOH 202 1_555 ? ? ? ? ? ? ?             2.088 ? ? 
metalc8  metalc ? ? C MG .  MG  ? ? ? 1_555 K HOH .  O  ? ? A MG 102 A HOH 203 1_555 ? ? ? ? ? ? ?             2.182 ? ? 
metalc9  metalc ? ? C MG .  MG  ? ? ? 1_555 K HOH .  O  ? ? A MG 102 A HOH 207 1_555 ? ? ? ? ? ? ?             2.225 ? ? 
metalc10 metalc ? ? E MG .  MG  ? ? ? 1_555 K HOH .  O  ? ? A MG 104 A HOH 204 1_555 ? ? ? ? ? ? ?             2.249 ? ? 
metalc11 metalc ? ? E MG .  MG  ? ? ? 1_555 K HOH .  O  ? ? A MG 104 A HOH 205 1_555 ? ? ? ? ? ? ?             2.354 ? ? 
metalc12 metalc ? ? E MG .  MG  ? ? ? 1_555 K HOH .  O  ? ? A MG 104 A HOH 206 1_555 ? ? ? ? ? ? ?             2.769 ? ? 
hydrog1  hydrog ? ? A G  3  N1  ? ? ? 1_555 A C   40 N3 ? ? A G  3   A C   40  1_555 ? ? ? ? ? ? WATSON-CRICK  ?     ? ? 
hydrog2  hydrog ? ? A G  3  N2  ? ? ? 1_555 A C   40 O2 ? ? A G  3   A C   40  1_555 ? ? ? ? ? ? WATSON-CRICK  ?     ? ? 
hydrog3  hydrog ? ? A G  3  O6  ? ? ? 1_555 A C   40 N4 ? ? A G  3   A C   40  1_555 ? ? ? ? ? ? WATSON-CRICK  ?     ? ? 
hydrog4  hydrog ? ? A U  4  N3  ? ? ? 1_555 A A   24 N7 ? ? A U  4   A A   24  1_555 ? ? ? ? ? ? HOOGSTEEN     ?     ? ? 
hydrog5  hydrog ? ? A U  4  O4  ? ? ? 1_555 A A   24 N6 ? ? A U  4   A A   24  1_555 ? ? ? ? ? ? HOOGSTEEN     ?     ? ? 
hydrog6  hydrog ? ? A C  5  N3  ? ? ? 1_555 A G   46 N1 ? ? A C  5   A G   46  1_555 ? ? ? ? ? ? WATSON-CRICK  ?     ? ? 
hydrog7  hydrog ? ? A C  5  N4  ? ? ? 1_555 A G   46 O6 ? ? A C  5   A G   46  1_555 ? ? ? ? ? ? WATSON-CRICK  ?     ? ? 
hydrog8  hydrog ? ? A C  5  O2  ? ? ? 1_555 A G   46 N2 ? ? A C  5   A G   46  1_555 ? ? ? ? ? ? WATSON-CRICK  ?     ? ? 
hydrog9  hydrog ? ? A A  6  N1  ? ? ? 1_555 A U   45 N3 ? ? A A  6   A U   45  1_555 ? ? ? ? ? ? WATSON-CRICK  ?     ? ? 
hydrog10 hydrog ? ? A A  6  N6  ? ? ? 1_555 A U   45 O4 ? ? A A  6   A U   45  1_555 ? ? ? ? ? ? WATSON-CRICK  ?     ? ? 
hydrog11 hydrog ? ? A G  7  N1  ? ? ? 1_555 A C   44 N3 ? ? A G  7   A C   44  1_555 ? ? ? ? ? ? WATSON-CRICK  ?     ? ? 
hydrog12 hydrog ? ? A G  7  N2  ? ? ? 1_555 A C   44 O2 ? ? A G  7   A C   44  1_555 ? ? ? ? ? ? WATSON-CRICK  ?     ? ? 
hydrog13 hydrog ? ? A G  7  O6  ? ? ? 1_555 A C   44 N4 ? ? A G  7   A C   44  1_555 ? ? ? ? ? ? WATSON-CRICK  ?     ? ? 
hydrog14 hydrog ? ? A A  8  N1  ? ? ? 1_555 A U   43 N3 ? ? A A  8   A U   43  1_555 ? ? ? ? ? ? WATSON-CRICK  ?     ? ? 
hydrog15 hydrog ? ? A A  8  N6  ? ? ? 1_555 A U   43 O4 ? ? A A  8   A U   43  1_555 ? ? ? ? ? ? WATSON-CRICK  ?     ? ? 
hydrog16 hydrog ? ? A U  9  N3  ? ? ? 1_555 A A   42 N1 ? ? A U  9   A A   42  1_555 ? ? ? ? ? ? WATSON-CRICK  ?     ? ? 
hydrog17 hydrog ? ? A U  9  O4  ? ? ? 1_555 A A   42 N6 ? ? A U  9   A A   42  1_555 ? ? ? ? ? ? WATSON-CRICK  ?     ? ? 
hydrog18 hydrog ? ? A C  10 N3  ? ? ? 1_555 A G   21 N1 ? ? A C  10  A G   21  1_555 ? ? ? ? ? ? WATSON-CRICK  ?     ? ? 
hydrog19 hydrog ? ? A C  10 N4  ? ? ? 1_555 A G   21 O6 ? ? A C  10  A G   21  1_555 ? ? ? ? ? ? WATSON-CRICK  ?     ? ? 
hydrog20 hydrog ? ? A C  10 O2  ? ? ? 1_555 A G   21 N2 ? ? A C  10  A G   21  1_555 ? ? ? ? ? ? WATSON-CRICK  ?     ? ? 
hydrog21 hydrog ? ? A G  11 N1  ? ? ? 1_555 A C   20 N3 ? ? A G  11  A C   20  1_555 ? ? ? ? ? ? 'G-C PAIR'    ?     ? ? 
hydrog22 hydrog ? ? A G  12 N1  ? ? ? 1_555 A U   19 O2 ? ? A G  12  A U   19  1_555 ? ? ? ? ? ? TYPE_28_PAIR  ?     ? ? 
hydrog23 hydrog ? ? A G  12 O6  ? ? ? 1_555 A U   19 N3 ? ? A G  12  A U   19  1_555 ? ? ? ? ? ? TYPE_28_PAIR  ?     ? ? 
hydrog24 hydrog ? ? A C  13 N3  ? ? ? 1_555 A G   18 N1 ? ? A C  13  A G   18  1_555 ? ? ? ? ? ? WATSON-CRICK  ?     ? ? 
hydrog25 hydrog ? ? A C  13 N4  ? ? ? 1_555 A G   18 O6 ? ? A C  13  A G   18  1_555 ? ? ? ? ? ? WATSON-CRICK  ?     ? ? 
hydrog26 hydrog ? ? A C  13 O2  ? ? ? 1_555 A G   18 N2 ? ? A C  13  A G   18  1_555 ? ? ? ? ? ? WATSON-CRICK  ?     ? ? 
hydrog27 hydrog ? ? A G  14 N2  ? ? ? 1_555 A A   17 N7 ? ? A G  14  A A   17  1_555 ? ? ? ? ? ? 'G-A MISPAIR' ?     ? ? 
hydrog28 hydrog ? ? A C  23 N3  ? ? ? 1_555 A G   39 N1 ? ? A C  23  A G   39  1_555 ? ? ? ? ? ? WATSON-CRICK  ?     ? ? 
hydrog29 hydrog ? ? A C  23 N4  ? ? ? 1_555 A G   39 O6 ? ? A C  23  A G   39  1_555 ? ? ? ? ? ? WATSON-CRICK  ?     ? ? 
hydrog30 hydrog ? ? A C  23 O2  ? ? ? 1_555 A G   39 N2 ? ? A C  23  A G   39  1_555 ? ? ? ? ? ? WATSON-CRICK  ?     ? ? 
hydrog31 hydrog ? ? A C  25 N3  ? ? ? 1_555 A G   37 N1 ? ? A C  25  A G   37  1_555 ? ? ? ? ? ? WATSON-CRICK  ?     ? ? 
hydrog32 hydrog ? ? A C  25 N4  ? ? ? 1_555 A G   37 O6 ? ? A C  25  A G   37  1_555 ? ? ? ? ? ? WATSON-CRICK  ?     ? ? 
hydrog33 hydrog ? ? A C  25 O2  ? ? ? 1_555 A G   37 N2 ? ? A C  25  A G   37  1_555 ? ? ? ? ? ? WATSON-CRICK  ?     ? ? 
hydrog34 hydrog ? ? A U  26 N3  ? ? ? 1_555 A A   36 N1 ? ? A U  26  A A   36  1_555 ? ? ? ? ? ? WATSON-CRICK  ?     ? ? 
hydrog35 hydrog ? ? A U  26 O4  ? ? ? 1_555 A A   36 N6 ? ? A U  26  A A   36  1_555 ? ? ? ? ? ? WATSON-CRICK  ?     ? ? 
hydrog36 hydrog ? ? A U  27 N3  ? ? ? 1_555 A G   35 O6 ? ? A U  27  A G   35  1_555 ? ? ? ? ? ? TYPE_28_PAIR  ?     ? ? 
hydrog37 hydrog ? ? A U  27 O2  ? ? ? 1_555 A G   35 N1 ? ? A U  27  A G   35  1_555 ? ? ? ? ? ? TYPE_28_PAIR  ?     ? ? 
hydrog38 hydrog ? ? A C  28 N3  ? ? ? 1_555 A G   34 N1 ? ? A C  28  A G   34  1_555 ? ? ? ? ? ? WATSON-CRICK  ?     ? ? 
hydrog39 hydrog ? ? A C  28 N4  ? ? ? 1_555 A G   34 O6 ? ? A C  28  A G   34  1_555 ? ? ? ? ? ? WATSON-CRICK  ?     ? ? 
hydrog40 hydrog ? ? A C  28 O2  ? ? ? 1_555 A G   34 N2 ? ? A C  28  A G   34  1_555 ? ? ? ? ? ? WATSON-CRICK  ?     ? ? 
hydrog41 hydrog ? ? A U  47 N3  ? ? ? 1_555 A A   49 N7 ? ? A U  47  A A   49  1_555 ? ? ? ? ? ? HOOGSTEEN     ?     ? ? 
hydrog42 hydrog ? ? A U  47 O4  ? ? ? 1_555 A A   49 N6 ? ? A U  47  A A   49  1_555 ? ? ? ? ? ? HOOGSTEEN     ?     ? ? 
hydrog43 hydrog ? ? A C  53 N3  ? ? ? 1_555 A G   67 N1 ? ? A C  53  A G   67  1_555 ? ? ? ? ? ? WATSON-CRICK  ?     ? ? 
hydrog44 hydrog ? ? A C  53 N4  ? ? ? 1_555 A G   67 O6 ? ? A C  53  A G   67  1_555 ? ? ? ? ? ? WATSON-CRICK  ?     ? ? 
hydrog45 hydrog ? ? A C  53 O2  ? ? ? 1_555 A G   67 N2 ? ? A C  53  A G   67  1_555 ? ? ? ? ? ? WATSON-CRICK  ?     ? ? 
hydrog46 hydrog ? ? A C  54 N3  ? ? ? 1_555 A G   66 N1 ? ? A C  54  A G   66  1_555 ? ? ? ? ? ? WATSON-CRICK  ?     ? ? 
hydrog47 hydrog ? ? A C  54 N4  ? ? ? 1_555 A G   66 O6 ? ? A C  54  A G   66  1_555 ? ? ? ? ? ? WATSON-CRICK  ?     ? ? 
hydrog48 hydrog ? ? A C  54 O2  ? ? ? 1_555 A G   66 N2 ? ? A C  54  A G   66  1_555 ? ? ? ? ? ? WATSON-CRICK  ?     ? ? 
hydrog49 hydrog ? ? A C  55 N3  ? ? ? 1_555 A G   65 N1 ? ? A C  55  A G   65  1_555 ? ? ? ? ? ? WATSON-CRICK  ?     ? ? 
hydrog50 hydrog ? ? A C  55 N4  ? ? ? 1_555 A G   65 O6 ? ? A C  55  A G   65  1_555 ? ? ? ? ? ? WATSON-CRICK  ?     ? ? 
hydrog51 hydrog ? ? A C  55 O2  ? ? ? 1_555 A G   65 N2 ? ? A C  55  A G   65  1_555 ? ? ? ? ? ? WATSON-CRICK  ?     ? ? 
hydrog52 hydrog ? ? A A  56 N1  ? ? ? 1_555 A U   64 N3 ? ? A A  56  A U   64  1_555 ? ? ? ? ? ? WATSON-CRICK  ?     ? ? 
hydrog53 hydrog ? ? A A  56 N6  ? ? ? 1_555 A U   64 O4 ? ? A A  56  A U   64  1_555 ? ? ? ? ? ? WATSON-CRICK  ?     ? ? 
hydrog54 hydrog ? ? A G  57 N1  ? ? ? 1_555 A C   63 N3 ? ? A G  57  A C   63  1_555 ? ? ? ? ? ? WATSON-CRICK  ?     ? ? 
hydrog55 hydrog ? ? A G  57 N2  ? ? ? 1_555 A C   63 O2 ? ? A G  57  A C   63  1_555 ? ? ? ? ? ? WATSON-CRICK  ?     ? ? 
hydrog56 hydrog ? ? A G  57 O6  ? ? ? 1_555 A C   63 N4 ? ? A G  57  A C   63  1_555 ? ? ? ? ? ? WATSON-CRICK  ?     ? ? 
hydrog57 hydrog ? ? A G  58 N2  ? ? ? 1_555 A A   62 N7 ? ? A G  58  A A   62  1_555 ? ? ? ? ? ? TYPE_11_PAIR  ?     ? ? 
hydrog58 hydrog ? ? A G  58 N3  ? ? ? 1_555 A A   62 N6 ? ? A G  58  A A   62  1_555 ? ? ? ? ? ? TYPE_11_PAIR  ?     ? ? 
hydrog59 hydrog ? ? A G  66 N2  ? ? ? 1_555 A U   68 O4 ? ? A G  66  A U   68  1_555 ? ? ? ? ? ? 'G-U MISPAIR' ?     ? ? 
# 
loop_
_struct_conn_type.id 
_struct_conn_type.criteria 
_struct_conn_type.reference 
metalc ? ? 
hydrog ? ? 
# 
loop_
_pdbx_struct_conn_angle.id 
_pdbx_struct_conn_angle.ptnr1_label_atom_id 
_pdbx_struct_conn_angle.ptnr1_label_alt_id 
_pdbx_struct_conn_angle.ptnr1_label_asym_id 
_pdbx_struct_conn_angle.ptnr1_label_comp_id 
_pdbx_struct_conn_angle.ptnr1_label_seq_id 
_pdbx_struct_conn_angle.ptnr1_auth_atom_id 
_pdbx_struct_conn_angle.ptnr1_auth_asym_id 
_pdbx_struct_conn_angle.ptnr1_auth_comp_id 
_pdbx_struct_conn_angle.ptnr1_auth_seq_id 
_pdbx_struct_conn_angle.ptnr1_PDB_ins_code 
_pdbx_struct_conn_angle.ptnr1_symmetry 
_pdbx_struct_conn_angle.ptnr2_label_atom_id 
_pdbx_struct_conn_angle.ptnr2_label_alt_id 
_pdbx_struct_conn_angle.ptnr2_label_asym_id 
_pdbx_struct_conn_angle.ptnr2_label_comp_id 
_pdbx_struct_conn_angle.ptnr2_label_seq_id 
_pdbx_struct_conn_angle.ptnr2_auth_atom_id 
_pdbx_struct_conn_angle.ptnr2_auth_asym_id 
_pdbx_struct_conn_angle.ptnr2_auth_comp_id 
_pdbx_struct_conn_angle.ptnr2_auth_seq_id 
_pdbx_struct_conn_angle.ptnr2_PDB_ins_code 
_pdbx_struct_conn_angle.ptnr2_symmetry 
_pdbx_struct_conn_angle.ptnr3_label_atom_id 
_pdbx_struct_conn_angle.ptnr3_label_alt_id 
_pdbx_struct_conn_angle.ptnr3_label_asym_id 
_pdbx_struct_conn_angle.ptnr3_label_comp_id 
_pdbx_struct_conn_angle.ptnr3_label_seq_id 
_pdbx_struct_conn_angle.ptnr3_auth_atom_id 
_pdbx_struct_conn_angle.ptnr3_auth_asym_id 
_pdbx_struct_conn_angle.ptnr3_auth_comp_id 
_pdbx_struct_conn_angle.ptnr3_auth_seq_id 
_pdbx_struct_conn_angle.ptnr3_PDB_ins_code 
_pdbx_struct_conn_angle.ptnr3_symmetry 
_pdbx_struct_conn_angle.value 
_pdbx_struct_conn_angle.value_esd 
1  OP2 ? A C   5  ? A C   5   ? 1_555 MG ? C MG . ? A MG 102 ? 1_555 OP2 ? A C   23 ? A C   23  ? 1_555 92.8  ? 
2  OP2 ? A C   5  ? A C   5   ? 1_555 MG ? C MG . ? A MG 102 ? 1_555 O   ? K HOH .  ? A HOH 201 ? 1_555 87.8  ? 
3  OP2 ? A C   23 ? A C   23  ? 1_555 MG ? C MG . ? A MG 102 ? 1_555 O   ? K HOH .  ? A HOH 201 ? 1_555 135.0 ? 
4  OP2 ? A C   5  ? A C   5   ? 1_555 MG ? C MG . ? A MG 102 ? 1_555 O   ? K HOH .  ? A HOH 202 ? 1_555 154.9 ? 
5  OP2 ? A C   23 ? A C   23  ? 1_555 MG ? C MG . ? A MG 102 ? 1_555 O   ? K HOH .  ? A HOH 202 ? 1_555 90.0  ? 
6  O   ? K HOH .  ? A HOH 201 ? 1_555 MG ? C MG . ? A MG 102 ? 1_555 O   ? K HOH .  ? A HOH 202 ? 1_555 107.5 ? 
7  OP2 ? A C   5  ? A C   5   ? 1_555 MG ? C MG . ? A MG 102 ? 1_555 O   ? K HOH .  ? A HOH 203 ? 1_555 78.5  ? 
8  OP2 ? A C   23 ? A C   23  ? 1_555 MG ? C MG . ? A MG 102 ? 1_555 O   ? K HOH .  ? A HOH 203 ? 1_555 155.7 ? 
9  O   ? K HOH .  ? A HOH 201 ? 1_555 MG ? C MG . ? A MG 102 ? 1_555 O   ? K HOH .  ? A HOH 203 ? 1_555 67.9  ? 
10 O   ? K HOH .  ? A HOH 202 ? 1_555 MG ? C MG . ? A MG 102 ? 1_555 O   ? K HOH .  ? A HOH 203 ? 1_555 88.8  ? 
11 OP2 ? A C   5  ? A C   5   ? 1_555 MG ? C MG . ? A MG 102 ? 1_555 O   ? K HOH .  ? A HOH 207 ? 1_555 64.1  ? 
12 OP2 ? A C   23 ? A C   23  ? 1_555 MG ? C MG . ? A MG 102 ? 1_555 O   ? K HOH .  ? A HOH 207 ? 1_555 92.8  ? 
13 O   ? K HOH .  ? A HOH 201 ? 1_555 MG ? C MG . ? A MG 102 ? 1_555 O   ? K HOH .  ? A HOH 207 ? 1_555 126.8 ? 
14 O   ? K HOH .  ? A HOH 202 ? 1_555 MG ? C MG . ? A MG 102 ? 1_555 O   ? K HOH .  ? A HOH 207 ? 1_555 90.9  ? 
15 O   ? K HOH .  ? A HOH 203 ? 1_555 MG ? C MG . ? A MG 102 ? 1_555 O   ? K HOH .  ? A HOH 207 ? 1_555 63.0  ? 
16 OP1 ? A A   16 ? A A   16  ? 1_555 MG ? E MG . ? A MG 104 ? 1_555 O   ? K HOH .  ? A HOH 204 ? 1_555 165.5 ? 
17 OP1 ? A A   16 ? A A   16  ? 1_555 MG ? E MG . ? A MG 104 ? 1_555 O   ? K HOH .  ? A HOH 205 ? 1_555 117.5 ? 
18 O   ? K HOH .  ? A HOH 204 ? 1_555 MG ? E MG . ? A MG 104 ? 1_555 O   ? K HOH .  ? A HOH 205 ? 1_555 75.7  ? 
19 OP1 ? A A   16 ? A A   16  ? 1_555 MG ? E MG . ? A MG 104 ? 1_555 O   ? K HOH .  ? A HOH 206 ? 1_555 142.4 ? 
20 O   ? K HOH .  ? A HOH 204 ? 1_555 MG ? E MG . ? A MG 104 ? 1_555 O   ? K HOH .  ? A HOH 206 ? 1_555 50.6  ? 
21 O   ? K HOH .  ? A HOH 205 ? 1_555 MG ? E MG . ? A MG 104 ? 1_555 O   ? K HOH .  ? A HOH 206 ? 1_555 48.7  ? 
# 
loop_
_struct_site.id 
_struct_site.pdbx_evidence_code 
_struct_site.pdbx_auth_asym_id 
_struct_site.pdbx_auth_comp_id 
_struct_site.pdbx_auth_seq_id 
_struct_site.pdbx_auth_ins_code 
_struct_site.pdbx_num_residues 
_struct_site.details 
AC1 Software A MG 102 ? 6 'BINDING SITE FOR RESIDUE MG A 102' 
AC2 Software A MG 103 ? 1 'BINDING SITE FOR RESIDUE MG A 103' 
AC3 Software A MG 104 ? 6 'BINDING SITE FOR RESIDUE MG A 104' 
AC4 Software A MG 105 ? 1 'BINDING SITE FOR RESIDUE MG A 105' 
AC5 Software A MG 107 ? 1 'BINDING SITE FOR RESIDUE MG A 107' 
AC6 Software A MG 108 ? 1 'BINDING SITE FOR RESIDUE MG A 108' 
AC7 Software A MG 109 ? 2 'BINDING SITE FOR RESIDUE MG A 109' 
# 
loop_
_struct_site_gen.id 
_struct_site_gen.site_id 
_struct_site_gen.pdbx_num_res 
_struct_site_gen.label_comp_id 
_struct_site_gen.label_asym_id 
_struct_site_gen.label_seq_id 
_struct_site_gen.pdbx_auth_ins_code 
_struct_site_gen.auth_comp_id 
_struct_site_gen.auth_asym_id 
_struct_site_gen.auth_seq_id 
_struct_site_gen.label_atom_id 
_struct_site_gen.label_alt_id 
_struct_site_gen.symmetry 
_struct_site_gen.details 
1  AC1 6 C   A 5  ? C   A 5   . ? 1_555 ? 
2  AC1 6 C   A 23 ? C   A 23  . ? 1_555 ? 
3  AC1 6 HOH K .  ? HOH A 201 . ? 1_555 ? 
4  AC1 6 HOH K .  ? HOH A 202 . ? 1_555 ? 
5  AC1 6 HOH K .  ? HOH A 203 . ? 1_555 ? 
6  AC1 6 HOH K .  ? HOH A 207 . ? 1_555 ? 
7  AC2 1 G   A 51 ? G   A 51  . ? 1_555 ? 
8  AC3 6 G   A 14 ? G   A 14  . ? 1_555 ? 
9  AC3 6 A   A 16 ? A   A 16  . ? 1_555 ? 
10 AC3 6 G   A 58 ? G   A 58  . ? 5_565 ? 
11 AC3 6 HOH K .  ? HOH A 204 . ? 1_555 ? 
12 AC3 6 HOH K .  ? HOH A 205 . ? 1_555 ? 
13 AC3 6 HOH K .  ? HOH A 206 . ? 1_555 ? 
14 AC4 1 G   A 58 ? G   A 58  . ? 1_555 ? 
15 AC5 1 G   A 11 ? G   A 11  . ? 1_555 ? 
16 AC6 1 A   A 59 ? A   A 59  . ? 5_565 ? 
17 AC7 2 G   A 66 ? G   A 66  . ? 1_555 ? 
18 AC7 2 G   A 67 ? G   A 67  . ? 1_555 ? 
# 
loop_
_pdbx_validate_close_contact.id 
_pdbx_validate_close_contact.PDB_model_num 
_pdbx_validate_close_contact.auth_atom_id_1 
_pdbx_validate_close_contact.auth_asym_id_1 
_pdbx_validate_close_contact.auth_comp_id_1 
_pdbx_validate_close_contact.auth_seq_id_1 
_pdbx_validate_close_contact.PDB_ins_code_1 
_pdbx_validate_close_contact.label_alt_id_1 
_pdbx_validate_close_contact.auth_atom_id_2 
_pdbx_validate_close_contact.auth_asym_id_2 
_pdbx_validate_close_contact.auth_comp_id_2 
_pdbx_validate_close_contact.auth_seq_id_2 
_pdbx_validate_close_contact.PDB_ins_code_2 
_pdbx_validate_close_contact.label_alt_id_2 
_pdbx_validate_close_contact.dist 
1 1 O A HOH 205 ? ? O A HOH 206 ? ? 2.14 
2 1 O A HOH 204 ? ? O A HOH 206 ? ? 2.19 
# 
loop_
_pdbx_validate_rmsd_angle.id 
_pdbx_validate_rmsd_angle.PDB_model_num 
_pdbx_validate_rmsd_angle.auth_atom_id_1 
_pdbx_validate_rmsd_angle.auth_asym_id_1 
_pdbx_validate_rmsd_angle.auth_comp_id_1 
_pdbx_validate_rmsd_angle.auth_seq_id_1 
_pdbx_validate_rmsd_angle.PDB_ins_code_1 
_pdbx_validate_rmsd_angle.label_alt_id_1 
_pdbx_validate_rmsd_angle.auth_atom_id_2 
_pdbx_validate_rmsd_angle.auth_asym_id_2 
_pdbx_validate_rmsd_angle.auth_comp_id_2 
_pdbx_validate_rmsd_angle.auth_seq_id_2 
_pdbx_validate_rmsd_angle.PDB_ins_code_2 
_pdbx_validate_rmsd_angle.label_alt_id_2 
_pdbx_validate_rmsd_angle.auth_atom_id_3 
_pdbx_validate_rmsd_angle.auth_asym_id_3 
_pdbx_validate_rmsd_angle.auth_comp_id_3 
_pdbx_validate_rmsd_angle.auth_seq_id_3 
_pdbx_validate_rmsd_angle.PDB_ins_code_3 
_pdbx_validate_rmsd_angle.label_alt_id_3 
_pdbx_validate_rmsd_angle.angle_value 
_pdbx_validate_rmsd_angle.angle_target_value 
_pdbx_validate_rmsd_angle.angle_deviation 
_pdbx_validate_rmsd_angle.angle_standard_deviation 
_pdbx_validate_rmsd_angle.linker_flag 
1  1 "O4'" A G 21 ? ? "C1'" A G 21 ? ? N9 A G 21 ? ? 112.80 108.50 4.30  0.70 N 
2  1 C6    A C 31 ? ? N1    A C 31 ? ? C2 A C 31 ? ? 117.83 120.30 -2.47 0.40 N 
3  1 N1    A G 32 ? ? C2    A G 32 ? ? N3 A G 32 ? ? 128.51 123.90 4.61  0.60 N 
4  1 C2    A G 32 ? ? N3    A G 32 ? ? C4 A G 32 ? ? 107.80 111.90 -4.10 0.50 N 
5  1 C6    A G 32 ? ? C5    A G 32 ? ? N7 A G 32 ? ? 126.28 130.40 -4.12 0.60 N 
6  1 N1    A G 32 ? ? C2    A G 32 ? ? N2 A G 32 ? ? 108.18 116.20 -8.02 0.90 N 
7  1 C5    A G 48 ? ? N7    A G 48 ? ? C8 A G 48 ? ? 100.68 104.30 -3.62 0.50 N 
8  1 N7    A G 48 ? ? C8    A G 48 ? ? N9 A G 48 ? ? 117.33 113.10 4.23  0.50 N 
9  1 C8    A G 48 ? ? N9    A G 48 ? ? C4 A G 48 ? ? 101.92 106.40 -4.48 0.40 N 
10 1 N9    A G 48 ? ? C4    A G 48 ? ? C5 A G 48 ? ? 107.96 105.40 2.56  0.40 N 
# 
loop_
_chem_comp_atom.comp_id 
_chem_comp_atom.atom_id 
_chem_comp_atom.type_symbol 
_chem_comp_atom.pdbx_aromatic_flag 
_chem_comp_atom.pdbx_stereo_config 
_chem_comp_atom.pdbx_ordinal 
A   OP3    O  N N 1   
A   P      P  N N 2   
A   OP1    O  N N 3   
A   OP2    O  N N 4   
A   "O5'"  O  N N 5   
A   "C5'"  C  N N 6   
A   "C4'"  C  N R 7   
A   "O4'"  O  N N 8   
A   "C3'"  C  N S 9   
A   "O3'"  O  N N 10  
A   "C2'"  C  N R 11  
A   "O2'"  O  N N 12  
A   "C1'"  C  N R 13  
A   N9     N  Y N 14  
A   C8     C  Y N 15  
A   N7     N  Y N 16  
A   C5     C  Y N 17  
A   C6     C  Y N 18  
A   N6     N  N N 19  
A   N1     N  Y N 20  
A   C2     C  Y N 21  
A   N3     N  Y N 22  
A   C4     C  Y N 23  
A   HOP3   H  N N 24  
A   HOP2   H  N N 25  
A   "H5'"  H  N N 26  
A   "H5''" H  N N 27  
A   "H4'"  H  N N 28  
A   "H3'"  H  N N 29  
A   "HO3'" H  N N 30  
A   "H2'"  H  N N 31  
A   "HO2'" H  N N 32  
A   "H1'"  H  N N 33  
A   H8     H  N N 34  
A   H61    H  N N 35  
A   H62    H  N N 36  
A   H2     H  N N 37  
C   OP3    O  N N 38  
C   P      P  N N 39  
C   OP1    O  N N 40  
C   OP2    O  N N 41  
C   "O5'"  O  N N 42  
C   "C5'"  C  N N 43  
C   "C4'"  C  N R 44  
C   "O4'"  O  N N 45  
C   "C3'"  C  N S 46  
C   "O3'"  O  N N 47  
C   "C2'"  C  N R 48  
C   "O2'"  O  N N 49  
C   "C1'"  C  N R 50  
C   N1     N  N N 51  
C   C2     C  N N 52  
C   O2     O  N N 53  
C   N3     N  N N 54  
C   C4     C  N N 55  
C   N4     N  N N 56  
C   C5     C  N N 57  
C   C6     C  N N 58  
C   HOP3   H  N N 59  
C   HOP2   H  N N 60  
C   "H5'"  H  N N 61  
C   "H5''" H  N N 62  
C   "H4'"  H  N N 63  
C   "H3'"  H  N N 64  
C   "HO3'" H  N N 65  
C   "H2'"  H  N N 66  
C   "HO2'" H  N N 67  
C   "H1'"  H  N N 68  
C   H41    H  N N 69  
C   H42    H  N N 70  
C   H5     H  N N 71  
C   H6     H  N N 72  
G   OP3    O  N N 73  
G   P      P  N N 74  
G   OP1    O  N N 75  
G   OP2    O  N N 76  
G   "O5'"  O  N N 77  
G   "C5'"  C  N N 78  
G   "C4'"  C  N R 79  
G   "O4'"  O  N N 80  
G   "C3'"  C  N S 81  
G   "O3'"  O  N N 82  
G   "C2'"  C  N R 83  
G   "O2'"  O  N N 84  
G   "C1'"  C  N R 85  
G   N9     N  Y N 86  
G   C8     C  Y N 87  
G   N7     N  Y N 88  
G   C5     C  Y N 89  
G   C6     C  N N 90  
G   O6     O  N N 91  
G   N1     N  N N 92  
G   C2     C  N N 93  
G   N2     N  N N 94  
G   N3     N  N N 95  
G   C4     C  Y N 96  
G   HOP3   H  N N 97  
G   HOP2   H  N N 98  
G   "H5'"  H  N N 99  
G   "H5''" H  N N 100 
G   "H4'"  H  N N 101 
G   "H3'"  H  N N 102 
G   "HO3'" H  N N 103 
G   "H2'"  H  N N 104 
G   "HO2'" H  N N 105 
G   "H1'"  H  N N 106 
G   H8     H  N N 107 
G   H1     H  N N 108 
G   H21    H  N N 109 
G   H22    H  N N 110 
HOH O      O  N N 111 
HOH H1     H  N N 112 
HOH H2     H  N N 113 
MG  MG     MG N N 114 
U   OP3    O  N N 115 
U   P      P  N N 116 
U   OP1    O  N N 117 
U   OP2    O  N N 118 
U   "O5'"  O  N N 119 
U   "C5'"  C  N N 120 
U   "C4'"  C  N R 121 
U   "O4'"  O  N N 122 
U   "C3'"  C  N S 123 
U   "O3'"  O  N N 124 
U   "C2'"  C  N R 125 
U   "O2'"  O  N N 126 
U   "C1'"  C  N R 127 
U   N1     N  N N 128 
U   C2     C  N N 129 
U   O2     O  N N 130 
U   N3     N  N N 131 
U   C4     C  N N 132 
U   O4     O  N N 133 
U   C5     C  N N 134 
U   C6     C  N N 135 
U   HOP3   H  N N 136 
U   HOP2   H  N N 137 
U   "H5'"  H  N N 138 
U   "H5''" H  N N 139 
U   "H4'"  H  N N 140 
U   "H3'"  H  N N 141 
U   "HO3'" H  N N 142 
U   "H2'"  H  N N 143 
U   "HO2'" H  N N 144 
U   "H1'"  H  N N 145 
U   H3     H  N N 146 
U   H5     H  N N 147 
U   H6     H  N N 148 
# 
loop_
_chem_comp_bond.comp_id 
_chem_comp_bond.atom_id_1 
_chem_comp_bond.atom_id_2 
_chem_comp_bond.value_order 
_chem_comp_bond.pdbx_aromatic_flag 
_chem_comp_bond.pdbx_stereo_config 
_chem_comp_bond.pdbx_ordinal 
A   OP3   P      sing N N 1   
A   OP3   HOP3   sing N N 2   
A   P     OP1    doub N N 3   
A   P     OP2    sing N N 4   
A   P     "O5'"  sing N N 5   
A   OP2   HOP2   sing N N 6   
A   "O5'" "C5'"  sing N N 7   
A   "C5'" "C4'"  sing N N 8   
A   "C5'" "H5'"  sing N N 9   
A   "C5'" "H5''" sing N N 10  
A   "C4'" "O4'"  sing N N 11  
A   "C4'" "C3'"  sing N N 12  
A   "C4'" "H4'"  sing N N 13  
A   "O4'" "C1'"  sing N N 14  
A   "C3'" "O3'"  sing N N 15  
A   "C3'" "C2'"  sing N N 16  
A   "C3'" "H3'"  sing N N 17  
A   "O3'" "HO3'" sing N N 18  
A   "C2'" "O2'"  sing N N 19  
A   "C2'" "C1'"  sing N N 20  
A   "C2'" "H2'"  sing N N 21  
A   "O2'" "HO2'" sing N N 22  
A   "C1'" N9     sing N N 23  
A   "C1'" "H1'"  sing N N 24  
A   N9    C8     sing Y N 25  
A   N9    C4     sing Y N 26  
A   C8    N7     doub Y N 27  
A   C8    H8     sing N N 28  
A   N7    C5     sing Y N 29  
A   C5    C6     sing Y N 30  
A   C5    C4     doub Y N 31  
A   C6    N6     sing N N 32  
A   C6    N1     doub Y N 33  
A   N6    H61    sing N N 34  
A   N6    H62    sing N N 35  
A   N1    C2     sing Y N 36  
A   C2    N3     doub Y N 37  
A   C2    H2     sing N N 38  
A   N3    C4     sing Y N 39  
C   OP3   P      sing N N 40  
C   OP3   HOP3   sing N N 41  
C   P     OP1    doub N N 42  
C   P     OP2    sing N N 43  
C   P     "O5'"  sing N N 44  
C   OP2   HOP2   sing N N 45  
C   "O5'" "C5'"  sing N N 46  
C   "C5'" "C4'"  sing N N 47  
C   "C5'" "H5'"  sing N N 48  
C   "C5'" "H5''" sing N N 49  
C   "C4'" "O4'"  sing N N 50  
C   "C4'" "C3'"  sing N N 51  
C   "C4'" "H4'"  sing N N 52  
C   "O4'" "C1'"  sing N N 53  
C   "C3'" "O3'"  sing N N 54  
C   "C3'" "C2'"  sing N N 55  
C   "C3'" "H3'"  sing N N 56  
C   "O3'" "HO3'" sing N N 57  
C   "C2'" "O2'"  sing N N 58  
C   "C2'" "C1'"  sing N N 59  
C   "C2'" "H2'"  sing N N 60  
C   "O2'" "HO2'" sing N N 61  
C   "C1'" N1     sing N N 62  
C   "C1'" "H1'"  sing N N 63  
C   N1    C2     sing N N 64  
C   N1    C6     sing N N 65  
C   C2    O2     doub N N 66  
C   C2    N3     sing N N 67  
C   N3    C4     doub N N 68  
C   C4    N4     sing N N 69  
C   C4    C5     sing N N 70  
C   N4    H41    sing N N 71  
C   N4    H42    sing N N 72  
C   C5    C6     doub N N 73  
C   C5    H5     sing N N 74  
C   C6    H6     sing N N 75  
G   OP3   P      sing N N 76  
G   OP3   HOP3   sing N N 77  
G   P     OP1    doub N N 78  
G   P     OP2    sing N N 79  
G   P     "O5'"  sing N N 80  
G   OP2   HOP2   sing N N 81  
G   "O5'" "C5'"  sing N N 82  
G   "C5'" "C4'"  sing N N 83  
G   "C5'" "H5'"  sing N N 84  
G   "C5'" "H5''" sing N N 85  
G   "C4'" "O4'"  sing N N 86  
G   "C4'" "C3'"  sing N N 87  
G   "C4'" "H4'"  sing N N 88  
G   "O4'" "C1'"  sing N N 89  
G   "C3'" "O3'"  sing N N 90  
G   "C3'" "C2'"  sing N N 91  
G   "C3'" "H3'"  sing N N 92  
G   "O3'" "HO3'" sing N N 93  
G   "C2'" "O2'"  sing N N 94  
G   "C2'" "C1'"  sing N N 95  
G   "C2'" "H2'"  sing N N 96  
G   "O2'" "HO2'" sing N N 97  
G   "C1'" N9     sing N N 98  
G   "C1'" "H1'"  sing N N 99  
G   N9    C8     sing Y N 100 
G   N9    C4     sing Y N 101 
G   C8    N7     doub Y N 102 
G   C8    H8     sing N N 103 
G   N7    C5     sing Y N 104 
G   C5    C6     sing N N 105 
G   C5    C4     doub Y N 106 
G   C6    O6     doub N N 107 
G   C6    N1     sing N N 108 
G   N1    C2     sing N N 109 
G   N1    H1     sing N N 110 
G   C2    N2     sing N N 111 
G   C2    N3     doub N N 112 
G   N2    H21    sing N N 113 
G   N2    H22    sing N N 114 
G   N3    C4     sing N N 115 
HOH O     H1     sing N N 116 
HOH O     H2     sing N N 117 
U   OP3   P      sing N N 118 
U   OP3   HOP3   sing N N 119 
U   P     OP1    doub N N 120 
U   P     OP2    sing N N 121 
U   P     "O5'"  sing N N 122 
U   OP2   HOP2   sing N N 123 
U   "O5'" "C5'"  sing N N 124 
U   "C5'" "C4'"  sing N N 125 
U   "C5'" "H5'"  sing N N 126 
U   "C5'" "H5''" sing N N 127 
U   "C4'" "O4'"  sing N N 128 
U   "C4'" "C3'"  sing N N 129 
U   "C4'" "H4'"  sing N N 130 
U   "O4'" "C1'"  sing N N 131 
U   "C3'" "O3'"  sing N N 132 
U   "C3'" "C2'"  sing N N 133 
U   "C3'" "H3'"  sing N N 134 
U   "O3'" "HO3'" sing N N 135 
U   "C2'" "O2'"  sing N N 136 
U   "C2'" "C1'"  sing N N 137 
U   "C2'" "H2'"  sing N N 138 
U   "O2'" "HO2'" sing N N 139 
U   "C1'" N1     sing N N 140 
U   "C1'" "H1'"  sing N N 141 
U   N1    C2     sing N N 142 
U   N1    C6     sing N N 143 
U   C2    O2     doub N N 144 
U   C2    N3     sing N N 145 
U   N3    C4     sing N N 146 
U   N3    H3     sing N N 147 
U   C4    O4     doub N N 148 
U   C4    C5     sing N N 149 
U   C5    C6     doub N N 150 
U   C5    H5     sing N N 151 
U   C6    H6     sing N N 152 
# 
loop_
_ndb_struct_conf_na.entry_id 
_ndb_struct_conf_na.feature 
4PQV 'double helix'         
4PQV 'a-form double helix'  
4PQV 'hairpin loop'         
4PQV tetraloop              
4PQV 'bulge loop'           
4PQV 'mismatched base pair' 
4PQV 'three-way junction'   
# 
loop_
_ndb_struct_na_base_pair.model_number 
_ndb_struct_na_base_pair.i_label_asym_id 
_ndb_struct_na_base_pair.i_label_comp_id 
_ndb_struct_na_base_pair.i_label_seq_id 
_ndb_struct_na_base_pair.i_symmetry 
_ndb_struct_na_base_pair.j_label_asym_id 
_ndb_struct_na_base_pair.j_label_comp_id 
_ndb_struct_na_base_pair.j_label_seq_id 
_ndb_struct_na_base_pair.j_symmetry 
_ndb_struct_na_base_pair.shear 
_ndb_struct_na_base_pair.stretch 
_ndb_struct_na_base_pair.stagger 
_ndb_struct_na_base_pair.buckle 
_ndb_struct_na_base_pair.propeller 
_ndb_struct_na_base_pair.opening 
_ndb_struct_na_base_pair.pair_number 
_ndb_struct_na_base_pair.pair_name 
_ndb_struct_na_base_pair.i_auth_asym_id 
_ndb_struct_na_base_pair.i_auth_seq_id 
_ndb_struct_na_base_pair.i_PDB_ins_code 
_ndb_struct_na_base_pair.j_auth_asym_id 
_ndb_struct_na_base_pair.j_auth_seq_id 
_ndb_struct_na_base_pair.j_PDB_ins_code 
_ndb_struct_na_base_pair.hbond_type_28 
_ndb_struct_na_base_pair.hbond_type_12 
1 A G 3  1_555 A C 40 1_555 -0.404 -0.309 0.496  15.721 -1.973  2.174   1  A_G3:C40_A  A 3  ? A 40 ? 19 1  
1 A C 23 1_555 A G 39 1_555 0.307  -0.616 0.526  -4.693 -8.478  -1.097  2  A_C23:G39_A A 23 ? A 39 ? 19 1  
1 A A 24 1_555 A U 4  1_555 0.267  -3.294 -0.608 8.694  -1.868  60.777  3  A_A24:U4_A  A 24 ? A 4  ? 23 3  
1 A C 25 1_555 A G 37 1_555 0.208  -0.204 0.276  2.914  -16.239 -3.839  4  A_C25:G37_A A 25 ? A 37 ? 19 1  
1 A U 26 1_555 A A 36 1_555 -0.179 -0.231 -0.554 8.783  -24.847 -0.638  5  A_U26:A36_A A 26 ? A 36 ? 20 1  
1 A U 27 1_555 A G 35 1_555 2.230  -0.808 0.216  0.491  -20.504 3.529   6  A_U27:G35_A A 27 ? A 35 ? 28 1  
1 A C 28 1_555 A G 34 1_555 0.102  -0.441 0.226  0.107  -12.334 -0.550  7  A_C28:G34_A A 28 ? A 34 ? 19 1  
1 A A 17 1_555 A G 14 1_555 -8.168 -4.882 1.091  -8.147 -18.741 -56.245 8  A_A17:G14_A A 17 ? A 14 ? ?  ?  
1 A G 18 1_555 A C 13 1_555 -0.219 -0.205 -0.302 -3.679 -7.974  -0.026  9  A_G18:C13_A A 18 ? A 13 ? 19 1  
1 A U 19 1_555 A G 12 1_555 2.285  -0.026 -0.046 4.781  -8.794  3.725   10 A_U19:G12_A A 19 ? A 12 ? 28 1  
1 A C 20 1_555 A G 11 1_555 0.182  0.480  0.356  -1.720 -16.407 6.798   11 A_C20:G11_A A 20 ? A 11 ? ?  1  
1 A G 21 1_555 A C 10 1_555 -0.246 0.119  0.175  29.904 9.931   -9.534  12 A_G21:C10_A A 21 ? A 10 ? 19 1  
1 A A 42 1_555 A U 9  1_555 0.661  -0.245 0.659  28.332 -10.192 -1.771  13 A_A42:U9_A  A 42 ? A 9  ? 20 1  
1 A U 43 1_555 A A 8  1_555 0.212  0.133  -0.415 8.403  -29.590 -0.035  14 A_U43:A8_A  A 43 ? A 8  ? 20 1  
1 A C 44 1_555 A G 7  1_555 -0.294 0.049  1.121  -8.770 -10.454 1.866   15 A_C44:G7_A  A 44 ? A 7  ? 19 1  
1 A U 45 1_555 A A 6  1_555 -0.474 0.154  0.427  -5.782 -21.182 4.130   16 A_U45:A6_A  A 45 ? A 6  ? 20 1  
1 A G 46 1_555 A C 5  1_555 0.193  -0.587 -0.159 -2.109 -12.006 -7.901  17 A_G46:C5_A  A 46 ? A 5  ? 19 1  
1 A U 47 1_555 A A 49 1_555 -0.226 3.047  0.319  -2.989 -9.508  -65.595 18 A_U47:A49_A A 47 ? A 49 ? 23 3  
1 A C 53 1_555 A G 67 1_555 -0.319 -0.471 -0.297 5.263  -9.144  -3.873  19 A_C53:G67_A A 53 ? A 67 ? 19 1  
1 A C 54 1_555 A G 66 1_555 -0.081 -0.284 -0.456 7.914  -15.760 -3.593  20 A_C54:G66_A A 54 ? A 66 ? 19 1  
1 A C 55 1_555 A G 65 1_555 0.257  -0.064 0.071  -4.887 0.118   -1.246  21 A_C55:G65_A A 55 ? A 65 ? 19 1  
1 A A 56 1_555 A U 64 1_555 0.038  -0.161 0.312  0.851  -6.059  3.083   22 A_A56:U64_A A 56 ? A 64 ? 20 1  
1 A G 57 1_555 A C 63 1_555 -0.348 -0.317 0.029  -9.863 -10.603 2.864   23 A_G57:C63_A A 57 ? A 63 ? 19 1  
1 A G 58 1_555 A A 62 1_555 6.396  -4.419 0.169  2.834  4.968   -5.020  24 A_G58:A62_A A 58 ? A 62 ? 11 10 
# 
loop_
_ndb_struct_na_base_pair_step.model_number 
_ndb_struct_na_base_pair_step.i_label_asym_id_1 
_ndb_struct_na_base_pair_step.i_label_comp_id_1 
_ndb_struct_na_base_pair_step.i_label_seq_id_1 
_ndb_struct_na_base_pair_step.i_symmetry_1 
_ndb_struct_na_base_pair_step.j_label_asym_id_1 
_ndb_struct_na_base_pair_step.j_label_comp_id_1 
_ndb_struct_na_base_pair_step.j_label_seq_id_1 
_ndb_struct_na_base_pair_step.j_symmetry_1 
_ndb_struct_na_base_pair_step.i_label_asym_id_2 
_ndb_struct_na_base_pair_step.i_label_comp_id_2 
_ndb_struct_na_base_pair_step.i_label_seq_id_2 
_ndb_struct_na_base_pair_step.i_symmetry_2 
_ndb_struct_na_base_pair_step.j_label_asym_id_2 
_ndb_struct_na_base_pair_step.j_label_comp_id_2 
_ndb_struct_na_base_pair_step.j_label_seq_id_2 
_ndb_struct_na_base_pair_step.j_symmetry_2 
_ndb_struct_na_base_pair_step.shift 
_ndb_struct_na_base_pair_step.slide 
_ndb_struct_na_base_pair_step.rise 
_ndb_struct_na_base_pair_step.tilt 
_ndb_struct_na_base_pair_step.roll 
_ndb_struct_na_base_pair_step.twist 
_ndb_struct_na_base_pair_step.x_displacement 
_ndb_struct_na_base_pair_step.y_displacement 
_ndb_struct_na_base_pair_step.helical_rise 
_ndb_struct_na_base_pair_step.inclination 
_ndb_struct_na_base_pair_step.tip 
_ndb_struct_na_base_pair_step.helical_twist 
_ndb_struct_na_base_pair_step.step_number 
_ndb_struct_na_base_pair_step.step_name 
_ndb_struct_na_base_pair_step.i_auth_asym_id_1 
_ndb_struct_na_base_pair_step.i_auth_seq_id_1 
_ndb_struct_na_base_pair_step.i_PDB_ins_code_1 
_ndb_struct_na_base_pair_step.j_auth_asym_id_1 
_ndb_struct_na_base_pair_step.j_auth_seq_id_1 
_ndb_struct_na_base_pair_step.j_PDB_ins_code_1 
_ndb_struct_na_base_pair_step.i_auth_asym_id_2 
_ndb_struct_na_base_pair_step.i_auth_seq_id_2 
_ndb_struct_na_base_pair_step.i_PDB_ins_code_2 
_ndb_struct_na_base_pair_step.j_auth_asym_id_2 
_ndb_struct_na_base_pair_step.j_auth_seq_id_2 
_ndb_struct_na_base_pair_step.j_PDB_ins_code_2 
1 A G 3  1_555 A C 40 1_555 A C 23 1_555 A G 39 1_555 -1.984 -0.858 3.599 -5.183  6.712  53.950 -1.388  1.816  3.638 7.347   5.674 
54.562 1  AA_G3C23:G39C40_AA  A 3  ? A 40 ? A 23 ? A 39 ? 
1 A C 23 1_555 A G 39 1_555 A A 24 1_555 A U 4  1_555 0.352  0.024  3.485 1.691   1.610  -4.152 -14.166 18.822 2.905 -20.246 
21.268  -4.763 2  AA_C23A24:U4G39_AA  A 23 ? A 39 ? A 24 ? A 4  ? 
1 A A 24 1_555 A U 4  1_555 A C 25 1_555 A G 37 1_555 -0.547 -3.728 2.827 -3.777  10.277 56.483 -4.312  0.410  2.204 10.748  3.949 
57.449 3  AA_A24C25:G37U4_AA  A 24 ? A 4  ? A 25 ? A 37 ? 
1 A C 25 1_555 A G 37 1_555 A U 26 1_555 A A 36 1_555 -0.840 -1.800 3.039 3.192   10.596 28.890 -5.069  2.087  2.157 20.322  
-6.122  30.894 4  AA_C25U26:A36G37_AA A 25 ? A 37 ? A 26 ? A 36 ? 
1 A U 26 1_555 A A 36 1_555 A U 27 1_555 A G 35 1_555 0.058  -0.639 3.562 -3.255  11.129 42.720 -1.961  -0.402 3.291 14.950  4.373 
44.195 5  AA_U26U27:G35A36_AA A 26 ? A 36 ? A 27 ? A 35 ? 
1 A U 27 1_555 A G 35 1_555 A C 28 1_555 A G 34 1_555 0.340  -1.503 3.227 5.263   0.425  30.842 -2.868  0.358  3.219 0.792   
-9.806  31.280 6  AA_U27C28:G34G35_AA A 27 ? A 35 ? A 28 ? A 34 ? 
1 A A 17 1_555 A G 14 1_555 A G 18 1_555 A C 13 1_555 4.583  -2.086 3.504 1.998   18.751 54.680 -3.180  -4.648 2.860 19.767  
-2.106  57.603 7  AA_A17G18:C13G14_AA A 17 ? A 14 ? A 18 ? A 13 ? 
1 A G 18 1_555 A C 13 1_555 A U 19 1_555 A G 12 1_555 0.488  -1.545 3.116 -1.566  4.396  41.907 -2.568  -0.828 2.927 6.124   2.181 
42.154 8  AA_G18U19:G12C13_AA A 18 ? A 13 ? A 19 ? A 12 ? 
1 A U 19 1_555 A G 12 1_555 A C 20 1_555 A G 11 1_555 -0.793 -2.086 3.258 0.500   8.554  22.438 -7.446  2.050  2.299 21.025  
-1.229  23.999 9  AA_U19C20:G11G12_AA A 19 ? A 12 ? A 20 ? A 11 ? 
1 A C 20 1_555 A G 11 1_555 A G 21 1_555 A C 10 1_555 -1.416 -1.539 2.424 -2.038  14.129 14.925 -7.908  3.434  0.850 43.504  6.275 
20.625 10 AA_C20G21:C10G11_AA A 20 ? A 11 ? A 21 ? A 10 ? 
1 A G 21 1_555 A C 10 1_555 A A 42 1_555 A U 9  1_555 -1.472 0.083  3.196 -9.257  4.171  51.802 -0.182  1.046  3.391 4.722   
10.481  52.720 11 AA_G21A42:U9C10_AA  A 21 ? A 10 ? A 42 ? A 9  ? 
1 A A 42 1_555 A U 9  1_555 A U 43 1_555 A A 8  1_555 0.122  -0.740 3.709 5.080   5.925  27.304 -3.031  1.056  3.442 12.238  
-10.493 28.377 12 AA_A42U43:A8U9_AA   A 42 ? A 9  ? A 43 ? A 8  ? 
1 A U 43 1_555 A A 8  1_555 A C 44 1_555 A G 7  1_555 0.145  -2.468 3.512 -13.747 8.219  29.511 -5.602  -2.456 2.454 14.839  
24.819  33.492 13 AA_U43C44:G7A8_AA   A 43 ? A 8  ? A 44 ? A 7  ? 
1 A C 44 1_555 A G 7  1_555 A U 45 1_555 A A 6  1_555 -0.111 -1.345 3.003 4.968   5.556  30.318 -3.431  1.038  2.669 10.426  
-9.322  31.200 14 AA_C44U45:A6G7_AA   A 44 ? A 7  ? A 45 ? A 6  ? 
1 A U 45 1_555 A A 6  1_555 A G 46 1_555 A C 5  1_555 -0.517 -1.242 3.270 0.872   9.559  33.603 -3.443  0.986  2.809 16.130  
-1.471  34.909 15 AA_U45G46:C5A6_AA   A 45 ? A 6  ? A 46 ? A 5  ? 
1 A G 46 1_555 A C 5  1_555 A U 47 1_555 A A 49 1_555 -0.555 -4.407 3.034 -1.239  5.364  49.233 -5.603  0.583  2.583 6.415   1.482 
49.521 16 AA_G46U47:A49C5_AA  A 46 ? A 5  ? A 47 ? A 49 ? 
1 A C 53 1_555 A G 67 1_555 A C 54 1_555 A G 66 1_555 0.427  -1.490 3.360 0.601   11.899 34.085 -4.022  -0.609 2.713 19.573  
-0.989  36.049 17 AA_C53C54:G66G67_AA A 53 ? A 67 ? A 54 ? A 66 ? 
1 A C 54 1_555 A G 66 1_555 A C 55 1_555 A G 65 1_555 -0.689 -2.062 3.667 -5.490  8.635  26.873 -6.190  0.095  2.956 17.782  
11.306  28.721 18 AA_C54C55:G65G66_AA A 54 ? A 66 ? A 55 ? A 65 ? 
1 A C 55 1_555 A G 65 1_555 A A 56 1_555 A U 64 1_555 0.750  -1.791 3.045 0.463   7.443  30.784 -4.479  -1.300 2.563 13.769  
-0.857  31.653 19 AA_C55A56:U64G65_AA A 55 ? A 65 ? A 56 ? A 64 ? 
1 A A 56 1_555 A U 64 1_555 A G 57 1_555 A C 63 1_555 0.316  -1.751 3.641 3.677   5.488  30.365 -4.401  0.166  3.296 10.324  
-6.917  31.059 20 AA_A56G57:C63U64_AA A 56 ? A 64 ? A 57 ? A 63 ? 
1 A G 57 1_555 A C 63 1_555 A G 58 1_555 A A 62 1_555 -0.649 -0.597 3.057 -1.372  4.508  63.917 -0.743  0.557  3.025 4.252   1.294 
64.072 21 AA_G57G58:A62C63_AA A 57 ? A 63 ? A 58 ? A 62 ? 
# 
_atom_sites.entry_id                    4PQV 
_atom_sites.fract_transf_matrix[1][1]   0.01034794 
_atom_sites.fract_transf_matrix[1][2]   -0.00700839 
_atom_sites.fract_transf_matrix[1][3]   -0.00839422 
_atom_sites.fract_transf_matrix[2][1]   0.01432784 
_atom_sites.fract_transf_matrix[2][2]   0.00461191 
_atom_sites.fract_transf_matrix[2][3]   0.00031063 
_atom_sites.fract_transf_matrix[3][1]   0.00243486 
_atom_sites.fract_transf_matrix[3][2]   -0.00822933 
_atom_sites.fract_transf_matrix[3][3]   0.00987229 
_atom_sites.fract_transf_vector[1]      0.376202 
_atom_sites.fract_transf_vector[2]      0.215701 
_atom_sites.fract_transf_vector[3]      0.210777 
# 
loop_
_atom_type.symbol 
C  
MG 
N  
O  
P  
# 
loop_
_atom_site.group_PDB 
_atom_site.id 
_atom_site.type_symbol 
_atom_site.label_atom_id 
_atom_site.label_alt_id 
_atom_site.label_comp_id 
_atom_site.label_asym_id 
_atom_site.label_entity_id 
_atom_site.label_seq_id 
_atom_site.pdbx_PDB_ins_code 
_atom_site.Cartn_x 
_atom_site.Cartn_y 
_atom_site.Cartn_z 
_atom_site.occupancy 
_atom_site.B_iso_or_equiv 
_atom_site.pdbx_formal_charge 
_atom_site.auth_seq_id 
_atom_site.auth_comp_id 
_atom_site.auth_asym_id 
_atom_site.auth_atom_id 
_atom_site.pdbx_PDB_model_num 
ATOM   1    P  P     . G   A 1 1  ? -19.051 5.354   13.388  1.00 107.97 ? 1   G   A P     1 
ATOM   2    O  OP1   . G   A 1 1  ? -18.239 6.602   13.453  1.00 100.33 ? 1   G   A OP1   1 
ATOM   3    O  OP2   . G   A 1 1  ? -20.316 5.251   14.172  1.00 100.09 ? 1   G   A OP2   1 
ATOM   4    O  "O5'" . G   A 1 1  ? -19.392 5.068   11.853  1.00 101.01 ? 1   G   A "O5'" 1 
ATOM   5    C  "C5'" . G   A 1 1  ? -18.442 4.464   10.981  1.00 97.45  ? 1   G   A "C5'" 1 
ATOM   6    C  "C4'" . G   A 1 1  ? -18.361 5.192   9.662   1.00 94.25  ? 1   G   A "C4'" 1 
ATOM   7    O  "O4'" . G   A 1 1  ? -19.605 5.909   9.440   1.00 96.42  ? 1   G   A "O4'" 1 
ATOM   8    C  "C3'" . G   A 1 1  ? -17.287 6.267   9.564   1.00 95.38  ? 1   G   A "C3'" 1 
ATOM   9    O  "O3'" . G   A 1 1  ? -16.006 5.745   9.233   1.00 95.31  ? 1   G   A "O3'" 1 
ATOM   10   C  "C2'" . G   A 1 1  ? -17.857 7.231   8.526   1.00 93.51  ? 1   G   A "C2'" 1 
ATOM   11   O  "O2'" . G   A 1 1  ? -17.647 6.748   7.207   1.00 92.36  ? 1   G   A "O2'" 1 
ATOM   12   C  "C1'" . G   A 1 1  ? -19.352 7.157   8.830   1.00 93.74  ? 1   G   A "C1'" 1 
ATOM   13   N  N9    . G   A 1 1  ? -19.792 8.218   9.757   1.00 93.84  ? 1   G   A N9    1 
ATOM   14   C  C8    . G   A 1 1  ? -19.873 8.122   11.127  1.00 95.81  ? 1   G   A C8    1 
ATOM   15   N  N7    . G   A 1 1  ? -20.304 9.214   11.697  1.00 95.98  ? 1   G   A N7    1 
ATOM   16   C  C5    . G   A 1 1  ? -20.524 10.085  10.638  1.00 94.65  ? 1   G   A C5    1 
ATOM   17   C  C6    . G   A 1 1  ? -20.991 11.422  10.638  1.00 95.15  ? 1   G   A C6    1 
ATOM   18   O  O6    . G   A 1 1  ? -21.314 12.119  11.610  1.00 98.69  ? 1   G   A O6    1 
ATOM   19   N  N1    . G   A 1 1  ? -21.067 11.938  9.345   1.00 94.02  ? 1   G   A N1    1 
ATOM   20   C  C2    . G   A 1 1  ? -20.736 11.260  8.196   1.00 92.81  ? 1   G   A C2    1 
ATOM   21   N  N2    . G   A 1 1  ? -20.874 11.932  7.040   1.00 89.78  ? 1   G   A N2    1 
ATOM   22   N  N3    . G   A 1 1  ? -20.294 10.011  8.189   1.00 93.31  ? 1   G   A N3    1 
ATOM   23   C  C4    . G   A 1 1  ? -20.213 9.487   9.432   1.00 93.76  ? 1   G   A C4    1 
ATOM   24   P  P     . G   A 1 2  ? -14.680 6.298   9.969   1.00 94.99  ? 2   G   A P     1 
ATOM   25   O  OP1   . G   A 1 2  ? -14.023 5.141   10.629  1.00 94.25  ? 2   G   A OP1   1 
ATOM   26   O  OP2   . G   A 1 2  ? -15.018 7.509   10.767  1.00 92.70  ? 2   G   A OP2   1 
ATOM   27   O  "O5'" . G   A 1 2  ? -13.745 6.769   8.773   1.00 82.71  ? 2   G   A "O5'" 1 
ATOM   28   C  "C5'" . G   A 1 2  ? -14.264 7.549   7.707   1.00 83.13  ? 2   G   A "C5'" 1 
ATOM   29   C  "C4'" . G   A 1 2  ? -13.152 8.131   6.877   1.00 86.36  ? 2   G   A "C4'" 1 
ATOM   30   O  "O4'" . G   A 1 2  ? -13.386 9.554   6.730   1.00 87.45  ? 2   G   A "O4'" 1 
ATOM   31   C  "C3'" . G   A 1 2  ? -11.760 7.990   7.487   1.00 85.16  ? 2   G   A "C3'" 1 
ATOM   32   O  "O3'" . G   A 1 2  ? -10.781 7.908   6.447   1.00 80.97  ? 2   G   A "O3'" 1 
ATOM   33   C  "C2'" . G   A 1 2  ? -11.595 9.299   8.242   1.00 85.98  ? 2   G   A "C2'" 1 
ATOM   34   O  "O2'" . G   A 1 2  ? -10.252 9.681   8.458   1.00 84.02  ? 2   G   A "O2'" 1 
ATOM   35   C  "C1'" . G   A 1 2  ? -12.330 10.281  7.325   1.00 88.51  ? 2   G   A "C1'" 1 
ATOM   36   N  N9    . G   A 1 2  ? -12.930 11.410  8.031   1.00 90.91  ? 2   G   A N9    1 
ATOM   37   C  C8    . G   A 1 2  ? -13.216 11.504  9.374   1.00 90.76  ? 2   G   A C8    1 
ATOM   38   N  N7    . G   A 1 2  ? -13.754 12.650  9.698   1.00 93.20  ? 2   G   A N7    1 
ATOM   39   C  C5    . G   A 1 2  ? -13.827 13.342  8.493   1.00 95.23  ? 2   G   A C5    1 
ATOM   40   C  C6    . G   A 1 2  ? -14.319 14.638  8.209   1.00 94.99  ? 2   G   A C6    1 
ATOM   41   O  O6    . G   A 1 2  ? -14.802 15.449  9.005   1.00 98.53  ? 2   G   A O6    1 
ATOM   42   N  N1    . G   A 1 2  ? -14.205 14.951  6.854   1.00 94.37  ? 2   G   A N1    1 
ATOM   43   C  C2    . G   A 1 2  ? -13.685 14.117  5.890   1.00 96.91  ? 2   G   A C2    1 
ATOM   44   N  N2    . G   A 1 2  ? -13.661 14.599  4.636   1.00 98.81  ? 2   G   A N2    1 
ATOM   45   N  N3    . G   A 1 2  ? -13.221 12.899  6.138   1.00 93.26  ? 2   G   A N3    1 
ATOM   46   C  C4    . G   A 1 2  ? -13.327 12.586  7.451   1.00 94.01  ? 2   G   A C4    1 
ATOM   47   P  P     . G   A 1 3  ? -10.123 6.488   6.075   1.00 77.05  ? 3   G   A P     1 
ATOM   48   O  OP1   . G   A 1 3  ? -10.512 6.141   4.682   1.00 74.72  ? 3   G   A OP1   1 
ATOM   49   O  OP2   . G   A 1 3  ? -10.404 5.545   7.198   1.00 65.57  ? 3   G   A OP2   1 
ATOM   50   O  "O5'" . G   A 1 3  ? -8.562  6.792   6.054   1.00 73.45  ? 3   G   A "O5'" 1 
ATOM   51   C  "C5'" . G   A 1 3  ? -7.945  7.491   7.123   1.00 64.43  ? 3   G   A "C5'" 1 
ATOM   52   C  "C4'" . G   A 1 3  ? -6.684  6.804   7.578   1.00 60.72  ? 3   G   A "C4'" 1 
ATOM   53   O  "O4'" . G   A 1 3  ? -6.777  6.557   9.004   1.00 63.18  ? 3   G   A "O4'" 1 
ATOM   54   C  "C3'" . G   A 1 3  ? -6.373  5.457   6.916   1.00 57.72  ? 3   G   A "C3'" 1 
ATOM   55   O  "O3'" . G   A 1 3  ? -4.978  5.360   6.615   1.00 60.35  ? 3   G   A "O3'" 1 
ATOM   56   C  "C2'" . G   A 1 3  ? -6.721  4.437   7.992   1.00 56.35  ? 3   G   A "C2'" 1 
ATOM   57   O  "O2'" . G   A 1 3  ? -5.921  3.279   7.934   1.00 53.07  ? 3   G   A "O2'" 1 
ATOM   58   C  "C1'" . G   A 1 3  ? -6.467  5.213   9.285   1.00 57.75  ? 3   G   A "C1'" 1 
ATOM   59   N  N9    . G   A 1 3  ? -7.314  4.791   10.404  1.00 56.37  ? 3   G   A N9    1 
ATOM   60   C  C8    . G   A 1 3  ? -8.681  4.732   10.381  1.00 61.55  ? 3   G   A C8    1 
ATOM   61   N  N7    . G   A 1 3  ? -9.204  4.316   11.504  1.00 62.29  ? 3   G   A N7    1 
ATOM   62   C  C5    . G   A 1 3  ? -8.115  4.086   12.322  1.00 57.03  ? 3   G   A C5    1 
ATOM   63   C  C6    . G   A 1 3  ? -8.077  3.621   13.661  1.00 61.90  ? 3   G   A C6    1 
ATOM   64   O  O6    . G   A 1 3  ? -9.026  3.324   14.408  1.00 64.63  ? 3   G   A O6    1 
ATOM   65   N  N1    . G   A 1 3  ? -6.773  3.524   14.125  1.00 61.39  ? 3   G   A N1    1 
ATOM   66   C  C2    . G   A 1 3  ? -5.652  3.841   13.400  1.00 59.11  ? 3   G   A C2    1 
ATOM   67   N  N2    . G   A 1 3  ? -4.479  3.687   14.038  1.00 56.21  ? 3   G   A N2    1 
ATOM   68   N  N3    . G   A 1 3  ? -5.681  4.274   12.144  1.00 60.01  ? 3   G   A N3    1 
ATOM   69   C  C4    . G   A 1 3  ? -6.941  4.378   11.667  1.00 57.89  ? 3   G   A C4    1 
ATOM   70   P  P     . U   A 1 4  ? -4.504  4.646   5.259   1.00 56.06  ? 4   U   A P     1 
ATOM   71   O  OP1   . U   A 1 4  ? -3.594  5.530   4.480   1.00 46.33  ? 4   U   A OP1   1 
ATOM   72   O  OP2   . U   A 1 4  ? -5.776  4.159   4.656   1.00 56.64  ? 4   U   A OP2   1 
ATOM   73   O  "O5'" . U   A 1 4  ? -3.681  3.376   5.754   1.00 50.98  ? 4   U   A "O5'" 1 
ATOM   74   C  "C5'" . U   A 1 4  ? -2.263  3.353   5.682   1.00 50.12  ? 4   U   A "C5'" 1 
ATOM   75   C  "C4'" . U   A 1 4  ? -1.736  1.943   5.778   1.00 49.95  ? 4   U   A "C4'" 1 
ATOM   76   O  "O4'" . U   A 1 4  ? -2.454  1.256   6.840   1.00 48.59  ? 4   U   A "O4'" 1 
ATOM   77   C  "C3'" . U   A 1 4  ? -1.905  1.078   4.521   1.00 47.06  ? 4   U   A "C3'" 1 
ATOM   78   O  "O3'" . U   A 1 4  ? -0.794  0.188   4.397   1.00 44.63  ? 4   U   A "O3'" 1 
ATOM   79   C  "C2'" . U   A 1 4  ? -3.149  0.259   4.854   1.00 49.23  ? 4   U   A "C2'" 1 
ATOM   80   O  "O2'" . U   A 1 4  ? -3.257  -0.966  4.157   1.00 48.37  ? 4   U   A "O2'" 1 
ATOM   81   C  "C1'" . U   A 1 4  ? -2.966  0.041   6.348   1.00 44.83  ? 4   U   A "C1'" 1 
ATOM   82   N  N1    . U   A 1 4  ? -4.199  -0.264  7.067   1.00 47.48  ? 4   U   A N1    1 
ATOM   83   C  C2    . U   A 1 4  ? -4.084  -1.094  8.162   1.00 48.86  ? 4   U   A C2    1 
ATOM   84   O  O2    . U   A 1 4  ? -3.014  -1.538  8.538   1.00 50.68  ? 4   U   A O2    1 
ATOM   85   N  N3    . U   A 1 4  ? -5.265  -1.375  8.797   1.00 47.43  ? 4   U   A N3    1 
ATOM   86   C  C4    . U   A 1 4  ? -6.529  -0.930  8.446   1.00 50.43  ? 4   U   A C4    1 
ATOM   87   O  O4    . U   A 1 4  ? -7.504  -1.280  9.123   1.00 56.70  ? 4   U   A O4    1 
ATOM   88   C  C5    . U   A 1 4  ? -6.572  -0.074  7.300   1.00 46.53  ? 4   U   A C5    1 
ATOM   89   C  C6    . U   A 1 4  ? -5.427  0.215   6.660   1.00 52.08  ? 4   U   A C6    1 
ATOM   90   P  P     . C   A 1 5  ? 0.546   0.621   3.615   1.00 50.79  ? 5   C   A P     1 
ATOM   91   O  OP1   . C   A 1 5  ? 1.457   -0.547  3.744   1.00 49.23  ? 5   C   A OP1   1 
ATOM   92   O  OP2   . C   A 1 5  ? 0.982   1.985   4.030   1.00 45.28  ? 5   C   A OP2   1 
ATOM   93   O  "O5'" . C   A 1 5  ? 0.117   0.730   2.083   1.00 47.39  ? 5   C   A "O5'" 1 
ATOM   94   C  "C5'" . C   A 1 5  ? 0.481   -0.260  1.132   1.00 42.34  ? 5   C   A "C5'" 1 
ATOM   95   C  "C4'" . C   A 1 5  ? 0.627   0.359   -0.234  1.00 43.35  ? 5   C   A "C4'" 1 
ATOM   96   O  "O4'" . C   A 1 5  ? -0.615  1.014   -0.584  1.00 44.16  ? 5   C   A "O4'" 1 
ATOM   97   C  "C3'" . C   A 1 5  ? 1.677   1.458   -0.329  1.00 48.82  ? 5   C   A "C3'" 1 
ATOM   98   O  "O3'" . C   A 1 5  ? 2.958   0.931   -0.611  1.00 48.84  ? 5   C   A "O3'" 1 
ATOM   99   C  "C2'" . C   A 1 5  ? 1.149   2.363   -1.437  1.00 48.63  ? 5   C   A "C2'" 1 
ATOM   100  O  "O2'" . C   A 1 5  ? 1.481   1.842   -2.717  1.00 47.13  ? 5   C   A "O2'" 1 
ATOM   101  C  "C1'" . C   A 1 5  ? -0.358  2.227   -1.257  1.00 45.91  ? 5   C   A "C1'" 1 
ATOM   102  N  N1    . C   A 1 5  ? -0.975  3.329   -0.487  1.00 40.34  ? 5   C   A N1    1 
ATOM   103  C  C2    . C   A 1 5  ? -1.240  4.542   -1.114  1.00 42.92  ? 5   C   A C2    1 
ATOM   104  O  O2    . C   A 1 5  ? -0.890  4.679   -2.302  1.00 43.27  ? 5   C   A O2    1 
ATOM   105  N  N3    . C   A 1 5  ? -1.845  5.532   -0.402  1.00 44.16  ? 5   C   A N3    1 
ATOM   106  C  C4    . C   A 1 5  ? -2.195  5.317   0.868   1.00 43.02  ? 5   C   A C4    1 
ATOM   107  N  N4    . C   A 1 5  ? -2.787  6.293   1.549   1.00 43.99  ? 5   C   A N4    1 
ATOM   108  C  C5    . C   A 1 5  ? -1.950  4.077   1.520   1.00 45.18  ? 5   C   A C5    1 
ATOM   109  C  C6    . C   A 1 5  ? -1.349  3.119   0.802   1.00 43.63  ? 5   C   A C6    1 
ATOM   110  P  P     . A   A 1 6  ? 4.261   1.440   0.169   1.00 49.89  ? 6   A   A P     1 
ATOM   111  O  OP1   . A   A 1 6  ? 5.323   0.516   -0.336  1.00 47.90  ? 6   A   A OP1   1 
ATOM   112  O  OP2   . A   A 1 6  ? 4.016   1.606   1.630   1.00 46.52  ? 6   A   A OP2   1 
ATOM   113  O  "O5'" . A   A 1 6  ? 4.500   2.893   -0.423  1.00 47.04  ? 6   A   A "O5'" 1 
ATOM   114  C  "C5'" . A   A 1 6  ? 4.751   3.054   -1.805  1.00 51.71  ? 6   A   A "C5'" 1 
ATOM   115  C  "C4'" . A   A 1 6  ? 4.578   4.484   -2.243  1.00 52.90  ? 6   A   A "C4'" 1 
ATOM   116  O  "O4'" . A   A 1 6  ? 3.178   4.878   -2.185  1.00 55.54  ? 6   A   A "O4'" 1 
ATOM   117  C  "C3'" . A   A 1 6  ? 5.276   5.542   -1.414  1.00 52.81  ? 6   A   A "C3'" 1 
ATOM   118  O  "O3'" . A   A 1 6  ? 6.666   5.599   -1.671  1.00 62.07  ? 6   A   A "O3'" 1 
ATOM   119  C  "C2'" . A   A 1 6  ? 4.532   6.789   -1.848  1.00 56.66  ? 6   A   A "C2'" 1 
ATOM   120  O  "O2'" . A   A 1 6  ? 4.930   7.101   -3.173  1.00 59.83  ? 6   A   A "O2'" 1 
ATOM   121  C  "C1'" . A   A 1 6  ? 3.093   6.264   -1.912  1.00 52.47  ? 6   A   A "C1'" 1 
ATOM   122  N  N9    . A   A 1 6  ? 2.363   6.450   -0.640  1.00 46.95  ? 6   A   A N9    1 
ATOM   123  C  C8    . A   A 1 6  ? 2.287   5.569   0.411   1.00 46.39  ? 6   A   A C8    1 
ATOM   124  N  N7    . A   A 1 6  ? 1.571   5.992   1.419   1.00 45.39  ? 6   A   A N7    1 
ATOM   125  C  C5    . A   A 1 6  ? 1.142   7.248   1.016   1.00 47.31  ? 6   A   A C5    1 
ATOM   126  C  C6    . A   A 1 6  ? 0.341   8.228   1.639   1.00 46.64  ? 6   A   A C6    1 
ATOM   127  N  N6    . A   A 1 6  ? -0.200  8.095   2.850   1.00 48.76  ? 6   A   A N6    1 
ATOM   128  N  N1    . A   A 1 6  ? 0.089   9.369   0.967   1.00 46.78  ? 6   A   A N1    1 
ATOM   129  C  C2    . A   A 1 6  ? 0.619   9.515   -0.253  1.00 49.73  ? 6   A   A C2    1 
ATOM   130  N  N3    . A   A 1 6  ? 1.396   8.669   -0.942  1.00 53.25  ? 6   A   A N3    1 
ATOM   131  C  C4    . A   A 1 6  ? 1.623   7.539   -0.250  1.00 48.47  ? 6   A   A C4    1 
ATOM   132  P  P     . G   A 1 7  ? 7.715   6.002   -0.512  1.00 66.51  ? 7   G   A P     1 
ATOM   133  O  OP1   . G   A 1 7  ? 9.043   5.626   -1.072  1.00 63.61  ? 7   G   A OP1   1 
ATOM   134  O  OP2   . G   A 1 7  ? 7.279   5.506   0.821   1.00 58.88  ? 7   G   A OP2   1 
ATOM   135  O  "O5'" . G   A 1 7  ? 7.631   7.593   -0.435  1.00 62.89  ? 7   G   A "O5'" 1 
ATOM   136  C  "C5'" . G   A 1 7  ? 7.877   8.397   -1.582  1.00 59.54  ? 7   G   A "C5'" 1 
ATOM   137  C  "C4'" . G   A 1 7  ? 7.243   9.763   -1.441  1.00 62.31  ? 7   G   A "C4'" 1 
ATOM   138  O  "O4'" . G   A 1 7  ? 5.801   9.637   -1.324  1.00 60.27  ? 7   G   A "O4'" 1 
ATOM   139  C  "C3'" . G   A 1 7  ? 7.642   10.570  -0.212  1.00 63.47  ? 7   G   A "C3'" 1 
ATOM   140  O  "O3'" . G   A 1 7  ? 8.902   11.209  -0.359  1.00 67.90  ? 7   G   A "O3'" 1 
ATOM   141  C  "C2'" . G   A 1 7  ? 6.479   11.542  -0.065  1.00 60.11  ? 7   G   A "C2'" 1 
ATOM   142  O  "O2'" . G   A 1 7  ? 6.619   12.606  -0.992  1.00 61.92  ? 7   G   A "O2'" 1 
ATOM   143  C  "C1'" . G   A 1 7  ? 5.294   10.670  -0.498  1.00 60.14  ? 7   G   A "C1'" 1 
ATOM   144  N  N9    . G   A 1 7  ? 4.617   10.064  0.661   1.00 55.11  ? 7   G   A N9    1 
ATOM   145  C  C8    . G   A 1 7  ? 4.753   8.774   1.109   1.00 55.50  ? 7   G   A C8    1 
ATOM   146  N  N7    . G   A 1 7  ? 4.043   8.534   2.187   1.00 55.67  ? 7   G   A N7    1 
ATOM   147  C  C5    . G   A 1 7  ? 3.410   9.734   2.467   1.00 51.25  ? 7   G   A C5    1 
ATOM   148  C  C6    . G   A 1 7  ? 2.508   10.065  3.506   1.00 55.31  ? 7   G   A C6    1 
ATOM   149  O  O6    . G   A 1 7  ? 2.084   9.346   4.420   1.00 55.05  ? 7   G   A O6    1 
ATOM   150  N  N1    . G   A 1 7  ? 2.094   11.391  3.416   1.00 60.16  ? 7   G   A N1    1 
ATOM   151  C  C2    . G   A 1 7  ? 2.502   12.281  2.445   1.00 61.09  ? 7   G   A C2    1 
ATOM   152  N  N2    . G   A 1 7  ? 1.992   13.524  2.540   1.00 62.70  ? 7   G   A N2    1 
ATOM   153  N  N3    . G   A 1 7  ? 3.343   11.976  1.464   1.00 57.82  ? 7   G   A N3    1 
ATOM   154  C  C4    . G   A 1 7  ? 3.753   10.692  1.535   1.00 54.86  ? 7   G   A C4    1 
ATOM   155  P  P     . A   A 1 8  ? 9.609   11.944  0.889   1.00 69.72  ? 8   A   A P     1 
ATOM   156  O  OP1   . A   A 1 8  ? 10.911  12.447  0.384   1.00 73.82  ? 8   A   A OP1   1 
ATOM   157  O  OP2   . A   A 1 8  ? 9.601   11.112  2.124   1.00 61.94  ? 8   A   A OP2   1 
ATOM   158  O  "O5'" . A   A 1 8  ? 8.665   13.188  1.169   1.00 63.72  ? 8   A   A "O5'" 1 
ATOM   159  C  "C5'" . A   A 1 8  ? 8.477   13.639  2.491   1.00 66.58  ? 8   A   A "C5'" 1 
ATOM   160  C  "C4'" . A   A 1 8  ? 7.499   14.777  2.562   1.00 63.87  ? 8   A   A "C4'" 1 
ATOM   161  O  "O4'" . A   A 1 8  ? 6.161   14.264  2.366   1.00 63.49  ? 8   A   A "O4'" 1 
ATOM   162  C  "C3'" . A   A 1 8  ? 7.465   15.460  3.918   1.00 69.52  ? 8   A   A "C3'" 1 
ATOM   163  O  "O3'" . A   A 1 8  ? 8.418   16.505  3.991   1.00 74.60  ? 8   A   A "O3'" 1 
ATOM   164  C  "C2'" . A   A 1 8  ? 6.020   15.918  4.047   1.00 69.05  ? 8   A   A "C2'" 1 
ATOM   165  O  "O2'" . A   A 1 8  ? 5.809   17.123  3.322   1.00 72.33  ? 8   A   A "O2'" 1 
ATOM   166  C  "C1'" . A   A 1 8  ? 5.286   14.787  3.337   1.00 64.78  ? 8   A   A "C1'" 1 
ATOM   167  N  N9    . A   A 1 8  ? 4.933   13.676  4.245   1.00 61.40  ? 8   A   A N9    1 
ATOM   168  C  C8    . A   A 1 8  ? 5.522   12.435  4.286   1.00 60.21  ? 8   A   A C8    1 
ATOM   169  N  N7    . A   A 1 8  ? 5.012   11.623  5.180   1.00 57.70  ? 8   A   A N7    1 
ATOM   170  C  C5    . A   A 1 8  ? 4.002   12.372  5.757   1.00 60.19  ? 8   A   A C5    1 
ATOM   171  C  C6    . A   A 1 8  ? 3.069   12.082  6.769   1.00 63.59  ? 8   A   A C6    1 
ATOM   172  N  N6    . A   A 1 8  ? 2.996   10.915  7.418   1.00 60.36  ? 8   A   A N6    1 
ATOM   173  N  N1    . A   A 1 8  ? 2.194   13.059  7.113   1.00 66.35  ? 8   A   A N1    1 
ATOM   174  C  C2    . A   A 1 8  ? 2.264   14.234  6.476   1.00 65.02  ? 8   A   A C2    1 
ATOM   175  N  N3    . A   A 1 8  ? 3.089   14.616  5.504   1.00 67.53  ? 8   A   A N3    1 
ATOM   176  C  C4    . A   A 1 8  ? 3.943   13.634  5.190   1.00 62.70  ? 8   A   A C4    1 
ATOM   177  P  P     . U   A 1 9  ? 9.579   16.486  5.099   1.00 75.17  ? 9   U   A P     1 
ATOM   178  O  OP1   . U   A 1 9  ? 10.732  17.216  4.512   1.00 73.00  ? 9   U   A OP1   1 
ATOM   179  O  OP2   . U   A 1 9  ? 9.821   15.106  5.594   1.00 75.06  ? 9   U   A OP2   1 
ATOM   180  O  "O5'" . U   A 1 9  ? 8.911   17.308  6.285   1.00 71.00  ? 9   U   A "O5'" 1 
ATOM   181  C  "C5'" . U   A 1 9  ? 8.144   18.466  5.998   1.00 70.67  ? 9   U   A "C5'" 1 
ATOM   182  C  "C4'" . U   A 1 9  ? 6.934   18.573  6.890   1.00 71.32  ? 9   U   A "C4'" 1 
ATOM   183  O  "O4'" . U   A 1 9  ? 6.086   17.419  6.715   1.00 69.56  ? 9   U   A "O4'" 1 
ATOM   184  C  "C3'" . U   A 1 9  ? 7.191   18.603  8.387   1.00 72.94  ? 9   U   A "C3'" 1 
ATOM   185  O  "O3'" . U   A 1 9  ? 7.609   19.873  8.845   1.00 71.26  ? 9   U   A "O3'" 1 
ATOM   186  C  "C2'" . U   A 1 9  ? 5.853   18.163  8.967   1.00 70.15  ? 9   U   A "C2'" 1 
ATOM   187  O  "O2'" . U   A 1 9  ? 4.944   19.250  9.023   1.00 69.40  ? 9   U   A "O2'" 1 
ATOM   188  C  "C1'" . U   A 1 9  ? 5.355   17.184  7.903   1.00 69.86  ? 9   U   A "C1'" 1 
ATOM   189  N  N1    . U   A 1 9  ? 5.483   15.761  8.294   1.00 68.86  ? 9   U   A N1    1 
ATOM   190  C  C2    . U   A 1 9  ? 4.808   15.317  9.423   1.00 70.76  ? 9   U   A C2    1 
ATOM   191  O  O2    . U   A 1 9  ? 4.138   16.029  10.156  1.00 71.30  ? 9   U   A O2    1 
ATOM   192  N  N3    . U   A 1 9  ? 4.961   13.978  9.693   1.00 69.75  ? 9   U   A N3    1 
ATOM   193  C  C4    . U   A 1 9  ? 5.688   13.059  8.966   1.00 65.43  ? 9   U   A C4    1 
ATOM   194  O  O4    . U   A 1 9  ? 5.724   11.896  9.356   1.00 67.27  ? 9   U   A O4    1 
ATOM   195  C  C5    . U   A 1 9  ? 6.339   13.584  7.810   1.00 64.20  ? 9   U   A C5    1 
ATOM   196  C  C6    . U   A 1 9  ? 6.211   14.883  7.521   1.00 69.16  ? 9   U   A C6    1 
ATOM   197  P  P     . C   A 1 10 ? 8.997   20.021  9.634   1.00 78.06  ? 10  C   A P     1 
ATOM   198  O  OP1   . C   A 1 10 ? 9.132   21.474  9.902   1.00 84.07  ? 10  C   A OP1   1 
ATOM   199  O  OP2   . C   A 1 10 ? 10.092  19.315  8.894   1.00 67.73  ? 10  C   A OP2   1 
ATOM   200  O  "O5'" . C   A 1 10 ? 8.713   19.362  11.054  1.00 65.01  ? 10  C   A "O5'" 1 
ATOM   201  C  "C5'" . C   A 1 10 ? 8.172   20.160  12.091  1.00 69.83  ? 10  C   A "C5'" 1 
ATOM   202  C  "C4'" . C   A 1 10 ? 7.204   19.400  12.960  1.00 73.57  ? 10  C   A "C4'" 1 
ATOM   203  O  "O4'" . C   A 1 10 ? 6.462   18.436  12.168  1.00 77.02  ? 10  C   A "O4'" 1 
ATOM   204  C  "C3'" . C   A 1 10 ? 7.825   18.562  14.064  1.00 75.21  ? 10  C   A "C3'" 1 
ATOM   205  O  "O3'" . C   A 1 10 ? 8.188   19.326  15.198  1.00 78.48  ? 10  C   A "O3'" 1 
ATOM   206  C  "C2'" . C   A 1 10 ? 6.740   17.540  14.346  1.00 74.69  ? 10  C   A "C2'" 1 
ATOM   207  O  "O2'" . C   A 1 10 ? 5.697   18.135  15.103  1.00 74.10  ? 10  C   A "O2'" 1 
ATOM   208  C  "C1'" . C   A 1 10 ? 6.214   17.276  12.937  1.00 73.73  ? 10  C   A "C1'" 1 
ATOM   209  N  N1    . C   A 1 10 ? 6.886   16.125  12.285  1.00 70.40  ? 10  C   A N1    1 
ATOM   210  C  C2    . C   A 1 10 ? 6.629   14.831  12.751  1.00 71.00  ? 10  C   A C2    1 
ATOM   211  O  O2    . C   A 1 10 ? 5.861   14.683  13.716  1.00 71.38  ? 10  C   A O2    1 
ATOM   212  N  N3    . C   A 1 10 ? 7.227   13.772  12.147  1.00 70.22  ? 10  C   A N3    1 
ATOM   213  C  C4    . C   A 1 10 ? 8.049   13.963  11.110  1.00 70.84  ? 10  C   A C4    1 
ATOM   214  N  N4    . C   A 1 10 ? 8.615   12.888  10.546  1.00 67.59  ? 10  C   A N4    1 
ATOM   215  C  C5    . C   A 1 10 ? 8.322   15.274  10.612  1.00 69.71  ? 10  C   A C5    1 
ATOM   216  C  C6    . C   A 1 10 ? 7.728   16.308  11.221  1.00 69.49  ? 10  C   A C6    1 
ATOM   217  P  P     . G   A 1 11 ? 9.727   19.395  15.642  1.00 83.37  ? 11  G   A P     1 
ATOM   218  O  OP1   . G   A 1 11 ? 9.766   19.953  17.020  1.00 79.42  ? 11  G   A OP1   1 
ATOM   219  O  OP2   . G   A 1 11 ? 10.520  20.027  14.546  1.00 80.44  ? 11  G   A OP2   1 
ATOM   220  O  "O5'" . G   A 1 11 ? 10.160  17.866  15.692  1.00 76.92  ? 11  G   A "O5'" 1 
ATOM   221  C  "C5'" . G   A 1 11 ? 10.509  17.258  16.920  1.00 77.71  ? 11  G   A "C5'" 1 
ATOM   222  C  "C4'" . G   A 1 11 ? 9.540   16.172  17.314  1.00 78.28  ? 11  G   A "C4'" 1 
ATOM   223  O  "O4'" . G   A 1 11 ? 8.702   15.787  16.185  1.00 76.47  ? 11  G   A "O4'" 1 
ATOM   224  C  "C3'" . G   A 1 11 ? 10.182  14.865  17.734  1.00 79.66  ? 11  G   A "C3'" 1 
ATOM   225  O  "O3'" . G   A 1 11 ? 10.766  14.895  19.024  1.00 82.46  ? 11  G   A "O3'" 1 
ATOM   226  C  "C2'" . G   A 1 11 ? 9.039   13.880  17.550  1.00 74.73  ? 11  G   A "C2'" 1 
ATOM   227  O  "O2'" . G   A 1 11 ? 8.068   14.044  18.572  1.00 73.10  ? 11  G   A "O2'" 1 
ATOM   228  C  "C1'" . G   A 1 11 ? 8.453   14.391  16.234  1.00 73.04  ? 11  G   A "C1'" 1 
ATOM   229  N  N9    . G   A 1 11 ? 9.156   13.760  15.102  1.00 70.37  ? 11  G   A N9    1 
ATOM   230  C  C8    . G   A 1 11 ? 10.078  14.344  14.261  1.00 72.53  ? 11  G   A C8    1 
ATOM   231  N  N7    . G   A 1 11 ? 10.574  13.520  13.367  1.00 70.33  ? 11  G   A N7    1 
ATOM   232  C  C5    . G   A 1 11 ? 9.948   12.306  13.644  1.00 70.44  ? 11  G   A C5    1 
ATOM   233  C  C6    . G   A 1 11 ? 10.076  11.035  13.009  1.00 67.00  ? 11  G   A C6    1 
ATOM   234  O  O6    . G   A 1 11 ? 10.800  10.732  12.049  1.00 64.24  ? 11  G   A O6    1 
ATOM   235  N  N1    . G   A 1 11 ? 9.260   10.066  13.602  1.00 64.71  ? 11  G   A N1    1 
ATOM   236  C  C2    . G   A 1 11 ? 8.425   10.300  14.676  1.00 67.17  ? 11  G   A C2    1 
ATOM   237  N  N2    . G   A 1 11 ? 7.708   9.250   15.117  1.00 64.45  ? 11  G   A N2    1 
ATOM   238  N  N3    . G   A 1 11 ? 8.297   11.483  15.276  1.00 69.87  ? 11  G   A N3    1 
ATOM   239  C  C4    . G   A 1 11 ? 9.080   12.436  14.717  1.00 69.64  ? 11  G   A C4    1 
ATOM   240  P  P     . G   A 1 12 ? 12.315  14.488  19.174  1.00 84.32  ? 12  G   A P     1 
ATOM   241  O  OP1   . G   A 1 12 ? 12.865  15.190  20.368  1.00 88.19  ? 12  G   A OP1   1 
ATOM   242  O  OP2   . G   A 1 12 ? 12.957  14.660  17.845  1.00 76.25  ? 12  G   A OP2   1 
ATOM   243  O  "O5'" . G   A 1 12 ? 12.251  12.929  19.477  1.00 75.24  ? 12  G   A "O5'" 1 
ATOM   244  C  "C5'" . G   A 1 12 ? 11.266  12.449  20.373  1.00 73.20  ? 12  G   A "C5'" 1 
ATOM   245  C  "C4'" . G   A 1 12 ? 10.801  11.054  20.040  1.00 70.57  ? 12  G   A "C4'" 1 
ATOM   246  O  "O4'" . G   A 1 12 ? 10.188  10.984  18.726  1.00 68.88  ? 12  G   A "O4'" 1 
ATOM   247  C  "C3'" . G   A 1 12 ? 11.848  9.968   19.973  1.00 66.39  ? 12  G   A "C3'" 1 
ATOM   248  O  "O3'" . G   A 1 12 ? 12.388  9.616   21.229  1.00 67.01  ? 12  G   A "O3'" 1 
ATOM   249  C  "C2'" . G   A 1 12 ? 11.071  8.854   19.287  1.00 64.95  ? 12  G   A "C2'" 1 
ATOM   250  O  "O2'" . G   A 1 12 ? 10.128  8.281   20.183  1.00 62.15  ? 12  G   A "O2'" 1 
ATOM   251  C  "C1'" . G   A 1 12 ? 10.297  9.655   18.241  1.00 63.47  ? 12  G   A "C1'" 1 
ATOM   252  N  N9    . G   A 1 12 ? 11.005  9.651   16.951  1.00 61.53  ? 12  G   A N9    1 
ATOM   253  C  C8    . G   A 1 12 ? 11.574  10.699  16.272  1.00 62.78  ? 12  G   A C8    1 
ATOM   254  N  N7    . G   A 1 12 ? 12.126  10.318  15.146  1.00 61.69  ? 12  G   A N7    1 
ATOM   255  C  C5    . G   A 1 12 ? 11.911  8.943   15.091  1.00 59.12  ? 12  G   A C5    1 
ATOM   256  C  C6    . G   A 1 12 ? 12.288  7.978   14.121  1.00 57.52  ? 12  G   A C6    1 
ATOM   257  O  O6    . G   A 1 12 ? 12.911  8.145   13.059  1.00 58.49  ? 12  G   A O6    1 
ATOM   258  N  N1    . G   A 1 12 ? 11.870  6.697   14.474  1.00 56.15  ? 12  G   A N1    1 
ATOM   259  C  C2    . G   A 1 12 ? 11.171  6.374   15.609  1.00 57.39  ? 12  G   A C2    1 
ATOM   260  N  N2    . G   A 1 12 ? 10.851  5.074   15.769  1.00 53.02  ? 12  G   A N2    1 
ATOM   261  N  N3    . G   A 1 12 ? 10.819  7.268   16.521  1.00 59.17  ? 12  G   A N3    1 
ATOM   262  C  C4    . G   A 1 12 ? 11.219  8.518   16.199  1.00 59.32  ? 12  G   A C4    1 
ATOM   263  P  P     . C   A 1 13 ? 13.952  9.269   21.331  1.00 68.07  ? 13  C   A P     1 
ATOM   264  O  OP1   . C   A 1 13 ? 14.361  9.241   22.758  1.00 68.26  ? 13  C   A OP1   1 
ATOM   265  O  OP2   . C   A 1 13 ? 14.645  10.173  20.374  1.00 61.64  ? 13  C   A OP2   1 
ATOM   266  O  "O5'" . C   A 1 13 ? 14.031  7.772   20.788  1.00 65.38  ? 13  C   A "O5'" 1 
ATOM   267  C  "C5'" . C   A 1 13 ? 13.104  6.788   21.227  1.00 63.57  ? 13  C   A "C5'" 1 
ATOM   268  C  "C4'" . C   A 1 13 ? 13.379  5.455   20.577  1.00 64.48  ? 13  C   A "C4'" 1 
ATOM   269  O  "O4'" . C   A 1 13 ? 12.814  5.422   19.236  1.00 62.56  ? 13  C   A "O4'" 1 
ATOM   270  C  "C3'" . C   A 1 13 ? 14.844  5.131   20.346  1.00 63.34  ? 13  C   A "C3'" 1 
ATOM   271  O  "O3'" . C   A 1 13 ? 15.535  4.720   21.508  1.00 66.29  ? 13  C   A "O3'" 1 
ATOM   272  C  "C2'" . C   A 1 13 ? 14.768  4.078   19.250  1.00 60.67  ? 13  C   A "C2'" 1 
ATOM   273  O  "O2'" . C   A 1 13 ? 14.323  2.837   19.784  1.00 59.33  ? 13  C   A "O2'" 1 
ATOM   274  C  "C1'" . C   A 1 13 ? 13.652  4.657   18.384  1.00 56.24  ? 13  C   A "C1'" 1 
ATOM   275  N  N1    . C   A 1 13 ? 14.193  5.542   17.328  1.00 51.96  ? 13  C   A N1    1 
ATOM   276  C  C2    . C   A 1 13 ? 14.528  4.990   16.089  1.00 54.99  ? 13  C   A C2    1 
ATOM   277  O  O2    . C   A 1 13 ? 14.356  3.769   15.913  1.00 55.73  ? 13  C   A O2    1 
ATOM   278  N  N3    . C   A 1 13 ? 15.026  5.791   15.112  1.00 52.76  ? 13  C   A N3    1 
ATOM   279  C  C4    . C   A 1 13 ? 15.199  7.100   15.345  1.00 52.15  ? 13  C   A C4    1 
ATOM   280  N  N4    . C   A 1 13 ? 15.691  7.877   14.371  1.00 52.06  ? 13  C   A N4    1 
ATOM   281  C  C5    . C   A 1 13 ? 14.871  7.676   16.593  1.00 50.85  ? 13  C   A C5    1 
ATOM   282  C  C6    . C   A 1 13 ? 14.376  6.873   17.539  1.00 53.66  ? 13  C   A C6    1 
ATOM   283  P  P     . G   A 1 14 ? 17.062  5.167   21.707  1.00 61.43  ? 14  G   A P     1 
ATOM   284  O  OP1   . G   A 1 14 ? 17.550  4.503   22.945  1.00 66.34  ? 14  G   A OP1   1 
ATOM   285  O  OP2   . G   A 1 14 ? 17.120  6.642   21.530  1.00 57.97  ? 14  G   A OP2   1 
ATOM   286  O  "O5'" . G   A 1 14 ? 17.831  4.473   20.500  1.00 61.50  ? 14  G   A "O5'" 1 
ATOM   287  C  "C5'" . G   A 1 14 ? 18.095  3.085   20.545  1.00 59.37  ? 14  G   A "C5'" 1 
ATOM   288  C  "C4'" . G   A 1 14 ? 18.735  2.579   19.275  1.00 56.62  ? 14  G   A "C4'" 1 
ATOM   289  O  "O4'" . G   A 1 14 ? 17.937  2.924   18.114  1.00 56.08  ? 14  G   A "O4'" 1 
ATOM   290  C  "C3'" . G   A 1 14 ? 20.107  3.110   18.908  1.00 54.41  ? 14  G   A "C3'" 1 
ATOM   291  O  "O3'" . G   A 1 14 ? 21.157  2.620   19.722  1.00 58.59  ? 14  G   A "O3'" 1 
ATOM   292  C  "C2'" . G   A 1 14 ? 20.207  2.678   17.448  1.00 54.69  ? 14  G   A "C2'" 1 
ATOM   293  O  "O2'" . G   A 1 14 ? 20.462  1.284   17.345  1.00 60.89  ? 14  G   A "O2'" 1 
ATOM   294  C  "C1'" . G   A 1 14 ? 18.777  2.946   16.970  1.00 53.11  ? 14  G   A "C1'" 1 
ATOM   295  N  N9    . G   A 1 14 ? 18.728  4.269   16.343  1.00 48.34  ? 14  G   A N9    1 
ATOM   296  C  C8    . G   A 1 14 ? 18.416  5.473   16.910  1.00 49.88  ? 14  G   A C8    1 
ATOM   297  N  N7    . G   A 1 14 ? 18.550  6.459   16.058  1.00 48.98  ? 14  G   A N7    1 
ATOM   298  C  C5    . G   A 1 14 ? 18.978  5.852   14.898  1.00 42.71  ? 14  G   A C5    1 
ATOM   299  C  C6    . G   A 1 14 ? 19.267  6.415   13.651  1.00 46.97  ? 14  G   A C6    1 
ATOM   300  O  O6    . G   A 1 14 ? 19.202  7.618   13.367  1.00 51.62  ? 14  G   A O6    1 
ATOM   301  N  N1    . G   A 1 14 ? 19.670  5.449   12.720  1.00 44.35  ? 14  G   A N1    1 
ATOM   302  C  C2    . G   A 1 14 ? 19.769  4.107   13.001  1.00 45.06  ? 14  G   A C2    1 
ATOM   303  N  N2    . G   A 1 14 ? 20.187  3.314   11.997  1.00 46.81  ? 14  G   A N2    1 
ATOM   304  N  N3    . G   A 1 14 ? 19.489  3.575   14.182  1.00 42.45  ? 14  G   A N3    1 
ATOM   305  C  C4    . G   A 1 14 ? 19.104  4.505   15.060  1.00 42.29  ? 14  G   A C4    1 
ATOM   306  P  P     . A   A 1 15 ? 22.236  3.630   20.369  1.00 61.32  ? 15  A   A P     1 
ATOM   307  O  OP1   . A   A 1 15 ? 23.162  2.757   21.134  1.00 58.93  ? 15  A   A OP1   1 
ATOM   308  O  OP2   . A   A 1 15 ? 21.559  4.789   21.018  1.00 53.64  ? 15  A   A OP2   1 
ATOM   309  O  "O5'" . A   A 1 15 ? 23.043  4.213   19.130  1.00 54.84  ? 15  A   A "O5'" 1 
ATOM   310  C  "C5'" . A   A 1 15 ? 24.150  5.076   19.323  1.00 51.68  ? 15  A   A "C5'" 1 
ATOM   311  C  "C4'" . A   A 1 15 ? 25.164  4.875   18.227  1.00 50.82  ? 15  A   A "C4'" 1 
ATOM   312  O  "O4'" . A   A 1 15 ? 25.865  3.629   18.433  1.00 54.26  ? 15  A   A "O4'" 1 
ATOM   313  C  "C3'" . A   A 1 15 ? 24.564  4.750   16.844  1.00 49.58  ? 15  A   A "C3'" 1 
ATOM   314  O  "O3'" . A   A 1 15 ? 24.378  6.012   16.260  1.00 50.24  ? 15  A   A "O3'" 1 
ATOM   315  C  "C2'" . A   A 1 15 ? 25.572  3.897   16.093  1.00 51.34  ? 15  A   A "C2'" 1 
ATOM   316  O  "O2'" . A   A 1 15 ? 26.628  4.703   15.601  1.00 53.71  ? 15  A   A "O2'" 1 
ATOM   317  C  "C1'" . A   A 1 15 ? 26.112  2.997   17.198  1.00 52.54  ? 15  A   A "C1'" 1 
ATOM   318  N  N9    . A   A 1 15 ? 25.471  1.667   17.230  1.00 51.42  ? 15  A   A N9    1 
ATOM   319  C  C8    . A   A 1 15 ? 24.491  1.261   18.103  1.00 52.18  ? 15  A   A C8    1 
ATOM   320  N  N7    . A   A 1 15 ? 24.132  0.014   17.931  1.00 52.81  ? 15  A   A N7    1 
ATOM   321  C  C5    . A   A 1 15 ? 24.938  -0.436  16.887  1.00 49.46  ? 15  A   A C5    1 
ATOM   322  C  C6    . A   A 1 15 ? 25.034  -1.682  16.226  1.00 51.24  ? 15  A   A C6    1 
ATOM   323  N  N6    . A   A 1 15 ? 24.280  -2.743  16.533  1.00 51.37  ? 15  A   A N6    1 
ATOM   324  N  N1    . A   A 1 15 ? 25.928  -1.806  15.221  1.00 48.55  ? 15  A   A N1    1 
ATOM   325  C  C2    . A   A 1 15 ? 26.669  -0.735  14.914  1.00 48.91  ? 15  A   A C2    1 
ATOM   326  N  N3    . A   A 1 15 ? 26.665  0.483   15.461  1.00 49.81  ? 15  A   A N3    1 
ATOM   327  C  C4    . A   A 1 15 ? 25.765  0.572   16.450  1.00 47.66  ? 15  A   A C4    1 
ATOM   328  P  P     . A   A 1 16 ? 23.173  6.228   15.242  1.00 50.76  ? 16  A   A P     1 
ATOM   329  O  OP1   . A   A 1 16 ? 23.195  7.662   14.839  1.00 57.97  ? 16  A   A OP1   1 
ATOM   330  O  OP2   . A   A 1 16 ? 21.963  5.649   15.881  1.00 46.32  ? 16  A   A OP2   1 
ATOM   331  O  "O5'" . A   A 1 16 ? 23.625  5.420   13.953  1.00 47.27  ? 16  A   A "O5'" 1 
ATOM   332  C  "C5'" . A   A 1 16 ? 24.744  5.858   13.201  1.00 52.22  ? 16  A   A "C5'" 1 
ATOM   333  C  "C4'" . A   A 1 16 ? 25.051  4.910   12.068  1.00 52.27  ? 16  A   A "C4'" 1 
ATOM   334  O  "O4'" . A   A 1 16 ? 25.488  3.637   12.603  1.00 50.58  ? 16  A   A "O4'" 1 
ATOM   335  C  "C3'" . A   A 1 16 ? 23.877  4.555   11.181  1.00 47.36  ? 16  A   A "C3'" 1 
ATOM   336  O  "O3'" . A   A 1 16 ? 23.649  5.520   10.174  1.00 47.28  ? 16  A   A "O3'" 1 
ATOM   337  C  "C2'" . A   A 1 16 ? 24.265  3.195   10.634  1.00 47.51  ? 16  A   A "C2'" 1 
ATOM   338  O  "O2'" . A   A 1 16 ? 25.217  3.335   9.590   1.00 53.36  ? 16  A   A "O2'" 1 
ATOM   339  C  "C1'" . A   A 1 16 ? 24.975  2.585   11.830  1.00 44.81  ? 16  A   A "C1'" 1 
ATOM   340  N  N9    . A   A 1 16 ? 24.069  1.818   12.685  1.00 45.64  ? 16  A   A N9    1 
ATOM   341  C  C8    . A   A 1 16 ? 23.181  2.301   13.606  1.00 48.01  ? 16  A   A C8    1 
ATOM   342  N  N7    . A   A 1 16 ? 22.526  1.352   14.230  1.00 49.52  ? 16  A   A N7    1 
ATOM   343  C  C5    . A   A 1 16 ? 23.045  0.179   13.678  1.00 48.38  ? 16  A   A C5    1 
ATOM   344  C  C6    . A   A 1 16 ? 22.772  -1.175  13.910  1.00 48.75  ? 16  A   A C6    1 
ATOM   345  N  N6    . A   A 1 16 ? 21.868  -1.595  14.803  1.00 50.72  ? 16  A   A N6    1 
ATOM   346  N  N1    . A   A 1 16 ? 23.465  -2.082  13.191  1.00 49.29  ? 16  A   A N1    1 
ATOM   347  C  C2    . A   A 1 16 ? 24.361  -1.666  12.294  1.00 46.23  ? 16  A   A C2    1 
ATOM   348  N  N3    . A   A 1 16 ? 24.702  -0.422  11.989  1.00 48.01  ? 16  A   A N3    1 
ATOM   349  C  C4    . A   A 1 16 ? 23.996  0.453   12.725  1.00 47.34  ? 16  A   A C4    1 
ATOM   350  P  P     . A   A 1 17 ? 22.222  5.569   9.453   1.00 50.90  ? 17  A   A P     1 
ATOM   351  O  OP1   . A   A 1 17 ? 22.240  6.757   8.553   1.00 52.66  ? 17  A   A OP1   1 
ATOM   352  O  OP2   . A   A 1 17 ? 21.160  5.437   10.503  1.00 46.39  ? 17  A   A OP2   1 
ATOM   353  O  "O5'" . A   A 1 17 ? 22.246  4.275   8.521   1.00 50.87  ? 17  A   A "O5'" 1 
ATOM   354  C  "C5'" . A   A 1 17 ? 23.136  4.209   7.411   1.00 49.57  ? 17  A   A "C5'" 1 
ATOM   355  C  "C4'" . A   A 1 17 ? 23.040  2.884   6.690   1.00 47.18  ? 17  A   A "C4'" 1 
ATOM   356  O  "O4'" . A   A 1 17 ? 23.395  1.807   7.586   1.00 50.09  ? 17  A   A "O4'" 1 
ATOM   357  C  "C3'" . A   A 1 17 ? 21.668  2.499   6.183   1.00 44.80  ? 17  A   A "C3'" 1 
ATOM   358  O  "O3'" . A   A 1 17 ? 21.383  3.093   4.940   1.00 49.31  ? 17  A   A "O3'" 1 
ATOM   359  C  "C2'" . A   A 1 17 ? 21.758  0.990   6.097   1.00 46.54  ? 17  A   A "C2'" 1 
ATOM   360  O  "O2'" . A   A 1 17 ? 22.491  0.616   4.942   1.00 54.85  ? 17  A   A "O2'" 1 
ATOM   361  C  "C1'" . A   A 1 17 ? 22.616  0.671   7.307   1.00 44.36  ? 17  A   A "C1'" 1 
ATOM   362  N  N9    . A   A 1 17 ? 21.831  0.364   8.502   1.00 43.36  ? 17  A   A N9    1 
ATOM   363  C  C8    . A   A 1 17 ? 21.037  1.192   9.244   1.00 46.27  ? 17  A   A C8    1 
ATOM   364  N  N7    . A   A 1 17 ? 20.509  0.593   10.283  1.00 45.70  ? 17  A   A N7    1 
ATOM   365  C  C5    . A   A 1 17 ? 21.015  -0.699  10.227  1.00 44.19  ? 17  A   A C5    1 
ATOM   366  C  C6    . A   A 1 17 ? 20.850  -1.834  11.044  1.00 47.19  ? 17  A   A C6    1 
ATOM   367  N  N6    . A   A 1 17 ? 20.083  -1.879  12.138  1.00 46.61  ? 17  A   A N6    1 
ATOM   368  N  N1    . A   A 1 17 ? 21.513  -2.960  10.687  1.00 50.00  ? 17  A   A N1    1 
ATOM   369  C  C2    . A   A 1 17 ? 22.288  -2.946  9.593   1.00 45.71  ? 17  A   A C2    1 
ATOM   370  N  N3    . A   A 1 17 ? 22.523  -1.948  8.748   1.00 46.57  ? 17  A   A N3    1 
ATOM   371  C  C4    . A   A 1 17 ? 21.845  -0.844  9.134   1.00 46.21  ? 17  A   A C4    1 
ATOM   372  P  P     . G   A 1 18 ? 19.866  3.440   4.552   1.00 56.36  ? 18  G   A P     1 
ATOM   373  O  OP1   . G   A 1 18 ? 19.897  3.545   3.060   1.00 52.27  ? 18  G   A OP1   1 
ATOM   374  O  OP2   . G   A 1 18 ? 19.371  4.567   5.389   1.00 53.79  ? 18  G   A OP2   1 
ATOM   375  O  "O5'" . G   A 1 18 ? 19.055  2.157   5.031   1.00 50.42  ? 18  G   A "O5'" 1 
ATOM   376  C  "C5'" . G   A 1 18 ? 17.709  2.245   5.461   1.00 46.89  ? 18  G   A "C5'" 1 
ATOM   377  C  "C4'" . G   A 1 18 ? 17.417  1.225   6.534   1.00 45.36  ? 18  G   A "C4'" 1 
ATOM   378  O  "O4'" . G   A 1 18 ? 18.237  1.511   7.697   1.00 48.97  ? 18  G   A "O4'" 1 
ATOM   379  C  "C3'" . G   A 1 18 ? 15.987  1.246   7.047   1.00 46.98  ? 18  G   A "C3'" 1 
ATOM   380  O  "O3'" . G   A 1 18 ? 15.141  0.408   6.290   1.00 48.55  ? 18  G   A "O3'" 1 
ATOM   381  C  "C2'" . G   A 1 18 ? 16.121  0.821   8.506   1.00 49.17  ? 18  G   A "C2'" 1 
ATOM   382  O  "O2'" . G   A 1 18 ? 16.212  -0.592  8.610   1.00 50.35  ? 18  G   A "O2'" 1 
ATOM   383  C  "C1'" . G   A 1 18 ? 17.465  1.436   8.879   1.00 49.12  ? 18  G   A "C1'" 1 
ATOM   384  N  N9    . G   A 1 18 ? 17.312  2.810   9.420   1.00 45.80  ? 18  G   A N9    1 
ATOM   385  C  C8    . G   A 1 18 ? 17.609  3.968   8.742   1.00 46.82  ? 18  G   A C8    1 
ATOM   386  N  N7    . G   A 1 18 ? 17.382  5.059   9.433   1.00 48.42  ? 18  G   A N7    1 
ATOM   387  C  C5    . G   A 1 18 ? 16.896  4.600   10.649  1.00 46.31  ? 18  G   A C5    1 
ATOM   388  C  C6    . G   A 1 18 ? 16.489  5.333   11.792  1.00 46.35  ? 18  G   A C6    1 
ATOM   389  O  O6    . G   A 1 18 ? 16.471  6.563   11.951  1.00 47.17  ? 18  G   A O6    1 
ATOM   390  N  N1    . G   A 1 18 ? 16.072  4.489   12.813  1.00 45.42  ? 18  G   A N1    1 
ATOM   391  C  C2    . G   A 1 18 ? 16.064  3.117   12.731  1.00 45.45  ? 18  G   A C2    1 
ATOM   392  N  N2    . G   A 1 18 ? 15.636  2.459   13.819  1.00 46.85  ? 18  G   A N2    1 
ATOM   393  N  N3    . G   A 1 18 ? 16.443  2.429   11.673  1.00 43.49  ? 18  G   A N3    1 
ATOM   394  C  C4    . G   A 1 18 ? 16.844  3.221   10.661  1.00 44.40  ? 18  G   A C4    1 
ATOM   395  P  P     . U   A 1 19 ? 13.594  0.782   6.099   1.00 49.92  ? 19  U   A P     1 
ATOM   396  O  OP1   . U   A 1 19 ? 12.934  -0.360  5.412   1.00 52.81  ? 19  U   A OP1   1 
ATOM   397  O  OP2   . U   A 1 19 ? 13.564  2.137   5.476   1.00 46.19  ? 19  U   A OP2   1 
ATOM   398  O  "O5'" . U   A 1 19 ? 13.021  0.849   7.583   1.00 43.00  ? 19  U   A "O5'" 1 
ATOM   399  C  "C5'" . U   A 1 19 ? 12.832  -0.324  8.359   1.00 44.34  ? 19  U   A "C5'" 1 
ATOM   400  C  "C4'" . U   A 1 19 ? 12.390  0.046   9.751   1.00 49.99  ? 19  U   A "C4'" 1 
ATOM   401  O  "O4'" . U   A 1 19 ? 13.351  0.965   10.319  1.00 52.10  ? 19  U   A "O4'" 1 
ATOM   402  C  "C3'" . U   A 1 19 ? 11.071  0.790   9.829   1.00 53.05  ? 19  U   A "C3'" 1 
ATOM   403  O  "O3'" . U   A 1 19 ? 9.973   -0.100  9.843   1.00 52.27  ? 19  U   A "O3'" 1 
ATOM   404  C  "C2'" . U   A 1 19 ? 11.210  1.629   11.104  1.00 50.73  ? 19  U   A "C2'" 1 
ATOM   405  O  "O2'" . U   A 1 19 ? 10.874  0.878   12.258  1.00 56.78  ? 19  U   A "O2'" 1 
ATOM   406  C  "C1'" . U   A 1 19 ? 12.708  1.907   11.144  1.00 45.89  ? 19  U   A "C1'" 1 
ATOM   407  N  N1    . U   A 1 19 ? 13.060  3.250   10.651  1.00 46.45  ? 19  U   A N1    1 
ATOM   408  C  C2    . U   A 1 19 ? 12.933  4.327   11.518  1.00 49.04  ? 19  U   A C2    1 
ATOM   409  O  O2    . U   A 1 19 ? 12.516  4.229   12.671  1.00 48.10  ? 19  U   A O2    1 
ATOM   410  N  N3    . U   A 1 19 ? 13.305  5.537   10.972  1.00 47.31  ? 19  U   A N3    1 
ATOM   411  C  C4    . U   A 1 19 ? 13.781  5.754   9.688   1.00 47.53  ? 19  U   A C4    1 
ATOM   412  O  O4    . U   A 1 19 ? 14.072  6.902   9.342   1.00 46.89  ? 19  U   A O4    1 
ATOM   413  C  C5    . U   A 1 19 ? 13.892  4.587   8.860   1.00 46.78  ? 19  U   A C5    1 
ATOM   414  C  C6    . U   A 1 19 ? 13.533  3.399   9.364   1.00 46.96  ? 19  U   A C6    1 
ATOM   415  P  P     . C   A 1 20 ? 8.483   0.423   9.563   1.00 52.09  ? 20  C   A P     1 
ATOM   416  O  OP1   . C   A 1 20 ? 7.670   -0.818  9.508   1.00 58.13  ? 20  C   A OP1   1 
ATOM   417  O  OP2   . C   A 1 20 ? 8.494   1.381   8.421   1.00 49.70  ? 20  C   A OP2   1 
ATOM   418  O  "O5'" . C   A 1 20 ? 8.080   1.210   10.892  1.00 53.00  ? 20  C   A "O5'" 1 
ATOM   419  C  "C5'" . C   A 1 20 ? 7.799   0.503   12.093  1.00 54.90  ? 20  C   A "C5'" 1 
ATOM   420  C  "C4'" . C   A 1 20 ? 7.318   1.425   13.186  1.00 54.73  ? 20  C   A "C4'" 1 
ATOM   421  O  "O4'" . C   A 1 20 ? 8.364   2.370   13.533  1.00 56.03  ? 20  C   A "O4'" 1 
ATOM   422  C  "C3'" . C   A 1 20 ? 6.126   2.296   12.829  1.00 55.23  ? 20  C   A "C3'" 1 
ATOM   423  O  "O3'" . C   A 1 20 ? 4.900   1.609   12.993  1.00 55.61  ? 20  C   A "O3'" 1 
ATOM   424  C  "C2'" . C   A 1 20 ? 6.282   3.497   13.759  1.00 58.24  ? 20  C   A "C2'" 1 
ATOM   425  O  "O2'" . C   A 1 20 ? 5.765   3.206   15.052  1.00 55.66  ? 20  C   A "O2'" 1 
ATOM   426  C  "C1'" . C   A 1 20 ? 7.802   3.625   13.853  1.00 51.96  ? 20  C   A "C1'" 1 
ATOM   427  N  N1    . C   A 1 20 ? 8.363   4.627   12.919  1.00 51.01  ? 20  C   A N1    1 
ATOM   428  C  C2    . C   A 1 20 ? 8.460   5.964   13.308  1.00 58.04  ? 20  C   A C2    1 
ATOM   429  O  O2    . C   A 1 20 ? 8.030   6.301   14.426  1.00 62.44  ? 20  C   A O2    1 
ATOM   430  N  N3    . C   A 1 20 ? 9.004   6.868   12.461  1.00 57.02  ? 20  C   A N3    1 
ATOM   431  C  C4    . C   A 1 20 ? 9.457   6.473   11.272  1.00 54.87  ? 20  C   A C4    1 
ATOM   432  N  N4    . C   A 1 20 ? 9.991   7.393   10.466  1.00 56.81  ? 20  C   A N4    1 
ATOM   433  C  C5    . C   A 1 20 ? 9.387   5.122   10.853  1.00 51.28  ? 20  C   A C5    1 
ATOM   434  C  C6    . C   A 1 20 ? 8.849   4.242   11.704  1.00 53.65  ? 20  C   A C6    1 
ATOM   435  P  P     . G   A 1 21 ? 3.683   1.867   11.979  1.00 49.01  ? 21  G   A P     1 
ATOM   436  O  OP1   . G   A 1 21 ? 2.643   0.883   12.348  1.00 50.53  ? 21  G   A OP1   1 
ATOM   437  O  OP2   . G   A 1 21 ? 4.210   2.033   10.595  1.00 46.95  ? 21  G   A OP2   1 
ATOM   438  O  "O5'" . G   A 1 21 ? 3.160   3.314   12.369  1.00 58.95  ? 21  G   A "O5'" 1 
ATOM   439  C  "C5'" . G   A 1 21 ? 2.534   3.564   13.620  1.00 58.87  ? 21  G   A "C5'" 1 
ATOM   440  C  "C4'" . G   A 1 21 ? 2.124   5.008   13.720  1.00 55.20  ? 21  G   A "C4'" 1 
ATOM   441  O  "O4'" . G   A 1 21 ? 3.323   5.839   13.671  1.00 59.57  ? 21  G   A "O4'" 1 
ATOM   442  C  "C3'" . G   A 1 21 ? 1.223   5.497   12.577  1.00 56.45  ? 21  G   A "C3'" 1 
ATOM   443  O  "O3'" . G   A 1 21 ? 0.274   6.453   13.070  1.00 60.43  ? 21  G   A "O3'" 1 
ATOM   444  C  "C2'" . G   A 1 21 ? 2.221   6.205   11.664  1.00 57.77  ? 21  G   A "C2'" 1 
ATOM   445  O  "O2'" . G   A 1 21 ? 1.676   7.160   10.780  1.00 62.48  ? 21  G   A "O2'" 1 
ATOM   446  C  "C1'" . G   A 1 21 ? 3.130   6.841   12.699  1.00 63.32  ? 21  G   A "C1'" 1 
ATOM   447  N  N9    . G   A 1 21 ? 4.392   7.378   12.176  1.00 60.22  ? 21  G   A N9    1 
ATOM   448  C  C8    . G   A 1 21 ? 5.261   6.848   11.254  1.00 59.83  ? 21  G   A C8    1 
ATOM   449  N  N7    . G   A 1 21 ? 6.260   7.639   10.970  1.00 58.27  ? 21  G   A N7    1 
ATOM   450  C  C5    . G   A 1 21 ? 6.021   8.774   11.736  1.00 63.70  ? 21  G   A C5    1 
ATOM   451  C  C6    . G   A 1 21 ? 6.757   9.990   11.860  1.00 66.88  ? 21  G   A C6    1 
ATOM   452  O  O6    . G   A 1 21 ? 7.812   10.304  11.290  1.00 65.73  ? 21  G   A O6    1 
ATOM   453  N  N1    . G   A 1 21 ? 6.154   10.882  12.757  1.00 65.30  ? 21  G   A N1    1 
ATOM   454  C  C2    . G   A 1 21 ? 4.997   10.625  13.446  1.00 64.65  ? 21  G   A C2    1 
ATOM   455  N  N2    . G   A 1 21 ? 4.556   11.589  14.256  1.00 63.41  ? 21  G   A N2    1 
ATOM   456  N  N3    . G   A 1 21 ? 4.299   9.501   13.334  1.00 68.64  ? 21  G   A N3    1 
ATOM   457  C  C4    . G   A 1 21 ? 4.868   8.624   12.475  1.00 62.35  ? 21  G   A C4    1 
ATOM   458  P  P     . C   A 1 22 ? -1.300  6.082   13.199  1.00 64.33  ? 22  C   A P     1 
ATOM   459  O  OP1   . C   A 1 22 ? -2.002  7.183   13.914  1.00 64.10  ? 22  C   A OP1   1 
ATOM   460  O  OP2   . C   A 1 22 ? -1.430  4.694   13.735  1.00 58.64  ? 22  C   A OP2   1 
ATOM   461  O  "O5'" . C   A 1 22 ? -1.823  6.080   11.696  1.00 57.86  ? 22  C   A "O5'" 1 
ATOM   462  C  "C5'" . C   A 1 22 ? -1.857  4.866   10.955  1.00 58.12  ? 22  C   A "C5'" 1 
ATOM   463  C  "C4'" . C   A 1 22 ? -1.827  5.127   9.476   1.00 55.54  ? 22  C   A "C4'" 1 
ATOM   464  O  "O4'" . C   A 1 22 ? -2.980  5.946   9.155   1.00 57.71  ? 22  C   A "O4'" 1 
ATOM   465  C  "C3'" . C   A 1 22 ? -0.595  5.878   8.970   1.00 51.64  ? 22  C   A "C3'" 1 
ATOM   466  O  "O3'" . C   A 1 22 ? -0.137  5.340   7.731   1.00 52.06  ? 22  C   A "O3'" 1 
ATOM   467  C  "C2'" . C   A 1 22 ? -1.106  7.300   8.753   1.00 56.44  ? 22  C   A "C2'" 1 
ATOM   468  O  "O2'" . C   A 1 22 ? -0.470  7.982   7.698   1.00 59.33  ? 22  C   A "O2'" 1 
ATOM   469  C  "C1'" . C   A 1 22 ? -2.580  7.084   8.433   1.00 57.32  ? 22  C   A "C1'" 1 
ATOM   470  N  N1    . C   A 1 22 ? -3.426  8.215   8.848   1.00 57.04  ? 22  C   A N1    1 
ATOM   471  C  C2    . C   A 1 22 ? -3.652  9.247   7.933   1.00 60.68  ? 22  C   A C2    1 
ATOM   472  O  O2    . C   A 1 22 ? -3.152  9.164   6.800   1.00 62.23  ? 22  C   A O2    1 
ATOM   473  N  N3    . C   A 1 22 ? -4.403  10.312  8.295   1.00 61.23  ? 22  C   A N3    1 
ATOM   474  C  C4    . C   A 1 22 ? -4.922  10.367  9.515   1.00 59.40  ? 22  C   A C4    1 
ATOM   475  N  N4    . C   A 1 22 ? -5.654  11.435  9.801   1.00 60.94  ? 22  C   A N4    1 
ATOM   476  C  C5    . C   A 1 22 ? -4.717  9.338   10.482  1.00 60.35  ? 22  C   A C5    1 
ATOM   477  C  C6    . C   A 1 22 ? -3.961  8.292   10.103  1.00 60.21  ? 22  C   A C6    1 
ATOM   478  P  P     . C   A 1 23 ? 1.166   4.392   7.686   1.00 49.18  ? 23  C   A P     1 
ATOM   479  O  OP1   . C   A 1 23 ? 2.376   5.206   7.923   1.00 58.33  ? 23  C   A OP1   1 
ATOM   480  O  OP2   . C   A 1 23 ? 1.144   3.565   6.463   1.00 51.42  ? 23  C   A OP2   1 
ATOM   481  O  "O5'" . C   A 1 23 ? 0.938   3.378   8.898   1.00 49.82  ? 23  C   A "O5'" 1 
ATOM   482  C  "C5'" . C   A 1 23 ? 0.700   1.997   8.653   1.00 49.98  ? 23  C   A "C5'" 1 
ATOM   483  C  "C4'" . C   A 1 23 ? 0.551   1.225   9.942   1.00 50.24  ? 23  C   A "C4'" 1 
ATOM   484  O  "O4'" . C   A 1 23 ? -0.495  1.813   10.746  1.00 53.52  ? 23  C   A "O4'" 1 
ATOM   485  C  "C3'" . C   A 1 23 ? 0.137   -0.231  9.823   1.00 48.81  ? 23  C   A "C3'" 1 
ATOM   486  O  "O3'" . C   A 1 23 ? 1.224   -1.079  9.478   1.00 52.68  ? 23  C   A "O3'" 1 
ATOM   487  C  "C2'" . C   A 1 23 ? -0.468  -0.526  11.198  1.00 53.07  ? 23  C   A "C2'" 1 
ATOM   488  O  "O2'" . C   A 1 23 ? 0.523   -0.890  12.143  1.00 55.31  ? 23  C   A "O2'" 1 
ATOM   489  C  "C1'" . C   A 1 23 ? -1.032  0.837   11.611  1.00 51.47  ? 23  C   A "C1'" 1 
ATOM   490  N  N1    . C   A 1 23 ? -2.511  0.886   11.596  1.00 48.77  ? 23  C   A N1    1 
ATOM   491  C  C2    . C   A 1 23 ? -3.183  0.259   12.650  1.00 51.72  ? 23  C   A C2    1 
ATOM   492  O  O2    . C   A 1 23 ? -2.537  -0.318  13.535  1.00 53.85  ? 23  C   A O2    1 
ATOM   493  N  N3    . C   A 1 23 ? -4.529  0.271   12.690  1.00 54.39  ? 23  C   A N3    1 
ATOM   494  C  C4    . C   A 1 23 ? -5.221  0.887   11.729  1.00 55.27  ? 23  C   A C4    1 
ATOM   495  N  N4    . C   A 1 23 ? -6.559  0.857   11.827  1.00 55.73  ? 23  C   A N4    1 
ATOM   496  C  C5    . C   A 1 23 ? -4.565  1.552   10.643  1.00 51.74  ? 23  C   A C5    1 
ATOM   497  C  C6    . C   A 1 23 ? -3.219  1.526   10.620  1.00 51.38  ? 23  C   A C6    1 
ATOM   498  P  P     . A   A 1 24 ? 1.016   -2.404  8.568   1.00 55.73  ? 24  A   A P     1 
ATOM   499  O  OP1   . A   A 1 24 ? 2.323   -3.088  8.458   1.00 56.47  ? 24  A   A OP1   1 
ATOM   500  O  OP2   . A   A 1 24 ? 0.355   -2.106  7.272   1.00 49.71  ? 24  A   A OP2   1 
ATOM   501  O  "O5'" . A   A 1 24 ? 0.170   -3.357  9.513   1.00 54.54  ? 24  A   A "O5'" 1 
ATOM   502  C  "C5'" . A   A 1 24 ? 0.872   -4.275  10.331  1.00 57.05  ? 24  A   A "C5'" 1 
ATOM   503  C  "C4'" . A   A 1 24 ? 0.101   -4.692  11.557  1.00 58.95  ? 24  A   A "C4'" 1 
ATOM   504  O  "O4'" . A   A 1 24 ? -0.713  -3.612  12.072  1.00 55.77  ? 24  A   A "O4'" 1 
ATOM   505  C  "C3'" . A   A 1 24 ? -0.903  -5.802  11.394  1.00 60.63  ? 24  A   A "C3'" 1 
ATOM   506  O  "O3'" . A   A 1 24 ? -0.328  -7.071  11.163  1.00 63.83  ? 24  A   A "O3'" 1 
ATOM   507  C  "C2'" . A   A 1 24 ? -1.701  -5.674  12.685  1.00 61.75  ? 24  A   A "C2'" 1 
ATOM   508  O  "O2'" . A   A 1 24 ? -0.938  -6.114  13.799  1.00 64.86  ? 24  A   A "O2'" 1 
ATOM   509  C  "C1'" . A   A 1 24 ? -1.803  -4.161  12.792  1.00 56.33  ? 24  A   A "C1'" 1 
ATOM   510  N  N9    . A   A 1 24 ? -3.065  -3.651  12.237  1.00 59.21  ? 24  A   A N9    1 
ATOM   511  C  C8    . A   A 1 24 ? -3.295  -2.979  11.056  1.00 55.60  ? 24  A   A C8    1 
ATOM   512  N  N7    . A   A 1 24 ? -4.552  -2.642  10.903  1.00 52.67  ? 24  A   A N7    1 
ATOM   513  C  C5    . A   A 1 24 ? -5.178  -3.122  12.055  1.00 53.50  ? 24  A   A C5    1 
ATOM   514  C  C6    . A   A 1 24 ? -6.513  -3.097  12.504  1.00 56.14  ? 24  A   A C6    1 
ATOM   515  N  N6    . A   A 1 24 ? -7.518  -2.546  11.816  1.00 55.29  ? 24  A   A N6    1 
ATOM   516  N  N1    . A   A 1 24 ? -6.789  -3.675  13.697  1.00 57.66  ? 24  A   A N1    1 
ATOM   517  C  C2    . A   A 1 24 ? -5.777  -4.237  14.380  1.00 59.49  ? 24  A   A C2    1 
ATOM   518  N  N3    . A   A 1 24 ? -4.484  -4.327  14.061  1.00 57.23  ? 24  A   A N3    1 
ATOM   519  C  C4    . A   A 1 24 ? -4.265  -3.747  12.877  1.00 53.55  ? 24  A   A C4    1 
ATOM   520  P  P     . C   A 1 25 ? -1.004  -8.008  10.044  1.00 71.50  ? 25  C   A P     1 
ATOM   521  O  OP1   . C   A 1 25 ? 0.042   -8.893  9.469   1.00 66.30  ? 25  C   A OP1   1 
ATOM   522  O  OP2   . C   A 1 25 ? -1.809  -7.125  9.146   1.00 68.22  ? 25  C   A OP2   1 
ATOM   523  O  "O5'" . C   A 1 25 ? -2.052  -8.866  10.876  1.00 63.30  ? 25  C   A "O5'" 1 
ATOM   524  C  "C5'" . C   A 1 25 ? -1.655  -9.508  12.072  1.00 62.70  ? 25  C   A "C5'" 1 
ATOM   525  C  "C4'" . C   A 1 25 ? -2.800  -9.605  13.040  1.00 60.67  ? 25  C   A "C4'" 1 
ATOM   526  O  "O4'" . C   A 1 25 ? -3.420  -8.307  13.196  1.00 62.67  ? 25  C   A "O4'" 1 
ATOM   527  C  "C3'" . C   A 1 25 ? -3.954  -10.491 12.619  1.00 59.89  ? 25  C   A "C3'" 1 
ATOM   528  O  "O3'" . C   A 1 25 ? -3.686  -11.874 12.768  1.00 63.40  ? 25  C   A "O3'" 1 
ATOM   529  C  "C2'" . C   A 1 25 ? -5.090  -9.980  13.495  1.00 64.11  ? 25  C   A "C2'" 1 
ATOM   530  O  "O2'" . C   A 1 25 ? -4.980  -10.497 14.812  1.00 69.31  ? 25  C   A "O2'" 1 
ATOM   531  C  "C1'" . C   A 1 25 ? -4.781  -8.478  13.554  1.00 63.21  ? 25  C   A "C1'" 1 
ATOM   532  N  N1    . C   A 1 25 ? -5.664  -7.658  12.681  1.00 59.30  ? 25  C   A N1    1 
ATOM   533  C  C2    . C   A 1 25 ? -7.012  -7.561  13.040  1.00 62.20  ? 25  C   A C2    1 
ATOM   534  O  O2    . C   A 1 25 ? -7.411  -8.169  14.048  1.00 65.65  ? 25  C   A O2    1 
ATOM   535  N  N3    . C   A 1 25 ? -7.866  -6.827  12.282  1.00 62.94  ? 25  C   A N3    1 
ATOM   536  C  C4    . C   A 1 25 ? -7.417  -6.184  11.200  1.00 60.72  ? 25  C   A C4    1 
ATOM   537  N  N4    . C   A 1 25 ? -8.306  -5.473  10.496  1.00 60.92  ? 25  C   A N4    1 
ATOM   538  C  C5    . C   A 1 25 ? -6.047  -6.252  10.805  1.00 55.03  ? 25  C   A C5    1 
ATOM   539  C  C6    . C   A 1 25 ? -5.221  -6.987  11.568  1.00 59.87  ? 25  C   A C6    1 
ATOM   540  P  P     . U   A 1 26 ? -4.247  -12.918 11.672  1.00 68.28  ? 26  U   A P     1 
ATOM   541  O  OP1   . U   A 1 26 ? -3.603  -14.242 11.851  1.00 60.49  ? 26  U   A OP1   1 
ATOM   542  O  OP2   . U   A 1 26 ? -4.097  -12.292 10.329  1.00 62.81  ? 26  U   A OP2   1 
ATOM   543  O  "O5'" . U   A 1 26 ? -5.789  -13.076 12.080  1.00 64.04  ? 26  U   A "O5'" 1 
ATOM   544  C  "C5'" . U   A 1 26 ? -6.158  -13.954 13.137  1.00 61.03  ? 26  U   A "C5'" 1 
ATOM   545  C  "C4'" . U   A 1 26 ? -7.621  -13.857 13.512  1.00 61.27  ? 26  U   A "C4'" 1 
ATOM   546  O  "O4'" . U   A 1 26 ? -7.995  -12.482 13.743  1.00 63.15  ? 26  U   A "O4'" 1 
ATOM   547  C  "C3'" . U   A 1 26 ? -8.644  -14.336 12.495  1.00 61.14  ? 26  U   A "C3'" 1 
ATOM   548  O  "O3'" . U   A 1 26 ? -8.763  -15.744 12.451  1.00 62.09  ? 26  U   A "O3'" 1 
ATOM   549  C  "C2'" . U   A 1 26 ? -9.914  -13.648 12.972  1.00 61.06  ? 26  U   A "C2'" 1 
ATOM   550  O  "O2'" . U   A 1 26 ? -10.441 -14.321 14.104  1.00 65.84  ? 26  U   A "O2'" 1 
ATOM   551  C  "C1'" . U   A 1 26 ? -9.368  -12.307 13.452  1.00 60.90  ? 26  U   A "C1'" 1 
ATOM   552  N  N1    . U   A 1 26 ? -9.512  -11.239 12.440  1.00 61.72  ? 26  U   A N1    1 
ATOM   553  C  C2    . U   A 1 26 ? -10.713 -10.568 12.407  1.00 61.06  ? 26  U   A C2    1 
ATOM   554  O  O2    . U   A 1 26 ? -11.631 -10.829 13.162  1.00 63.97  ? 26  U   A O2    1 
ATOM   555  N  N3    . U   A 1 26 ? -10.794 -9.569  11.470  1.00 61.06  ? 26  U   A N3    1 
ATOM   556  C  C4    . U   A 1 26 ? -9.803  -9.190  10.586  1.00 62.02  ? 26  U   A C4    1 
ATOM   557  O  O4    . U   A 1 26 ? -10.024 -8.271  9.798   1.00 63.24  ? 26  U   A O4    1 
ATOM   558  C  C5    . U   A 1 26 ? -8.584  -9.935  10.677  1.00 62.51  ? 26  U   A C5    1 
ATOM   559  C  C6    . U   A 1 26 ? -8.482  -10.911 11.586  1.00 64.26  ? 26  U   A C6    1 
ATOM   560  P  P     . U   A 1 27 ? -8.878  -16.494 11.036  1.00 64.68  ? 27  U   A P     1 
ATOM   561  O  OP1   . U   A 1 27 ? -8.549  -17.936 11.221  1.00 58.85  ? 27  U   A OP1   1 
ATOM   562  O  OP2   . U   A 1 27 ? -8.051  -15.737 10.065  1.00 61.42  ? 27  U   A OP2   1 
ATOM   563  O  "O5'" . U   A 1 27 ? -10.420 -16.296 10.650  1.00 63.97  ? 27  U   A "O5'" 1 
ATOM   564  C  "C5'" . U   A 1 27 ? -11.468 -16.714 11.520  1.00 58.81  ? 27  U   A "C5'" 1 
ATOM   565  C  "C4'" . U   A 1 27 ? -12.769 -16.009 11.211  1.00 55.83  ? 27  U   A "C4'" 1 
ATOM   566  O  "O4'" . U   A 1 27 ? -12.594 -14.585 11.403  1.00 59.19  ? 27  U   A "O4'" 1 
ATOM   567  C  "C3'" . U   A 1 27 ? -13.285 -16.142 9.783   1.00 56.21  ? 27  U   A "C3'" 1 
ATOM   568  O  "O3'" . U   A 1 27 ? -14.043 -17.326 9.587   1.00 59.56  ? 27  U   A "O3'" 1 
ATOM   569  C  "C2'" . U   A 1 27 ? -14.092 -14.863 9.578   1.00 55.77  ? 27  U   A "C2'" 1 
ATOM   570  O  "O2'" . U   A 1 27 ? -15.401 -14.991 10.112  1.00 58.59  ? 27  U   A "O2'" 1 
ATOM   571  C  "C1'" . U   A 1 27 ? -13.325 -13.863 10.438  1.00 54.39  ? 27  U   A "C1'" 1 
ATOM   572  N  N1    . U   A 1 27 ? -12.368 -13.053 9.662   1.00 55.43  ? 27  U   A N1    1 
ATOM   573  C  C2    . U   A 1 27 ? -12.855 -11.950 9.023   1.00 55.47  ? 27  U   A C2    1 
ATOM   574  O  O2    . U   A 1 27 ? -14.034 -11.674 9.075   1.00 58.63  ? 27  U   A O2    1 
ATOM   575  N  N3    . U   A 1 27 ? -11.923 -11.211 8.335   1.00 54.87  ? 27  U   A N3    1 
ATOM   576  C  C4    . U   A 1 27 ? -10.566 -11.478 8.244   1.00 58.09  ? 27  U   A C4    1 
ATOM   577  O  O4    . U   A 1 27 ? -9.829  -10.737 7.589   1.00 60.06  ? 27  U   A O4    1 
ATOM   578  C  C5    . U   A 1 27 ? -10.132 -12.644 8.945   1.00 57.34  ? 27  U   A C5    1 
ATOM   579  C  C6    . U   A 1 27 ? -11.030 -13.369 9.620   1.00 59.68  ? 27  U   A C6    1 
ATOM   580  P  P     . C   A 1 28 ? -14.015 -18.095 8.171   1.00 57.89  ? 28  C   A P     1 
ATOM   581  O  OP1   . C   A 1 28 ? -14.695 -19.405 8.315   1.00 55.17  ? 28  C   A OP1   1 
ATOM   582  O  OP2   . C   A 1 28 ? -12.603 -18.094 7.687   1.00 54.79  ? 28  C   A OP2   1 
ATOM   583  O  "O5'" . C   A 1 28 ? -14.965 -17.200 7.248   1.00 53.47  ? 28  C   A "O5'" 1 
ATOM   584  C  "C5'" . C   A 1 28 ? -16.366 -17.132 7.488   1.00 48.57  ? 28  C   A "C5'" 1 
ATOM   585  C  "C4'" . C   A 1 28 ? -17.027 -16.017 6.707   1.00 45.77  ? 28  C   A "C4'" 1 
ATOM   586  O  "O4'" . C   A 1 28 ? -16.431 -14.744 7.050   1.00 45.45  ? 28  C   A "O4'" 1 
ATOM   587  C  "C3'" . C   A 1 28 ? -16.889 -16.082 5.199   1.00 49.12  ? 28  C   A "C3'" 1 
ATOM   588  O  "O3'" . C   A 1 28 ? -17.796 -16.997 4.623   1.00 51.59  ? 28  C   A "O3'" 1 
ATOM   589  C  "C2'" . C   A 1 28 ? -17.124 -14.635 4.781   1.00 48.22  ? 28  C   A "C2'" 1 
ATOM   590  O  "O2'" . C   A 1 28 ? -18.503 -14.318 4.757   1.00 41.77  ? 28  C   A "O2'" 1 
ATOM   591  C  "C1'" . C   A 1 28 ? -16.475 -13.875 5.938   1.00 46.87  ? 28  C   A "C1'" 1 
ATOM   592  N  N1    . C   A 1 28 ? -15.096 -13.438 5.612   1.00 50.59  ? 28  C   A N1    1 
ATOM   593  C  C2    . C   A 1 28 ? -14.909 -12.188 5.015   1.00 50.78  ? 28  C   A C2    1 
ATOM   594  O  O2    . C   A 1 28 ? -15.904 -11.486 4.783   1.00 50.88  ? 28  C   A O2    1 
ATOM   595  N  N3    . C   A 1 28 ? -13.654 -11.770 4.715   1.00 53.89  ? 28  C   A N3    1 
ATOM   596  C  C4    . C   A 1 28 ? -12.603 -12.561 4.972   1.00 52.74  ? 28  C   A C4    1 
ATOM   597  N  N4    . C   A 1 28 ? -11.385 -12.116 4.649   1.00 47.69  ? 28  C   A N4    1 
ATOM   598  C  C5    . C   A 1 28 ? -12.768 -13.842 5.573   1.00 50.68  ? 28  C   A C5    1 
ATOM   599  C  C6    . C   A 1 28 ? -14.014 -14.234 5.874   1.00 51.10  ? 28  C   A C6    1 
ATOM   600  P  P     . G   A 1 29 ? -17.422 -17.855 3.315   1.00 52.25  ? 29  G   A P     1 
ATOM   601  O  OP1   . G   A 1 29 ? -17.591 -16.958 2.128   1.00 51.65  ? 29  G   A OP1   1 
ATOM   602  O  OP2   . G   A 1 29 ? -18.218 -19.112 3.482   1.00 54.51  ? 29  G   A OP2   1 
ATOM   603  O  "O5'" . G   A 1 29 ? -15.843 -18.123 3.363   1.00 50.27  ? 29  G   A "O5'" 1 
ATOM   604  C  "C5'" . G   A 1 29 ? -15.275 -19.276 3.966   1.00 50.06  ? 29  G   A "C5'" 1 
ATOM   605  C  "C4'" . G   A 1 29 ? -14.319 -19.980 3.029   1.00 50.03  ? 29  G   A "C4'" 1 
ATOM   606  O  "O4'" . G   A 1 29 ? -15.080 -20.712 2.029   1.00 53.53  ? 29  G   A "O4'" 1 
ATOM   607  C  "C3'" . G   A 1 29 ? -13.358 -19.101 2.226   1.00 47.11  ? 29  G   A "C3'" 1 
ATOM   608  O  "O3'" . G   A 1 29 ? -12.164 -18.810 2.950   1.00 56.56  ? 29  G   A "O3'" 1 
ATOM   609  C  "C2'" . G   A 1 29 ? -13.094 -19.941 0.975   1.00 48.50  ? 29  G   A "C2'" 1 
ATOM   610  O  "O2'" . G   A 1 29 ? -12.114 -20.943 1.225   1.00 52.45  ? 29  G   A "O2'" 1 
ATOM   611  C  "C1'" . G   A 1 29 ? -14.434 -20.653 0.778   1.00 48.20  ? 29  G   A "C1'" 1 
ATOM   612  N  N9    . G   A 1 29 ? -15.325 -19.961 -0.174  1.00 45.16  ? 29  G   A N9    1 
ATOM   613  C  C8    . G   A 1 29 ? -16.626 -19.603 0.077   1.00 45.83  ? 29  G   A C8    1 
ATOM   614  N  N7    . G   A 1 29 ? -17.196 -19.001 -0.933  1.00 43.93  ? 29  G   A N7    1 
ATOM   615  C  C5    . G   A 1 29 ? -16.215 -18.962 -1.898  1.00 40.75  ? 29  G   A C5    1 
ATOM   616  C  C6    . G   A 1 29 ? -16.264 -18.429 -3.198  1.00 44.10  ? 29  G   A C6    1 
ATOM   617  O  O6    . G   A 1 29 ? -17.231 -17.882 -3.736  1.00 46.84  ? 29  G   A O6    1 
ATOM   618  N  N1    . G   A 1 29 ? -15.055 -18.581 -3.880  1.00 43.40  ? 29  G   A N1    1 
ATOM   619  C  C2    . G   A 1 29 ? -13.939 -19.181 -3.347  1.00 44.53  ? 29  G   A C2    1 
ATOM   620  N  N2    . G   A 1 29 ? -12.851 -19.258 -4.136  1.00 45.89  ? 29  G   A N2    1 
ATOM   621  N  N3    . G   A 1 29 ? -13.892 -19.679 -2.123  1.00 45.66  ? 29  G   A N3    1 
ATOM   622  C  C4    . G   A 1 29 ? -15.056 -19.543 -1.458  1.00 42.59  ? 29  G   A C4    1 
ATOM   623  P  P     . C   A 1 30 ? -11.403 -17.382 2.847   1.00 52.65  ? 30  C   A P     1 
ATOM   624  O  OP1   . C   A 1 30 ? -10.289 -17.406 3.817   1.00 49.22  ? 30  C   A OP1   1 
ATOM   625  O  OP2   . C   A 1 30 ? -12.403 -16.285 2.946   1.00 48.92  ? 30  C   A OP2   1 
ATOM   626  O  "O5'" . C   A 1 30 ? -10.719 -17.415 1.412   1.00 45.10  ? 30  C   A "O5'" 1 
ATOM   627  C  "C5'" . C   A 1 30 ? -9.556  -18.191 1.187   1.00 47.09  ? 30  C   A "C5'" 1 
ATOM   628  C  "C4'" . C   A 1 30 ? -8.978  -17.906 -0.171  1.00 45.12  ? 30  C   A "C4'" 1 
ATOM   629  O  "O4'" . C   A 1 30 ? -9.952  -18.277 -1.178  1.00 46.21  ? 30  C   A "O4'" 1 
ATOM   630  C  "C3'" . C   A 1 30 ? -8.672  -16.444 -0.450  1.00 45.79  ? 30  C   A "C3'" 1 
ATOM   631  O  "O3'" . C   A 1 30 ? -7.371  -16.093 -0.011  1.00 49.47  ? 30  C   A "O3'" 1 
ATOM   632  C  "C2'" . C   A 1 30 ? -8.840  -16.340 -1.960  1.00 46.51  ? 30  C   A "C2'" 1 
ATOM   633  O  "O2'" . C   A 1 30 ? -7.671  -16.838 -2.611  1.00 48.10  ? 30  C   A "O2'" 1 
ATOM   634  C  "C1'" . C   A 1 30 ? -9.981  -17.324 -2.208  1.00 42.37  ? 30  C   A "C1'" 1 
ATOM   635  N  N1    . C   A 1 30 ? -11.327 -16.711 -2.189  1.00 41.23  ? 30  C   A N1    1 
ATOM   636  C  C2    . C   A 1 30 ? -11.865 -16.139 -3.340  1.00 43.52  ? 30  C   A C2    1 
ATOM   637  O  O2    . C   A 1 30 ? -11.177 -16.097 -4.371  1.00 43.47  ? 30  C   A O2    1 
ATOM   638  N  N3    . C   A 1 30 ? -13.123 -15.620 -3.286  1.00 43.88  ? 30  C   A N3    1 
ATOM   639  C  C4    . C   A 1 30 ? -13.843 -15.658 -2.159  1.00 39.23  ? 30  C   A C4    1 
ATOM   640  N  N4    . C   A 1 30 ? -15.064 -15.137 -2.185  1.00 37.95  ? 30  C   A N4    1 
ATOM   641  C  C5    . C   A 1 30 ? -13.345 -16.251 -0.977  1.00 38.07  ? 30  C   A C5    1 
ATOM   642  C  C6    . C   A 1 30 ? -12.106 -16.762 -1.055  1.00 43.39  ? 30  C   A C6    1 
ATOM   643  P  P     . C   A 1 31 ? -7.044  -14.607 0.511   1.00 42.97  ? 31  C   A P     1 
ATOM   644  O  OP1   . C   A 1 31 ? -5.575  -14.572 0.750   1.00 45.89  ? 31  C   A OP1   1 
ATOM   645  O  OP2   . C   A 1 31 ? -7.991  -14.217 1.592   1.00 40.32  ? 31  C   A OP2   1 
ATOM   646  O  "O5'" . C   A 1 31 ? -7.309  -13.695 -0.761  1.00 39.39  ? 31  C   A "O5'" 1 
ATOM   647  C  "C5'" . C   A 1 31 ? -6.322  -13.562 -1.760  1.00 40.04  ? 31  C   A "C5'" 1 
ATOM   648  C  "C4'" . C   A 1 31 ? -6.862  -12.847 -2.969  1.00 43.04  ? 31  C   A "C4'" 1 
ATOM   649  O  "O4'" . C   A 1 31 ? -8.136  -13.418 -3.371  1.00 46.02  ? 31  C   A "O4'" 1 
ATOM   650  C  "C3'" . C   A 1 31 ? -7.171  -11.374 -2.793  1.00 45.50  ? 31  C   A "C3'" 1 
ATOM   651  O  "O3'" . C   A 1 31 ? -5.990  -10.580 -2.846  1.00 49.97  ? 31  C   A "O3'" 1 
ATOM   652  C  "C2'" . C   A 1 31 ? -8.146  -11.110 -3.947  1.00 44.77  ? 31  C   A "C2'" 1 
ATOM   653  O  "O2'" . C   A 1 31 ? -7.429  -10.988 -5.169  1.00 45.84  ? 31  C   A "O2'" 1 
ATOM   654  C  "C1'" . C   A 1 31 ? -8.926  -12.432 -4.007  1.00 43.09  ? 31  C   A "C1'" 1 
ATOM   655  N  N1    . C   A 1 31 ? -10.272 -12.380 -3.374  1.00 43.64  ? 31  C   A N1    1 
ATOM   656  C  C2    . C   A 1 31 ? -11.352 -11.773 -4.039  1.00 45.26  ? 31  C   A C2    1 
ATOM   657  O  O2    . C   A 1 31 ? -11.158 -11.267 -5.149  1.00 52.08  ? 31  C   A O2    1 
ATOM   658  N  N3    . C   A 1 31 ? -12.583 -11.723 -3.478  1.00 39.06  ? 31  C   A N3    1 
ATOM   659  C  C4    . C   A 1 31 ? -12.781 -12.282 -2.284  1.00 42.36  ? 31  C   A C4    1 
ATOM   660  N  N4    . C   A 1 31 ? -14.013 -12.230 -1.748  1.00 45.51  ? 31  C   A N4    1 
ATOM   661  C  C5    . C   A 1 31 ? -11.727 -12.927 -1.579  1.00 41.36  ? 31  C   A C5    1 
ATOM   662  C  C6    . C   A 1 31 ? -10.512 -12.951 -2.154  1.00 45.04  ? 31  C   A C6    1 
ATOM   663  P  P     . G   A 1 32 ? -5.462  -9.740  -1.574  1.00 42.50  ? 32  G   A P     1 
ATOM   664  O  OP1   . G   A 1 32 ? -4.018  -9.527  -1.802  1.00 42.94  ? 32  G   A OP1   1 
ATOM   665  O  OP2   . G   A 1 32 ? -5.871  -10.346 -0.278  1.00 41.74  ? 32  G   A OP2   1 
ATOM   666  O  "O5'" . G   A 1 32 ? -6.242  -8.361  -1.675  1.00 40.02  ? 32  G   A "O5'" 1 
ATOM   667  C  "C5'" . G   A 1 32 ? -6.467  -7.706  -2.920  1.00 41.95  ? 32  G   A "C5'" 1 
ATOM   668  C  "C4'" . G   A 1 32 ? -7.686  -6.814  -2.838  1.00 46.51  ? 32  G   A "C4'" 1 
ATOM   669  O  "O4'" . G   A 1 32 ? -8.843  -7.658  -2.568  1.00 48.39  ? 32  G   A "O4'" 1 
ATOM   670  C  "C3'" . G   A 1 32 ? -7.638  -5.771  -1.719  1.00 40.90  ? 32  G   A "C3'" 1 
ATOM   671  O  "O3'" . G   A 1 32 ? -8.362  -4.604  -2.069  1.00 43.59  ? 32  G   A "O3'" 1 
ATOM   672  C  "C2'" . G   A 1 32 ? -8.391  -6.447  -0.580  1.00 44.05  ? 32  G   A "C2'" 1 
ATOM   673  O  "O2'" . G   A 1 32 ? -9.047  -5.553  0.291   1.00 53.61  ? 32  G   A "O2'" 1 
ATOM   674  C  "C1'" . G   A 1 32 ? -9.407  -7.335  -1.304  1.00 46.22  ? 32  G   A "C1'" 1 
ATOM   675  N  N9    . G   A 1 32 ? -9.588  -8.580  -0.554  1.00 48.38  ? 32  G   A N9    1 
ATOM   676  C  C8    . G   A 1 32 ? -8.509  -9.271  -0.036  1.00 50.48  ? 32  G   A C8    1 
ATOM   677  N  N7    . G   A 1 32 ? -8.791  -10.353 0.636   1.00 46.07  ? 32  G   A N7    1 
ATOM   678  C  C5    . G   A 1 32 ? -10.165 -10.366 0.582   1.00 46.05  ? 32  G   A C5    1 
ATOM   679  C  C6    . G   A 1 32 ? -11.012 -11.328 1.165   1.00 51.79  ? 32  G   A C6    1 
ATOM   680  O  O6    . G   A 1 32 ? -10.737 -12.346 1.823   1.00 58.24  ? 32  G   A O6    1 
ATOM   681  N  N1    . G   A 1 32 ? -12.324 -11.025 0.902   1.00 47.69  ? 32  G   A N1    1 
ATOM   682  C  C2    . G   A 1 32 ? -12.726 -9.953  0.172   1.00 48.97  ? 32  G   A C2    1 
ATOM   683  N  N2    . G   A 1 32 ? -14.039 -9.964  0.116   1.00 51.06  ? 32  G   A N2    1 
ATOM   684  N  N3    . G   A 1 32 ? -11.972 -9.005  -0.404  1.00 47.11  ? 32  G   A N3    1 
ATOM   685  C  C4    . G   A 1 32 ? -10.685 -9.288  -0.143  1.00 47.29  ? 32  G   A C4    1 
ATOM   686  P  P     . A   A 1 33 ? -7.784  -3.503  -3.084  1.00 48.68  ? 33  A   A P     1 
ATOM   687  O  OP1   . A   A 1 33 ? -8.998  -3.339  -4.052  1.00 27.87  ? 33  A   A OP1   1 
ATOM   688  O  OP2   . A   A 1 33 ? -6.418  -3.898  -3.486  1.00 39.01  ? 33  A   A OP2   1 
ATOM   689  O  "O5'" . A   A 1 33 ? -7.495  -2.251  -2.119  1.00 39.56  ? 33  A   A "O5'" 1 
ATOM   690  C  "C5'" . A   A 1 33 ? -6.964  -2.469  -0.805  1.00 41.32  ? 33  A   A "C5'" 1 
ATOM   691  C  "C4'" . A   A 1 33 ? -7.332  -1.383  0.195   1.00 47.02  ? 33  A   A "C4'" 1 
ATOM   692  O  "O4'" . A   A 1 33 ? -6.858  -0.097  -0.288  1.00 45.24  ? 33  A   A "O4'" 1 
ATOM   693  C  "C3'" . A   A 1 33 ? -8.828  -1.207  0.462   1.00 46.92  ? 33  A   A "C3'" 1 
ATOM   694  O  "O3'" . A   A 1 33 ? -9.027  -0.702  1.783   1.00 39.07  ? 33  A   A "O3'" 1 
ATOM   695  C  "C2'" . A   A 1 33 ? -9.206  -0.112  -0.523  1.00 41.94  ? 33  A   A "C2'" 1 
ATOM   696  O  "O2'" . A   A 1 33 ? -10.347 0.609   -0.146  1.00 44.09  ? 33  A   A "O2'" 1 
ATOM   697  C  "C1'" . A   A 1 33 ? -7.965  0.775   -0.504  1.00 43.08  ? 33  A   A "C1'" 1 
ATOM   698  N  N9    . A   A 1 33 ? -7.729  1.474   -1.769  1.00 43.07  ? 33  A   A N9    1 
ATOM   699  C  C8    . A   A 1 33 ? -7.181  0.894   -2.884  1.00 44.04  ? 33  A   A C8    1 
ATOM   700  N  N7    . A   A 1 33 ? -7.036  1.715   -3.890  1.00 44.32  ? 33  A   A N7    1 
ATOM   701  C  C5    . A   A 1 33 ? -7.520  2.918   -3.414  1.00 40.29  ? 33  A   A C5    1 
ATOM   702  C  C6    . A   A 1 33 ? -7.634  4.169   -4.026  1.00 44.87  ? 33  A   A C6    1 
ATOM   703  N  N6    . A   A 1 33 ? -7.267  4.391   -5.302  1.00 47.52  ? 33  A   A N6    1 
ATOM   704  N  N1    . A   A 1 33 ? -8.135  5.187   -3.276  1.00 45.69  ? 33  A   A N1    1 
ATOM   705  C  C2    . A   A 1 33 ? -8.499  4.925   -2.011  1.00 44.10  ? 33  A   A C2    1 
ATOM   706  N  N3    . A   A 1 33 ? -8.450  3.768   -1.342  1.00 45.31  ? 33  A   A N3    1 
ATOM   707  C  C4    . A   A 1 33 ? -7.942  2.791   -2.108  1.00 40.79  ? 33  A   A C4    1 
ATOM   708  P  P     . G   A 1 34 ? -9.997  -1.430  2.845   1.00 48.32  ? 34  G   A P     1 
ATOM   709  O  OP1   . G   A 1 34 ? -10.670 -0.339  3.600   1.00 47.13  ? 34  G   A OP1   1 
ATOM   710  O  OP2   . G   A 1 34 ? -9.235  -2.423  3.639   1.00 49.77  ? 34  G   A OP2   1 
ATOM   711  O  "O5'" . G   A 1 34 ? -11.042 -2.264  1.962   1.00 53.73  ? 34  G   A "O5'" 1 
ATOM   712  C  "C5'" . G   A 1 34 ? -12.208 -1.656  1.417   1.00 52.33  ? 34  G   A "C5'" 1 
ATOM   713  C  "C4'" . G   A 1 34 ? -13.380 -2.614  1.326   1.00 51.37  ? 34  G   A "C4'" 1 
ATOM   714  O  "O4'" . G   A 1 34 ? -12.973 -3.875  0.737   1.00 52.54  ? 34  G   A "O4'" 1 
ATOM   715  C  "C3'" . G   A 1 34 ? -14.036 -3.014  2.637   1.00 51.71  ? 34  G   A "C3'" 1 
ATOM   716  O  "O3'" . G   A 1 34 ? -14.928 -2.019  3.114   1.00 55.75  ? 34  G   A "O3'" 1 
ATOM   717  C  "C2'" . G   A 1 34 ? -14.733 -4.320  2.277   1.00 51.86  ? 34  G   A "C2'" 1 
ATOM   718  O  "O2'" . G   A 1 34 ? -15.969 -4.066  1.629   1.00 55.74  ? 34  G   A "O2'" 1 
ATOM   719  C  "C1'" . G   A 1 34 ? -13.763 -4.926  1.260   1.00 51.43  ? 34  G   A "C1'" 1 
ATOM   720  N  N9    . G   A 1 34 ? -12.878 -5.919  1.891   1.00 53.84  ? 34  G   A N9    1 
ATOM   721  C  C8    . G   A 1 34 ? -11.515 -5.809  2.021   1.00 54.11  ? 34  G   A C8    1 
ATOM   722  N  N7    . G   A 1 34 ? -10.988 -6.836  2.636   1.00 55.16  ? 34  G   A N7    1 
ATOM   723  C  C5    . G   A 1 34 ? -12.061 -7.664  2.928   1.00 49.35  ? 34  G   A C5    1 
ATOM   724  C  C6    . G   A 1 34 ? -12.082 -8.913  3.590   1.00 51.46  ? 34  G   A C6    1 
ATOM   725  O  O6    . G   A 1 34 ? -11.132 -9.550  4.057   1.00 51.05  ? 34  G   A O6    1 
ATOM   726  N  N1    . G   A 1 34 ? -13.376 -9.419  3.681   1.00 56.08  ? 34  G   A N1    1 
ATOM   727  C  C2    . G   A 1 34 ? -14.506 -8.796  3.196   1.00 53.24  ? 34  G   A C2    1 
ATOM   728  N  N2    . G   A 1 34 ? -15.663 -9.461  3.384   1.00 51.50  ? 34  G   A N2    1 
ATOM   729  N  N3    . G   A 1 34 ? -14.487 -7.622  2.572   1.00 50.31  ? 34  G   A N3    1 
ATOM   730  C  C4    . G   A 1 34 ? -13.239 -7.118  2.471   1.00 49.70  ? 34  G   A C4    1 
ATOM   731  P  P     . G   A 1 35 ? -15.422 -1.990  4.648   1.00 52.15  ? 35  G   A P     1 
ATOM   732  O  OP1   . G   A 1 35 ? -16.140 -0.693  4.779   1.00 52.02  ? 35  G   A OP1   1 
ATOM   733  O  OP2   . G   A 1 35 ? -14.285 -2.259  5.574   1.00 47.23  ? 35  G   A OP2   1 
ATOM   734  O  "O5'" . G   A 1 35 ? -16.416 -3.237  4.764   1.00 50.61  ? 35  G   A "O5'" 1 
ATOM   735  C  "C5'" . G   A 1 35 ? -17.672 -3.251  4.097   1.00 56.84  ? 35  G   A "C5'" 1 
ATOM   736  C  "C4'" . G   A 1 35 ? -18.513 -4.437  4.517   1.00 55.55  ? 35  G   A "C4'" 1 
ATOM   737  O  "O4'" . G   A 1 35 ? -17.866 -5.668  4.094   1.00 57.15  ? 35  G   A "O4'" 1 
ATOM   738  C  "C3'" . G   A 1 35 ? -18.707 -4.606  6.018   1.00 57.86  ? 35  G   A "C3'" 1 
ATOM   739  O  "O3'" . G   A 1 35 ? -19.771 -3.805  6.515   1.00 60.52  ? 35  G   A "O3'" 1 
ATOM   740  C  "C2'" . G   A 1 35 ? -18.944 -6.107  6.161   1.00 56.38  ? 35  G   A "C2'" 1 
ATOM   741  O  "O2'" . G   A 1 35 ? -20.273 -6.431  5.803   1.00 59.07  ? 35  G   A "O2'" 1 
ATOM   742  C  "C1'" . G   A 1 35 ? -18.024 -6.669  5.077   1.00 55.50  ? 35  G   A "C1'" 1 
ATOM   743  N  N9    . G   A 1 35 ? -16.679 -7.023  5.576   1.00 53.91  ? 35  G   A N9    1 
ATOM   744  C  C8    . G   A 1 35 ? -15.562 -6.256  5.383   1.00 52.85  ? 35  G   A C8    1 
ATOM   745  N  N7    . G   A 1 35 ? -14.483 -6.774  5.899   1.00 54.10  ? 35  G   A N7    1 
ATOM   746  C  C5    . G   A 1 35 ? -14.907 -7.955  6.466   1.00 52.79  ? 35  G   A C5    1 
ATOM   747  C  C6    . G   A 1 35 ? -14.164 -8.935  7.165   1.00 56.50  ? 35  G   A C6    1 
ATOM   748  O  O6    . G   A 1 35 ? -12.953 -8.970  7.438   1.00 58.06  ? 35  G   A O6    1 
ATOM   749  N  N1    . G   A 1 35 ? -14.979 -9.974  7.576   1.00 56.11  ? 35  G   A N1    1 
ATOM   750  C  C2    . G   A 1 35 ? -16.311 -10.063 7.340   1.00 51.82  ? 35  G   A C2    1 
ATOM   751  N  N2    . G   A 1 35 ? -16.883 -11.167 7.828   1.00 55.45  ? 35  G   A N2    1 
ATOM   752  N  N3    . G   A 1 35 ? -17.014 -9.162  6.683   1.00 52.22  ? 35  G   A N3    1 
ATOM   753  C  C4    . G   A 1 35 ? -16.257 -8.133  6.276   1.00 52.27  ? 35  G   A C4    1 
ATOM   754  P  P     . A   A 1 36 ? -19.688 -3.066  7.948   1.00 60.44  ? 36  A   A P     1 
ATOM   755  O  OP1   . A   A 1 36 ? -21.004 -2.425  8.182   1.00 58.90  ? 36  A   A OP1   1 
ATOM   756  O  OP2   . A   A 1 36 ? -18.477 -2.215  8.015   1.00 65.48  ? 36  A   A OP2   1 
ATOM   757  O  "O5'" . A   A 1 36 ? -19.529 -4.257  8.993   1.00 62.23  ? 36  A   A "O5'" 1 
ATOM   758  C  "C5'" . A   A 1 36 ? -20.608 -5.146  9.236   1.00 64.79  ? 36  A   A "C5'" 1 
ATOM   759  C  "C4'" . A   A 1 36 ? -20.165 -6.351  10.025  1.00 65.49  ? 36  A   A "C4'" 1 
ATOM   760  O  "O4'" . A   A 1 36 ? -19.205 -7.117  9.249   1.00 64.56  ? 36  A   A "O4'" 1 
ATOM   761  C  "C3'" . A   A 1 36 ? -19.424 -6.079  11.325  1.00 66.56  ? 36  A   A "C3'" 1 
ATOM   762  O  "O3'" . A   A 1 36 ? -20.264 -5.702  12.403  1.00 73.62  ? 36  A   A "O3'" 1 
ATOM   763  C  "C2'" . A   A 1 36 ? -18.697 -7.393  11.550  1.00 66.47  ? 36  A   A "C2'" 1 
ATOM   764  O  "O2'" . A   A 1 36 ? -19.607 -8.389  11.998  1.00 68.29  ? 36  A   A "O2'" 1 
ATOM   765  C  "C1'" . A   A 1 36 ? -18.275 -7.733  10.121  1.00 63.05  ? 36  A   A "C1'" 1 
ATOM   766  N  N9    . A   A 1 36 ? -16.923 -7.216  9.832   1.00 61.43  ? 36  A   A N9    1 
ATOM   767  C  C8    . A   A 1 36 ? -16.552 -6.036  9.228   1.00 60.76  ? 36  A   A C8    1 
ATOM   768  N  N7    . A   A 1 36 ? -15.240 -5.878  9.142   1.00 59.14  ? 36  A   A N7    1 
ATOM   769  C  C5    . A   A 1 36 ? -14.725 -7.021  9.736   1.00 55.81  ? 36  A   A C5    1 
ATOM   770  C  C6    . A   A 1 36 ? -13.416 -7.459  9.967   1.00 58.21  ? 36  A   A C6    1 
ATOM   771  N  N6    . A   A 1 36 ? -12.338 -6.773  9.601   1.00 62.13  ? 36  A   A N6    1 
ATOM   772  N  N1    . A   A 1 36 ? -13.236 -8.649  10.580  1.00 60.53  ? 36  A   A N1    1 
ATOM   773  C  C2    . A   A 1 36 ? -14.324 -9.341  10.939  1.00 61.18  ? 36  A   A C2    1 
ATOM   774  N  N3    . A   A 1 36 ? -15.609 -9.034  10.781  1.00 60.56  ? 36  A   A N3    1 
ATOM   775  C  C4    . A   A 1 36 ? -15.744 -7.848  10.167  1.00 59.56  ? 36  A   A C4    1 
ATOM   776  P  P     . G   A 1 37 ? -19.816 -4.517  13.403  1.00 76.24  ? 37  G   A P     1 
ATOM   777  O  OP1   . G   A 1 37 ? -21.012 -4.241  14.244  1.00 70.54  ? 37  G   A OP1   1 
ATOM   778  O  OP2   . G   A 1 37 ? -19.212 -3.420  12.597  1.00 70.05  ? 37  G   A OP2   1 
ATOM   779  O  "O5'" . G   A 1 37 ? -18.637 -5.142  14.292  1.00 68.71  ? 37  G   A "O5'" 1 
ATOM   780  C  "C5'" . G   A 1 37 ? -18.826 -6.366  14.991  1.00 70.86  ? 37  G   A "C5'" 1 
ATOM   781  C  "C4'" . G   A 1 37 ? -17.527 -7.016  15.420  1.00 72.61  ? 37  G   A "C4'" 1 
ATOM   782  O  "O4'" . G   A 1 37 ? -16.717 -7.408  14.272  1.00 75.29  ? 37  G   A "O4'" 1 
ATOM   783  C  "C3'" . G   A 1 37 ? -16.559 -6.190  16.248  1.00 69.45  ? 37  G   A "C3'" 1 
ATOM   784  O  "O3'" . G   A 1 37 ? -16.968 -5.980  17.584  1.00 69.86  ? 37  G   A "O3'" 1 
ATOM   785  C  "C2'" . G   A 1 37 ? -15.267 -6.997  16.121  1.00 72.77  ? 37  G   A "C2'" 1 
ATOM   786  O  "O2'" . G   A 1 37 ? -15.299 -8.153  16.951  1.00 72.30  ? 37  G   A "O2'" 1 
ATOM   787  C  "C1'" . G   A 1 37 ? -15.346 -7.453  14.661  1.00 68.81  ? 37  G   A "C1'" 1 
ATOM   788  N  N9    . G   A 1 37 ? -14.513 -6.597  13.789  1.00 64.60  ? 37  G   A N9    1 
ATOM   789  C  C8    . G   A 1 37 ? -14.837 -5.511  12.998  1.00 63.96  ? 37  G   A C8    1 
ATOM   790  N  N7    . G   A 1 37 ? -13.797 -4.992  12.379  1.00 61.89  ? 37  G   A N7    1 
ATOM   791  C  C5    . G   A 1 37 ? -12.721 -5.774  12.797  1.00 62.93  ? 37  G   A C5    1 
ATOM   792  C  C6    . G   A 1 37 ? -11.332 -5.719  12.481  1.00 64.03  ? 37  G   A C6    1 
ATOM   793  O  O6    . G   A 1 37 ? -10.732 -4.936  11.731  1.00 64.74  ? 37  G   A O6    1 
ATOM   794  N  N1    . G   A 1 37 ? -10.599 -6.709  13.137  1.00 63.84  ? 37  G   A N1    1 
ATOM   795  C  C2    . G   A 1 37 ? -11.131 -7.643  13.995  1.00 64.56  ? 37  G   A C2    1 
ATOM   796  N  N2    . G   A 1 37 ? -10.265 -8.521  14.534  1.00 62.97  ? 37  G   A N2    1 
ATOM   797  N  N3    . G   A 1 37 ? -12.423 -7.710  14.291  1.00 65.95  ? 37  G   A N3    1 
ATOM   798  C  C4    . G   A 1 37 ? -13.151 -6.757  13.667  1.00 65.31  ? 37  G   A C4    1 
ATOM   799  P  P     . U   A 1 38 ? -16.553 -4.616  18.344  1.00 82.65  ? 38  U   A P     1 
ATOM   800  O  OP1   . U   A 1 38 ? -17.372 -4.593  19.583  1.00 83.70  ? 38  U   A OP1   1 
ATOM   801  O  OP2   . U   A 1 38 ? -16.614 -3.455  17.406  1.00 70.82  ? 38  U   A OP2   1 
ATOM   802  O  "O5'" . U   A 1 38 ? -15.012 -4.816  18.725  1.00 75.55  ? 38  U   A "O5'" 1 
ATOM   803  C  "C5'" . U   A 1 38 ? -14.574 -5.975  19.425  1.00 73.72  ? 38  U   A "C5'" 1 
ATOM   804  C  "C4'" . U   A 1 38 ? -13.071 -6.143  19.385  1.00 73.63  ? 38  U   A "C4'" 1 
ATOM   805  O  "O4'" . U   A 1 38 ? -12.625 -6.454  18.041  1.00 70.74  ? 38  U   A "O4'" 1 
ATOM   806  C  "C3'" . U   A 1 38 ? -12.228 -4.936  19.766  1.00 76.62  ? 38  U   A "C3'" 1 
ATOM   807  O  "O3'" . U   A 1 38 ? -12.187 -4.682  21.163  1.00 79.17  ? 38  U   A "O3'" 1 
ATOM   808  C  "C2'" . U   A 1 38 ? -10.873 -5.285  19.152  1.00 72.93  ? 38  U   A "C2'" 1 
ATOM   809  O  "O2'" . U   A 1 38 ? -10.170 -6.235  19.942  1.00 74.14  ? 38  U   A "O2'" 1 
ATOM   810  C  "C1'" . U   A 1 38 ? -11.304 -5.973  17.855  1.00 72.52  ? 38  U   A "C1'" 1 
ATOM   811  N  N1    . U   A 1 38 ? -11.269 -5.030  16.714  1.00 69.87  ? 38  U   A N1    1 
ATOM   812  C  C2    . U   A 1 38 ? -10.044 -4.874  16.092  1.00 66.90  ? 38  U   A C2    1 
ATOM   813  O  O2    . U   A 1 38 ? -9.044  -5.491  16.437  1.00 67.51  ? 38  U   A O2    1 
ATOM   814  N  N3    . U   A 1 38 ? -10.032 -3.982  15.049  1.00 62.08  ? 38  U   A N3    1 
ATOM   815  C  C4    . U   A 1 38 ? -11.097 -3.248  14.582  1.00 63.08  ? 38  U   A C4    1 
ATOM   816  O  O4    . U   A 1 38 ? -10.933 -2.491  13.624  1.00 64.28  ? 38  U   A O4    1 
ATOM   817  C  C5    . U   A 1 38 ? -12.324 -3.460  15.283  1.00 66.47  ? 38  U   A C5    1 
ATOM   818  C  C6    . U   A 1 38 ? -12.369 -4.319  16.306  1.00 67.96  ? 38  U   A C6    1 
ATOM   819  P  P     . G   A 1 39 ? -11.742 -3.232  21.714  1.00 79.43  ? 39  G   A P     1 
ATOM   820  O  OP1   . G   A 1 39 ? -12.363 -3.075  23.052  1.00 82.69  ? 39  G   A OP1   1 
ATOM   821  O  OP2   . G   A 1 39 ? -11.976 -2.181  20.687  1.00 74.30  ? 39  G   A OP2   1 
ATOM   822  O  "O5'" . G   A 1 39 ? -10.164 -3.370  21.890  1.00 75.82  ? 39  G   A "O5'" 1 
ATOM   823  C  "C5'" . G   A 1 39 ? -9.303  -2.264  21.660  1.00 75.68  ? 39  G   A "C5'" 1 
ATOM   824  C  "C4'" . G   A 1 39 ? -7.938  -2.716  21.203  1.00 72.48  ? 39  G   A "C4'" 1 
ATOM   825  O  "O4'" . G   A 1 39 ? -8.027  -3.304  19.873  1.00 69.45  ? 39  G   A "O4'" 1 
ATOM   826  C  "C3'" . G   A 1 39 ? -6.894  -1.619  21.053  1.00 70.91  ? 39  G   A "C3'" 1 
ATOM   827  O  "O3'" . G   A 1 39 ? -6.311  -1.235  22.288  1.00 75.66  ? 39  G   A "O3'" 1 
ATOM   828  C  "C2'" . G   A 1 39 ? -5.912  -2.235  20.062  1.00 68.97  ? 39  G   A "C2'" 1 
ATOM   829  O  "O2'" . G   A 1 39 ? -5.071  -3.180  20.713  1.00 71.58  ? 39  G   A "O2'" 1 
ATOM   830  C  "C1'" . G   A 1 39 ? -6.866  -2.990  19.129  1.00 67.37  ? 39  G   A "C1'" 1 
ATOM   831  N  N9    . G   A 1 39 ? -7.266  -2.160  17.975  1.00 62.22  ? 39  G   A N9    1 
ATOM   832  C  C8    . G   A 1 39 ? -8.530  -1.691  17.718  1.00 62.68  ? 39  G   A C8    1 
ATOM   833  N  N7    . G   A 1 39 ? -8.594  -0.966  16.632  1.00 62.10  ? 39  G   A N7    1 
ATOM   834  C  C5    . G   A 1 39 ? -7.293  -0.954  16.146  1.00 56.53  ? 39  G   A C5    1 
ATOM   835  C  C6    . G   A 1 39 ? -6.758  -0.324  14.999  1.00 55.59  ? 39  G   A C6    1 
ATOM   836  O  O6    . G   A 1 39 ? -7.333  0.367   14.151  1.00 56.58  ? 39  G   A O6    1 
ATOM   837  N  N1    . G   A 1 39 ? -5.396  -0.561  14.872  1.00 58.38  ? 39  G   A N1    1 
ATOM   838  C  C2    . G   A 1 39 ? -4.631  -1.306  15.737  1.00 60.54  ? 39  G   A C2    1 
ATOM   839  N  N2    . G   A 1 39 ? -3.319  -1.405  15.425  1.00 55.02  ? 39  G   A N2    1 
ATOM   840  N  N3    . G   A 1 39 ? -5.130  -1.899  16.820  1.00 59.79  ? 39  G   A N3    1 
ATOM   841  C  C4    . G   A 1 39 ? -6.458  -1.684  16.959  1.00 58.71  ? 39  G   A C4    1 
ATOM   842  P  P     . C   A 1 40 ? -6.374  0.297   22.793  1.00 78.64  ? 40  C   A P     1 
ATOM   843  O  OP1   . C   A 1 40 ? -5.990  0.303   24.230  1.00 77.78  ? 40  C   A OP1   1 
ATOM   844  O  OP2   . C   A 1 40 ? -7.682  0.886   22.387  1.00 72.01  ? 40  C   A OP2   1 
ATOM   845  O  "O5'" . C   A 1 40 ? -5.196  1.013   21.992  1.00 67.39  ? 40  C   A "O5'" 1 
ATOM   846  C  "C5'" . C   A 1 40 ? -3.891  0.451   21.980  1.00 71.51  ? 40  C   A "C5'" 1 
ATOM   847  C  "C4'" . C   A 1 40 ? -3.125  0.846   20.744  1.00 68.32  ? 40  C   A "C4'" 1 
ATOM   848  O  "O4'" . C   A 1 40 ? -3.710  0.210   19.572  1.00 67.59  ? 40  C   A "O4'" 1 
ATOM   849  C  "C3'" . C   A 1 40 ? -3.151  2.326   20.404  1.00 68.63  ? 40  C   A "C3'" 1 
ATOM   850  O  "O3'" . C   A 1 40 ? -2.240  3.094   21.172  1.00 71.10  ? 40  C   A "O3'" 1 
ATOM   851  C  "C2'" . C   A 1 40 ? -2.863  2.317   18.912  1.00 68.96  ? 40  C   A "C2'" 1 
ATOM   852  O  "O2'" . C   A 1 40 ? -1.491  2.036   18.671  1.00 71.65  ? 40  C   A "O2'" 1 
ATOM   853  C  "C1'" . C   A 1 40 ? -3.669  1.097   18.472  1.00 63.82  ? 40  C   A "C1'" 1 
ATOM   854  N  N1    . C   A 1 40 ? -5.064  1.453   18.108  1.00 61.17  ? 40  C   A N1    1 
ATOM   855  C  C2    . C   A 1 40 ? -5.333  2.231   16.970  1.00 61.51  ? 40  C   A C2    1 
ATOM   856  O  O2    . C   A 1 40 ? -4.405  2.644   16.250  1.00 59.61  ? 40  C   A O2    1 
ATOM   857  N  N3    . C   A 1 40 ? -6.619  2.534   16.666  1.00 62.49  ? 40  C   A N3    1 
ATOM   858  C  C4    . C   A 1 40 ? -7.622  2.106   17.435  1.00 61.42  ? 40  C   A C4    1 
ATOM   859  N  N4    . C   A 1 40 ? -8.869  2.447   17.082  1.00 58.52  ? 40  C   A N4    1 
ATOM   860  C  C5    . C   A 1 40 ? -7.378  1.313   18.597  1.00 61.55  ? 40  C   A C5    1 
ATOM   861  C  C6    . C   A 1 40 ? -6.103  1.018   18.886  1.00 61.94  ? 40  C   A C6    1 
ATOM   862  P  P     . A   A 1 41 ? -2.735  4.432   21.921  1.00 76.52  ? 41  A   A P     1 
ATOM   863  O  OP1   . A   A 1 41 ? -1.771  4.682   23.030  1.00 69.13  ? 41  A   A OP1   1 
ATOM   864  O  OP2   . A   A 1 41 ? -4.194  4.373   22.212  1.00 70.92  ? 41  A   A OP2   1 
ATOM   865  O  "O5'" . A   A 1 41 ? -2.552  5.548   20.806  1.00 71.17  ? 41  A   A "O5'" 1 
ATOM   866  C  "C5'" . A   A 1 41 ? -1.334  5.635   20.088  1.00 67.92  ? 41  A   A "C5'" 1 
ATOM   867  C  "C4'" . A   A 1 41 ? -1.559  6.218   18.722  1.00 67.66  ? 41  A   A "C4'" 1 
ATOM   868  O  "O4'" . A   A 1 41 ? -2.435  5.356   17.958  1.00 70.35  ? 41  A   A "O4'" 1 
ATOM   869  C  "C3'" . A   A 1 41 ? -2.254  7.563   18.686  1.00 62.82  ? 41  A   A "C3'" 1 
ATOM   870  O  "O3'" . A   A 1 41 ? -1.352  8.614   18.957  1.00 67.53  ? 41  A   A "O3'" 1 
ATOM   871  C  "C2'" . A   A 1 41 ? -2.824  7.599   17.276  1.00 64.09  ? 41  A   A "C2'" 1 
ATOM   872  O  "O2'" . A   A 1 41 ? -1.805  7.923   16.339  1.00 62.07  ? 41  A   A "O2'" 1 
ATOM   873  C  "C1'" . A   A 1 41 ? -3.207  6.132   17.069  1.00 66.39  ? 41  A   A "C1'" 1 
ATOM   874  N  N9    . A   A 1 41 ? -4.634  5.846   17.326  1.00 64.84  ? 41  A   A N9    1 
ATOM   875  C  C8    . A   A 1 41 ? -5.136  5.095   18.359  1.00 64.36  ? 41  A   A C8    1 
ATOM   876  N  N7    . A   A 1 41 ? -6.444  4.977   18.332  1.00 63.32  ? 41  A   A N7    1 
ATOM   877  C  C5    . A   A 1 41 ? -6.826  5.681   17.199  1.00 61.11  ? 41  A   A C5    1 
ATOM   878  C  C6    . A   A 1 41 ? -8.086  5.924   16.621  1.00 63.56  ? 41  A   A C6    1 
ATOM   879  N  N6    . A   A 1 41 ? -9.237  5.468   17.135  1.00 64.85  ? 41  A   A N6    1 
ATOM   880  N  N1    . A   A 1 41 ? -8.126  6.660   15.487  1.00 60.85  ? 41  A   A N1    1 
ATOM   881  C  C2    . A   A 1 41 ? -6.972  7.109   14.985  1.00 62.85  ? 41  A   A C2    1 
ATOM   882  N  N3    . A   A 1 41 ? -5.727  6.952   15.438  1.00 64.13  ? 41  A   A N3    1 
ATOM   883  C  C4    . A   A 1 41 ? -5.722  6.216   16.564  1.00 62.55  ? 41  A   A C4    1 
ATOM   884  P  P     . A   A 1 42 ? -1.865  10.037  19.488  1.00 65.33  ? 42  A   A P     1 
ATOM   885  O  OP1   . A   A 1 42 ? -0.686  10.630  20.173  1.00 70.04  ? 42  A   A OP1   1 
ATOM   886  O  OP2   . A   A 1 42 ? -3.160  9.910   20.215  1.00 61.90  ? 42  A   A OP2   1 
ATOM   887  O  "O5'" . A   A 1 42 ? -2.069  10.876  18.154  1.00 58.34  ? 42  A   A "O5'" 1 
ATOM   888  C  "C5'" . A   A 1 42 ? -0.943  11.248  17.371  1.00 59.08  ? 42  A   A "C5'" 1 
ATOM   889  C  "C4'" . A   A 1 42 ? -1.342  12.218  16.297  1.00 63.58  ? 42  A   A "C4'" 1 
ATOM   890  O  "O4'" . A   A 1 42 ? -0.308  12.247  15.265  1.00 68.37  ? 42  A   A "O4'" 1 
ATOM   891  C  "C3'" . A   A 1 42 ? -2.638  11.854  15.580  1.00 63.60  ? 42  A   A "C3'" 1 
ATOM   892  O  "O3'" . A   A 1 42 ? -3.285  13.062  15.163  1.00 62.89  ? 42  A   A "O3'" 1 
ATOM   893  C  "C2'" . A   A 1 42 ? -2.118  11.082  14.368  1.00 65.48  ? 42  A   A "C2'" 1 
ATOM   894  O  "O2'" . A   A 1 42 ? -3.017  10.960  13.286  1.00 65.65  ? 42  A   A "O2'" 1 
ATOM   895  C  "C1'" . A   A 1 42 ? -0.886  11.906  14.020  1.00 64.61  ? 42  A   A "C1'" 1 
ATOM   896  N  N9    . A   A 1 42 ? 0.106   11.227  13.180  1.00 64.23  ? 42  A   A N9    1 
ATOM   897  C  C8    . A   A 1 42 ? 0.183   9.904   12.813  1.00 64.81  ? 42  A   A C8    1 
ATOM   898  N  N7    . A   A 1 42 ? 1.204   9.624   12.026  1.00 63.23  ? 42  A   A N7    1 
ATOM   899  C  C5    . A   A 1 42 ? 1.837   10.849  11.860  1.00 65.37  ? 42  A   A C5    1 
ATOM   900  C  C6    . A   A 1 42 ? 2.978   11.239  11.134  1.00 66.52  ? 42  A   A C6    1 
ATOM   901  N  N6    . A   A 1 42 ? 3.707   10.387  10.415  1.00 66.12  ? 42  A   A N6    1 
ATOM   902  N  N1    . A   A 1 42 ? 3.361   12.540  11.177  1.00 65.79  ? 42  A   A N1    1 
ATOM   903  C  C2    . A   A 1 42 ? 2.614   13.388  11.898  1.00 66.72  ? 42  A   A C2    1 
ATOM   904  N  N3    . A   A 1 42 ? 1.516   13.141  12.619  1.00 67.06  ? 42  A   A N3    1 
ATOM   905  C  C4    . A   A 1 42 ? 1.171   11.841  12.557  1.00 66.67  ? 42  A   A C4    1 
ATOM   906  P  P     . U   A 1 43 ? -4.892  13.128  15.017  1.00 67.76  ? 43  U   A P     1 
ATOM   907  O  OP1   . U   A 1 43 ? -5.352  14.498  15.345  1.00 69.31  ? 43  U   A OP1   1 
ATOM   908  O  OP2   . U   A 1 43 ? -5.489  11.952  15.705  1.00 62.88  ? 43  U   A OP2   1 
ATOM   909  O  "O5'" . U   A 1 43 ? -5.125  12.934  13.459  1.00 63.87  ? 43  U   A "O5'" 1 
ATOM   910  C  "C5'" . U   A 1 43 ? -5.494  14.024  12.642  1.00 59.54  ? 43  U   A "C5'" 1 
ATOM   911  C  "C4'" . U   A 1 43 ? -4.308  14.808  12.136  1.00 61.38  ? 43  U   A "C4'" 1 
ATOM   912  O  "O4'" . U   A 1 43 ? -3.023  14.213  12.479  1.00 63.42  ? 43  U   A "O4'" 1 
ATOM   913  C  "C3'" . U   A 1 43 ? -4.216  14.938  10.637  1.00 64.13  ? 43  U   A "C3'" 1 
ATOM   914  O  "O3'" . U   A 1 43 ? -5.206  15.774  10.096  1.00 65.51  ? 43  U   A "O3'" 1 
ATOM   915  C  "C2'" . U   A 1 43 ? -2.796  15.448  10.459  1.00 62.73  ? 43  U   A "C2'" 1 
ATOM   916  O  "O2'" . U   A 1 43 ? -2.715  16.810  10.833  1.00 68.94  ? 43  U   A "O2'" 1 
ATOM   917  C  "C1'" . U   A 1 43 ? -2.058  14.611  11.504  1.00 62.04  ? 43  U   A "C1'" 1 
ATOM   918  N  N1    . U   A 1 43 ? -1.440  13.428  10.859  1.00 65.49  ? 43  U   A N1    1 
ATOM   919  C  C2    . U   A 1 43 ? -0.307  13.621  10.070  1.00 67.65  ? 43  U   A C2    1 
ATOM   920  O  O2    . U   A 1 43 ? 0.248   14.697  9.903   1.00 70.07  ? 43  U   A O2    1 
ATOM   921  N  N3    . U   A 1 43 ? 0.202   12.492  9.475   1.00 66.11  ? 43  U   A N3    1 
ATOM   922  C  C4    . U   A 1 43 ? -0.301  11.215  9.562   1.00 64.07  ? 43  U   A C4    1 
ATOM   923  O  O4    . U   A 1 43 ? 0.268   10.299  8.968   1.00 63.27  ? 43  U   A O4    1 
ATOM   924  C  C5    . U   A 1 43 ? -1.477  11.099  10.363  1.00 64.68  ? 43  U   A C5    1 
ATOM   925  C  C6    . U   A 1 43 ? -1.997  12.182  10.947  1.00 64.46  ? 43  U   A C6    1 
ATOM   926  P  P     . C   A 1 44 ? -5.957  15.323  8.759   1.00 68.12  ? 44  C   A P     1 
ATOM   927  O  OP1   . C   A 1 44 ? -7.323  15.926  8.842   1.00 70.78  ? 44  C   A OP1   1 
ATOM   928  O  OP2   . C   A 1 44 ? -5.799  13.853  8.628   1.00 67.32  ? 44  C   A OP2   1 
ATOM   929  O  "O5'" . C   A 1 44 ? -5.086  15.991  7.598   1.00 59.57  ? 44  C   A "O5'" 1 
ATOM   930  C  "C5'" . C   A 1 44 ? -4.310  17.141  7.876   1.00 62.16  ? 44  C   A "C5'" 1 
ATOM   931  C  "C4'" . C   A 1 44 ? -3.172  17.304  6.911   1.00 61.51  ? 44  C   A "C4'" 1 
ATOM   932  O  "O4'" . C   A 1 44 ? -2.062  16.449  7.270   1.00 63.41  ? 44  C   A "O4'" 1 
ATOM   933  C  "C3'" . C   A 1 44 ? -3.460  16.919  5.482   1.00 63.63  ? 44  C   A "C3'" 1 
ATOM   934  O  "O3'" . C   A 1 44 ? -4.239  17.871  4.797   1.00 68.11  ? 44  C   A "O3'" 1 
ATOM   935  C  "C2'" . C   A 1 44 ? -2.064  16.736  4.908   1.00 66.89  ? 44  C   A "C2'" 1 
ATOM   936  O  "O2'" . C   A 1 44 ? -1.471  17.991  4.605   1.00 67.68  ? 44  C   A "O2'" 1 
ATOM   937  C  "C1'" . C   A 1 44 ? -1.328  16.125  6.104   1.00 64.40  ? 44  C   A "C1'" 1 
ATOM   938  N  N1    . C   A 1 44 ? -1.194  14.654  6.005   1.00 63.33  ? 44  C   A N1    1 
ATOM   939  C  C2    . C   A 1 44 ? -0.446  14.091  4.952   1.00 64.78  ? 44  C   A C2    1 
ATOM   940  O  O2    . C   A 1 44 ? 0.100   14.824  4.111   1.00 65.14  ? 44  C   A O2    1 
ATOM   941  N  N3    . C   A 1 44 ? -0.315  12.743  4.877   1.00 63.64  ? 44  C   A N3    1 
ATOM   942  C  C4    . C   A 1 44 ? -0.899  11.970  5.799   1.00 63.04  ? 44  C   A C4    1 
ATOM   943  N  N4    . C   A 1 44 ? -0.739  10.653  5.687   1.00 63.65  ? 44  C   A N4    1 
ATOM   944  C  C5    . C   A 1 44 ? -1.668  12.507  6.876   1.00 63.86  ? 44  C   A C5    1 
ATOM   945  C  C6    . C   A 1 44 ? -1.780  13.845  6.943   1.00 65.36  ? 44  C   A C6    1 
ATOM   946  P  P     . U   A 1 45 ? -5.483  17.353  3.934   1.00 72.54  ? 45  U   A P     1 
ATOM   947  O  OP1   . U   A 1 45 ? -6.366  18.487  3.541   1.00 65.14  ? 45  U   A OP1   1 
ATOM   948  O  OP2   . U   A 1 45 ? -6.092  16.279  4.772   1.00 69.56  ? 45  U   A OP2   1 
ATOM   949  O  "O5'" . U   A 1 45 ? -4.780  16.793  2.608   1.00 64.60  ? 45  U   A "O5'" 1 
ATOM   950  C  "C5'" . U   A 1 45 ? -4.382  17.701  1.592   1.00 66.53  ? 45  U   A "C5'" 1 
ATOM   951  C  "C4'" . U   A 1 45 ? -3.194  17.225  0.775   1.00 71.24  ? 45  U   A "C4'" 1 
ATOM   952  O  "O4'" . U   A 1 45 ? -2.218  16.533  1.599   1.00 70.18  ? 45  U   A "O4'" 1 
ATOM   953  C  "C3'" . U   A 1 45 ? -3.487  16.233  -0.335  1.00 68.47  ? 45  U   A "C3'" 1 
ATOM   954  O  "O3'" . U   A 1 45 ? -4.074  16.830  -1.471  1.00 68.76  ? 45  U   A "O3'" 1 
ATOM   955  C  "C2'" . U   A 1 45 ? -2.115  15.623  -0.595  1.00 68.02  ? 45  U   A "C2'" 1 
ATOM   956  O  "O2'" . U   A 1 45 ? -1.300  16.500  -1.354  1.00 69.42  ? 45  U   A "O2'" 1 
ATOM   957  C  "C1'" . U   A 1 45 ? -1.554  15.547  0.824   1.00 66.07  ? 45  U   A "C1'" 1 
ATOM   958  N  N1    . U   A 1 45 ? -1.810  14.220  1.424   1.00 64.88  ? 45  U   A N1    1 
ATOM   959  C  C2    . U   A 1 45 ? -1.108  13.127  0.918   1.00 64.47  ? 45  U   A C2    1 
ATOM   960  O  O2    . U   A 1 45 ? -0.274  13.174  0.010   1.00 59.17  ? 45  U   A O2    1 
ATOM   961  N  N3    . U   A 1 45 ? -1.430  11.945  1.538   1.00 61.80  ? 45  U   A N3    1 
ATOM   962  C  C4    . U   A 1 45 ? -2.335  11.752  2.565   1.00 61.53  ? 45  U   A C4    1 
ATOM   963  O  O4    . U   A 1 45 ? -2.493  10.609  3.004   1.00 63.89  ? 45  U   A O4    1 
ATOM   964  C  C5    . U   A 1 45 ? -3.010  12.929  3.020   1.00 61.22  ? 45  U   A C5    1 
ATOM   965  C  C6    . U   A 1 45 ? -2.730  14.095  2.439   1.00 62.49  ? 45  U   A C6    1 
ATOM   966  P  P     . G   A 1 46 ? -5.488  16.280  -1.988  1.00 72.70  ? 46  G   A P     1 
ATOM   967  O  OP1   . G   A 1 46 ? -6.056  17.273  -2.946  1.00 73.65  ? 46  G   A OP1   1 
ATOM   968  O  OP2   . G   A 1 46 ? -6.239  15.845  -0.779  1.00 67.64  ? 46  G   A OP2   1 
ATOM   969  O  "O5'" . G   A 1 46 ? -5.096  15.008  -2.860  1.00 68.80  ? 46  G   A "O5'" 1 
ATOM   970  C  "C5'" . G   A 1 46 ? -4.499  15.192  -4.132  1.00 67.31  ? 46  G   A "C5'" 1 
ATOM   971  C  "C4'" . G   A 1 46 ? -3.652  14.017  -4.549  1.00 67.36  ? 46  G   A "C4'" 1 
ATOM   972  O  "O4'" . G   A 1 46 ? -2.731  13.638  -3.490  1.00 67.39  ? 46  G   A "O4'" 1 
ATOM   973  C  "C3'" . G   A 1 46 ? -4.371  12.716  -4.846  1.00 62.43  ? 46  G   A "C3'" 1 
ATOM   974  O  "O3'" . G   A 1 46 ? -5.096  12.705  -6.055  1.00 66.00  ? 46  G   A "O3'" 1 
ATOM   975  C  "C2'" . G   A 1 46 ? -3.227  11.717  -4.799  1.00 61.56  ? 46  G   A "C2'" 1 
ATOM   976  O  "O2'" . G   A 1 46 ? -2.406  11.820  -5.955  1.00 60.33  ? 46  G   A "O2'" 1 
ATOM   977  C  "C1'" . G   A 1 46 ? -2.449  12.249  -3.596  1.00 63.87  ? 46  G   A "C1'" 1 
ATOM   978  N  N9    . G   A 1 46 ? -2.893  11.561  -2.374  1.00 58.66  ? 46  G   A N9    1 
ATOM   979  C  C8    . G   A 1 46 ? -3.711  11.992  -1.356  1.00 58.41  ? 46  G   A C8    1 
ATOM   980  N  N7    . G   A 1 46 ? -3.894  11.071  -0.438  1.00 55.78  ? 46  G   A N7    1 
ATOM   981  C  C5    . G   A 1 46 ? -3.165  9.974   -0.905  1.00 53.11  ? 46  G   A C5    1 
ATOM   982  C  C6    . G   A 1 46 ? -2.973  8.685   -0.354  1.00 49.96  ? 46  G   A C6    1 
ATOM   983  O  O6    . G   A 1 46 ? -3.452  8.267   0.709   1.00 50.26  ? 46  G   A O6    1 
ATOM   984  N  N1    . G   A 1 46 ? -2.154  7.874   -1.151  1.00 45.07  ? 46  G   A N1    1 
ATOM   985  C  C2    . G   A 1 46 ? -1.577  8.266   -2.342  1.00 49.40  ? 46  G   A C2    1 
ATOM   986  N  N2    . G   A 1 46 ? -0.808  7.368   -2.998  1.00 46.38  ? 46  G   A N2    1 
ATOM   987  N  N3    . G   A 1 46 ? -1.751  9.471   -2.866  1.00 52.43  ? 46  G   A N3    1 
ATOM   988  C  C4    . G   A 1 46 ? -2.548  10.258  -2.101  1.00 55.16  ? 46  G   A C4    1 
ATOM   989  P  P     . U   A 1 47 ? -6.468  11.875  -6.117  1.00 61.45  ? 47  U   A P     1 
ATOM   990  O  OP1   . U   A 1 47 ? -7.103  12.258  -7.408  1.00 60.29  ? 47  U   A OP1   1 
ATOM   991  O  OP2   . U   A 1 47 ? -7.234  12.075  -4.851  1.00 56.22  ? 47  U   A OP2   1 
ATOM   992  O  "O5'" . U   A 1 47 ? -5.977  10.350  -6.142  1.00 59.84  ? 47  U   A "O5'" 1 
ATOM   993  C  "C5'" . U   A 1 47 ? -5.514  9.759   -7.352  1.00 58.99  ? 47  U   A "C5'" 1 
ATOM   994  C  "C4'" . U   A 1 47 ? -4.700  8.497   -7.136  1.00 57.57  ? 47  U   A "C4'" 1 
ATOM   995  O  "O4'" . U   A 1 47 ? -4.087  8.467   -5.823  1.00 58.99  ? 47  U   A "O4'" 1 
ATOM   996  C  "C3'" . U   A 1 47 ? -5.438  7.173   -7.200  1.00 55.83  ? 47  U   A "C3'" 1 
ATOM   997  O  "O3'" . U   A 1 47 ? -5.754  6.774   -8.521  1.00 62.78  ? 47  U   A "O3'" 1 
ATOM   998  C  "C2'" . U   A 1 47 ? -4.455  6.223   -6.527  1.00 50.08  ? 47  U   A "C2'" 1 
ATOM   999  O  "O2'" . U   A 1 47 ? -3.437  5.843   -7.434  1.00 50.46  ? 47  U   A "O2'" 1 
ATOM   1000 C  "C1'" . U   A 1 47 ? -3.832  7.121   -5.458  1.00 52.36  ? 47  U   A "C1'" 1 
ATOM   1001 N  N1    . U   A 1 47 ? -4.374  6.848   -4.106  1.00 48.88  ? 47  U   A N1    1 
ATOM   1002 C  C2    . U   A 1 47 ? -4.146  5.591   -3.568  1.00 46.69  ? 47  U   A C2    1 
ATOM   1003 O  O2    . U   A 1 47 ? -3.530  4.704   -4.140  1.00 49.01  ? 47  U   A O2    1 
ATOM   1004 N  N3    . U   A 1 47 ? -4.663  5.389   -2.327  1.00 43.33  ? 47  U   A N3    1 
ATOM   1005 C  C4    . U   A 1 47 ? -5.355  6.307   -1.575  1.00 44.84  ? 47  U   A C4    1 
ATOM   1006 O  O4    . U   A 1 47 ? -5.761  5.980   -0.456  1.00 44.27  ? 47  U   A O4    1 
ATOM   1007 C  C5    . U   A 1 47 ? -5.543  7.577   -2.198  1.00 43.51  ? 47  U   A C5    1 
ATOM   1008 C  C6    . U   A 1 47 ? -5.056  7.806   -3.411  1.00 46.10  ? 47  U   A C6    1 
ATOM   1009 P  P     . G   A 1 48 ? -7.009  5.805   -8.776  1.00 58.75  ? 48  G   A P     1 
ATOM   1010 O  OP1   . G   A 1 48 ? -6.965  5.462   -10.230 1.00 50.36  ? 48  G   A OP1   1 
ATOM   1011 O  OP2   . G   A 1 48 ? -8.184  6.454   -8.118  1.00 51.49  ? 48  G   A OP2   1 
ATOM   1012 O  "O5'" . G   A 1 48 ? -6.697  4.493   -7.917  1.00 49.77  ? 48  G   A "O5'" 1 
ATOM   1013 C  "C5'" . G   A 1 48 ? -6.136  3.336   -8.526  1.00 46.41  ? 48  G   A "C5'" 1 
ATOM   1014 C  "C4'" . G   A 1 48 ? -5.518  2.401   -7.512  1.00 46.57  ? 48  G   A "C4'" 1 
ATOM   1015 O  "O4'" . G   A 1 48 ? -6.568  1.763   -6.714  1.00 45.43  ? 48  G   A "O4'" 1 
ATOM   1016 C  "C3'" . G   A 1 48 ? -4.689  1.264   -8.120  1.00 44.37  ? 48  G   A "C3'" 1 
ATOM   1017 O  "O3'" . G   A 1 48 ? -3.562  0.965   -7.276  1.00 50.83  ? 48  G   A "O3'" 1 
ATOM   1018 C  "C2'" . G   A 1 48 ? -5.677  0.096   -8.087  1.00 45.88  ? 48  G   A "C2'" 1 
ATOM   1019 O  "O2'" . G   A 1 48 ? -5.098  -1.189  -8.131  1.00 46.42  ? 48  G   A "O2'" 1 
ATOM   1020 C  "C1'" . G   A 1 48 ? -6.409  0.357   -6.768  1.00 44.31  ? 48  G   A "C1'" 1 
ATOM   1021 N  N9    . G   A 1 48 ? -7.710  -0.346  -6.629  1.00 43.63  ? 48  G   A N9    1 
ATOM   1022 C  C8    . G   A 1 48 ? -8.096  -1.324  -5.710  1.00 44.62  ? 48  G   A C8    1 
ATOM   1023 N  N7    . G   A 1 48 ? -9.313  -1.835  -5.840  1.00 31.66  ? 48  G   A N7    1 
ATOM   1024 C  C5    . G   A 1 48 ? -9.764  -1.142  -6.937  1.00 39.08  ? 48  G   A C5    1 
ATOM   1025 C  C6    . G   A 1 48 ? -11.013 -1.231  -7.584  1.00 40.17  ? 48  G   A C6    1 
ATOM   1026 O  O6    . G   A 1 48 ? -11.997 -1.952  -7.333  1.00 36.62  ? 48  G   A O6    1 
ATOM   1027 N  N1    . G   A 1 48 ? -11.042 -0.362  -8.651  1.00 38.64  ? 48  G   A N1    1 
ATOM   1028 C  C2    . G   A 1 48 ? -10.055 0.482   -9.060  1.00 43.23  ? 48  G   A C2    1 
ATOM   1029 N  N2    . G   A 1 48 ? -10.302 1.257   -10.126 1.00 42.95  ? 48  G   A N2    1 
ATOM   1030 N  N3    . G   A 1 48 ? -8.885  0.572   -8.465  1.00 46.46  ? 48  G   A N3    1 
ATOM   1031 C  C4    . G   A 1 48 ? -8.810  -0.259  -7.426  1.00 40.58  ? 48  G   A C4    1 
ATOM   1032 P  P     . A   A 1 49 ? -2.233  1.905   -7.190  1.00 54.46  ? 49  A   A P     1 
ATOM   1033 O  OP1   . A   A 1 49 ? -2.571  3.344   -7.003  1.00 48.34  ? 49  A   A OP1   1 
ATOM   1034 O  OP2   . A   A 1 49 ? -1.287  1.502   -8.273  1.00 45.37  ? 49  A   A OP2   1 
ATOM   1035 O  "O5'" . A   A 1 49 ? -1.553  1.422   -5.837  1.00 42.50  ? 49  A   A "O5'" 1 
ATOM   1036 C  "C5'" . A   A 1 49 ? -0.751  0.249   -5.828  1.00 42.07  ? 49  A   A "C5'" 1 
ATOM   1037 C  "C4'" . A   A 1 49 ? -1.309  -0.789  -4.891  1.00 48.61  ? 49  A   A "C4'" 1 
ATOM   1038 O  "O4'" . A   A 1 49 ? -1.514  -0.172  -3.585  1.00 49.20  ? 49  A   A "O4'" 1 
ATOM   1039 C  "C3'" . A   A 1 49 ? -2.656  -1.392  -5.304  1.00 49.60  ? 49  A   A "C3'" 1 
ATOM   1040 O  "O3'" . A   A 1 49 ? -2.702  -2.784  -4.981  1.00 50.47  ? 49  A   A "O3'" 1 
ATOM   1041 C  "C2'" . A   A 1 49 ? -3.651  -0.652  -4.413  1.00 46.06  ? 49  A   A "C2'" 1 
ATOM   1042 O  "O2'" . A   A 1 49 ? -4.828  -1.389  -4.144  1.00 48.19  ? 49  A   A "O2'" 1 
ATOM   1043 C  "C1'" . A   A 1 49 ? -2.829  -0.409  -3.144  1.00 42.49  ? 49  A   A "C1'" 1 
ATOM   1044 N  N9    . A   A 1 49 ? -3.287  0.755   -2.364  1.00 46.15  ? 49  A   A N9    1 
ATOM   1045 C  C8    . A   A 1 49 ? -3.432  2.043   -2.830  1.00 44.76  ? 49  A   A C8    1 
ATOM   1046 N  N7    . A   A 1 49 ? -3.904  2.895   -1.938  1.00 44.41  ? 49  A   A N7    1 
ATOM   1047 C  C5    . A   A 1 49 ? -4.092  2.122   -0.796  1.00 42.06  ? 49  A   A C5    1 
ATOM   1048 C  C6    . A   A 1 49 ? -4.567  2.448   0.489   1.00 41.76  ? 49  A   A C6    1 
ATOM   1049 N  N6    . A   A 1 49 ? -4.949  3.677   0.842   1.00 41.89  ? 49  A   A N6    1 
ATOM   1050 N  N1    . A   A 1 49 ? -4.628  1.479   1.423   1.00 42.71  ? 49  A   A N1    1 
ATOM   1051 C  C2    . A   A 1 49 ? -4.223  0.257   1.050   1.00 46.76  ? 49  A   A C2    1 
ATOM   1052 N  N3    . A   A 1 49 ? -3.770  -0.179  -0.131  1.00 44.60  ? 49  A   A N3    1 
ATOM   1053 C  C4    . A   A 1 49 ? -3.718  0.813   -1.036  1.00 42.87  ? 49  A   A C4    1 
ATOM   1054 P  P     . G   A 1 50 ? -2.029  -3.899  -5.933  1.00 49.89  ? 50  G   A P     1 
ATOM   1055 O  OP1   . G   A 1 50 ? -1.123  -4.681  -5.045  1.00 43.89  ? 50  G   A OP1   1 
ATOM   1056 O  OP2   . G   A 1 50 ? -1.559  -3.286  -7.202  1.00 47.39  ? 50  G   A OP2   1 
ATOM   1057 O  "O5'" . G   A 1 50 ? -3.244  -4.877  -6.288  1.00 52.55  ? 50  G   A "O5'" 1 
ATOM   1058 C  "C5'" . G   A 1 50 ? -3.603  -5.916  -5.387  1.00 47.89  ? 50  G   A "C5'" 1 
ATOM   1059 C  "C4'" . G   A 1 50 ? -4.741  -6.768  -5.891  1.00 44.01  ? 50  G   A "C4'" 1 
ATOM   1060 O  "O4'" . G   A 1 50 ? -5.994  -6.065  -5.728  1.00 46.82  ? 50  G   A "O4'" 1 
ATOM   1061 C  "C3'" . G   A 1 50 ? -4.724  -7.169  -7.359  1.00 46.02  ? 50  G   A "C3'" 1 
ATOM   1062 O  "O3'" . G   A 1 50 ? -3.882  -8.283  -7.605  1.00 49.82  ? 50  G   A "O3'" 1 
ATOM   1063 C  "C2'" . G   A 1 50 ? -6.187  -7.484  -7.623  1.00 45.28  ? 50  G   A "C2'" 1 
ATOM   1064 O  "O2'" . G   A 1 50 ? -6.500  -8.761  -7.089  1.00 47.89  ? 50  G   A "O2'" 1 
ATOM   1065 C  "C1'" . G   A 1 50 ? -6.881  -6.420  -6.770  1.00 45.71  ? 50  G   A "C1'" 1 
ATOM   1066 N  N9    . G   A 1 50 ? -7.158  -5.208  -7.553  1.00 43.68  ? 50  G   A N9    1 
ATOM   1067 C  C8    . G   A 1 50 ? -6.421  -4.048  -7.528  1.00 43.43  ? 50  G   A C8    1 
ATOM   1068 N  N7    . G   A 1 50 ? -6.903  -3.149  -8.339  1.00 46.96  ? 50  G   A N7    1 
ATOM   1069 C  C5    . G   A 1 50 ? -8.010  -3.761  -8.928  1.00 42.24  ? 50  G   A C5    1 
ATOM   1070 C  C6    . G   A 1 50 ? -8.921  -3.273  -9.890  1.00 41.69  ? 50  G   A C6    1 
ATOM   1071 O  O6    . G   A 1 50 ? -8.947  -2.157  -10.438 1.00 41.62  ? 50  G   A O6    1 
ATOM   1072 N  N1    . G   A 1 50 ? -9.880  -4.233  -10.197 1.00 46.44  ? 50  G   A N1    1 
ATOM   1073 C  C2    . G   A 1 50 ? -9.959  -5.492  -9.654  1.00 44.97  ? 50  G   A C2    1 
ATOM   1074 N  N2    . G   A 1 50 ? -10.964 -6.278  -10.084 1.00 41.75  ? 50  G   A N2    1 
ATOM   1075 N  N3    . G   A 1 50 ? -9.109  -5.945  -8.751  1.00 44.65  ? 50  G   A N3    1 
ATOM   1076 C  C4    . G   A 1 50 ? -8.174  -5.034  -8.449  1.00 41.77  ? 50  G   A C4    1 
ATOM   1077 P  P     . G   A 1 51 ? -3.324  -8.599  -9.082  1.00 50.70  ? 51  G   A P     1 
ATOM   1078 O  OP1   . G   A 1 51 ? -2.311  -9.674  -8.890  1.00 51.44  ? 51  G   A OP1   1 
ATOM   1079 O  OP2   . G   A 1 51 ? -2.918  -7.363  -9.794  1.00 44.43  ? 51  G   A OP2   1 
ATOM   1080 O  "O5'" . G   A 1 51 ? -4.612  -9.113  -9.871  1.00 47.37  ? 51  G   A "O5'" 1 
ATOM   1081 C  "C5'" . G   A 1 51 ? -5.171  -10.390 -9.636  1.00 46.01  ? 51  G   A "C5'" 1 
ATOM   1082 C  "C4'" . G   A 1 51 ? -6.366  -10.626 -10.523 1.00 47.74  ? 51  G   A "C4'" 1 
ATOM   1083 O  "O4'" . G   A 1 51 ? -7.412  -9.665  -10.205 1.00 47.07  ? 51  G   A "O4'" 1 
ATOM   1084 C  "C3'" . G   A 1 51 ? -6.137  -10.434 -12.014 1.00 46.93  ? 51  G   A "C3'" 1 
ATOM   1085 O  "O3'" . G   A 1 51 ? -5.519  -11.543 -12.637 1.00 49.23  ? 51  G   A "O3'" 1 
ATOM   1086 C  "C2'" . G   A 1 51 ? -7.537  -10.143 -12.523 1.00 48.87  ? 51  G   A "C2'" 1 
ATOM   1087 O  "O2'" . G   A 1 51 ? -8.308  -11.330 -12.603 1.00 54.67  ? 51  G   A "O2'" 1 
ATOM   1088 C  "C1'" . G   A 1 51 ? -8.080  -9.274  -11.390 1.00 47.17  ? 51  G   A "C1'" 1 
ATOM   1089 N  N9    . G   A 1 51 ? -7.757  -7.861  -11.677 1.00 47.76  ? 51  G   A N9    1 
ATOM   1090 C  C8    . G   A 1 51 ? -6.680  -7.112  -11.247 1.00 43.22  ? 51  G   A C8    1 
ATOM   1091 N  N7    . G   A 1 51 ? -6.682  -5.909  -11.770 1.00 44.55  ? 51  G   A N7    1 
ATOM   1092 C  C5    . G   A 1 51 ? -7.809  -5.866  -12.588 1.00 43.93  ? 51  G   A C5    1 
ATOM   1093 C  C6    . G   A 1 51 ? -8.339  -4.835  -13.410 1.00 43.52  ? 51  G   A C6    1 
ATOM   1094 O  O6    . G   A 1 51 ? -7.915  -3.689  -13.589 1.00 44.20  ? 51  G   A O6    1 
ATOM   1095 N  N1    . G   A 1 51 ? -9.487  -5.247  -14.087 1.00 44.86  ? 51  G   A N1    1 
ATOM   1096 C  C2    . G   A 1 51 ? -10.068 -6.490  -13.994 1.00 44.58  ? 51  G   A C2    1 
ATOM   1097 N  N2    . G   A 1 51 ? -11.173 -6.689  -14.728 1.00 42.79  ? 51  G   A N2    1 
ATOM   1098 N  N3    . G   A 1 51 ? -9.588  -7.462  -13.227 1.00 44.78  ? 51  G   A N3    1 
ATOM   1099 C  C4    . G   A 1 51 ? -8.472  -7.076  -12.557 1.00 45.96  ? 51  G   A C4    1 
ATOM   1100 P  P     . C   A 1 52 ? -4.656  -11.336 -13.978 1.00 50.38  ? 52  C   A P     1 
ATOM   1101 O  OP1   . C   A 1 52 ? -4.201  -12.685 -14.379 1.00 62.32  ? 52  C   A OP1   1 
ATOM   1102 O  OP2   . C   A 1 52 ? -3.687  -10.219 -13.888 1.00 46.03  ? 52  C   A OP2   1 
ATOM   1103 O  "O5'" . C   A 1 52 ? -5.739  -10.864 -15.031 1.00 52.65  ? 52  C   A "O5'" 1 
ATOM   1104 C  "C5'" . C   A 1 52 ? -6.722  -11.758 -15.508 1.00 48.48  ? 52  C   A "C5'" 1 
ATOM   1105 C  "C4'" . C   A 1 52 ? -7.684  -11.011 -16.373 1.00 45.94  ? 52  C   A "C4'" 1 
ATOM   1106 O  "O4'" . C   A 1 52 ? -8.103  -9.820  -15.660 1.00 48.83  ? 52  C   A "O4'" 1 
ATOM   1107 C  "C3'" . C   A 1 52 ? -7.108  -10.466 -17.662 1.00 46.52  ? 52  C   A "C3'" 1 
ATOM   1108 O  "O3'" . C   A 1 52 ? -7.040  -11.450 -18.680 1.00 51.28  ? 52  C   A "O3'" 1 
ATOM   1109 C  "C2'" . C   A 1 52 ? -8.057  -9.314  -17.970 1.00 46.72  ? 52  C   A "C2'" 1 
ATOM   1110 O  "O2'" . C   A 1 52 ? -9.294  -9.808  -18.457 1.00 49.61  ? 52  C   A "O2'" 1 
ATOM   1111 C  "C1'" . C   A 1 52 ? -8.313  -8.763  -16.569 1.00 45.27  ? 52  C   A "C1'" 1 
ATOM   1112 N  N1    . C   A 1 52 ? -7.405  -7.647  -16.227 1.00 44.15  ? 52  C   A N1    1 
ATOM   1113 C  C2    . C   A 1 52 ? -7.692  -6.387  -16.757 1.00 45.12  ? 52  C   A C2    1 
ATOM   1114 O  O2    . C   A 1 52 ? -8.698  -6.277  -17.473 1.00 45.27  ? 52  C   A O2    1 
ATOM   1115 N  N3    . C   A 1 52 ? -6.882  -5.330  -16.485 1.00 43.04  ? 52  C   A N3    1 
ATOM   1116 C  C4    . C   A 1 52 ? -5.821  -5.511  -15.701 1.00 42.76  ? 52  C   A C4    1 
ATOM   1117 N  N4    . C   A 1 52 ? -5.047  -4.452  -15.452 1.00 42.51  ? 52  C   A N4    1 
ATOM   1118 C  C5    . C   A 1 52 ? -5.499  -6.783  -15.139 1.00 42.51  ? 52  C   A C5    1 
ATOM   1119 C  C6    . C   A 1 52 ? -6.309  -7.816  -15.425 1.00 45.57  ? 52  C   A C6    1 
ATOM   1120 P  P     . C   A 1 53 ? -5.922  -11.380 -19.845 1.00 50.61  ? 53  C   A P     1 
ATOM   1121 O  OP1   . C   A 1 53 ? -6.069  -12.643 -20.625 1.00 50.38  ? 53  C   A OP1   1 
ATOM   1122 O  OP2   . C   A 1 53 ? -4.584  -11.005 -19.312 1.00 51.20  ? 53  C   A OP2   1 
ATOM   1123 O  "O5'" . C   A 1 53 ? -6.423  -10.193 -20.776 1.00 46.05  ? 53  C   A "O5'" 1 
ATOM   1124 C  "C5'" . C   A 1 53 ? -7.596  -10.346 -21.552 1.00 46.92  ? 53  C   A "C5'" 1 
ATOM   1125 C  "C4'" . C   A 1 53 ? -7.986  -9.044  -22.195 1.00 48.37  ? 53  C   A "C4'" 1 
ATOM   1126 O  "O4'" . C   A 1 53 ? -8.188  -8.017  -21.183 1.00 47.58  ? 53  C   A "O4'" 1 
ATOM   1127 C  "C3'" . C   A 1 53 ? -6.948  -8.437  -23.110 1.00 46.21  ? 53  C   A "C3'" 1 
ATOM   1128 O  "O3'" . C   A 1 53 ? -6.906  -9.064  -24.372 1.00 48.11  ? 53  C   A "O3'" 1 
ATOM   1129 C  "C2'" . C   A 1 53 ? -7.377  -6.975  -23.158 1.00 47.67  ? 53  C   A "C2'" 1 
ATOM   1130 O  "O2'" . C   A 1 53 ? -8.518  -6.831  -23.987 1.00 50.21  ? 53  C   A "O2'" 1 
ATOM   1131 C  "C1'" . C   A 1 53 ? -7.829  -6.752  -21.714 1.00 46.30  ? 53  C   A "C1'" 1 
ATOM   1132 N  N1    . C   A 1 53 ? -6.783  -6.128  -20.866 1.00 42.05  ? 53  C   A N1    1 
ATOM   1133 C  C2    . C   A 1 53 ? -6.617  -4.736  -20.955 1.00 47.05  ? 53  C   A C2    1 
ATOM   1134 O  O2    . C   A 1 53 ? -7.336  -4.109  -21.751 1.00 51.78  ? 53  C   A O2    1 
ATOM   1135 N  N3    . C   A 1 53 ? -5.690  -4.089  -20.195 1.00 44.36  ? 53  C   A N3    1 
ATOM   1136 C  C4    . C   A 1 53 ? -4.948  -4.800  -19.344 1.00 43.44  ? 53  C   A C4    1 
ATOM   1137 N  N4    . C   A 1 53 ? -4.058  -4.129  -18.611 1.00 42.02  ? 53  C   A N4    1 
ATOM   1138 C  C5    . C   A 1 53 ? -5.098  -6.221  -19.214 1.00 41.50  ? 53  C   A C5    1 
ATOM   1139 C  C6    . C   A 1 53 ? -6.016  -6.841  -19.987 1.00 42.78  ? 53  C   A C6    1 
ATOM   1140 P  P     . C   A 1 54 ? -5.488  -9.366  -25.076 1.00 44.78  ? 54  C   A P     1 
ATOM   1141 O  OP1   . C   A 1 54 ? -5.691  -10.357 -26.168 1.00 47.27  ? 54  C   A OP1   1 
ATOM   1142 O  OP2   . C   A 1 54 ? -4.504  -9.676  -24.015 1.00 53.17  ? 54  C   A OP2   1 
ATOM   1143 O  "O5'" . C   A 1 54 ? -5.067  -7.948  -25.658 1.00 45.95  ? 54  C   A "O5'" 1 
ATOM   1144 C  "C5'" . C   A 1 54 ? -5.900  -7.263  -26.573 1.00 47.36  ? 54  C   A "C5'" 1 
ATOM   1145 C  "C4'" . C   A 1 54 ? -5.524  -5.807  -26.667 1.00 49.65  ? 54  C   A "C4'" 1 
ATOM   1146 O  "O4'" . C   A 1 54 ? -5.689  -5.158  -25.381 1.00 52.64  ? 54  C   A "O4'" 1 
ATOM   1147 C  "C3'" . C   A 1 54 ? -4.086  -5.491  -27.023 1.00 47.88  ? 54  C   A "C3'" 1 
ATOM   1148 O  "O3'" . C   A 1 54 ? -3.803  -5.682  -28.394 1.00 52.92  ? 54  C   A "O3'" 1 
ATOM   1149 C  "C2'" . C   A 1 54 ? -3.977  -4.043  -26.577 1.00 47.83  ? 54  C   A "C2'" 1 
ATOM   1150 O  "O2'" . C   A 1 54 ? -4.681  -3.219  -27.490 1.00 49.46  ? 54  C   A "O2'" 1 
ATOM   1151 C  "C1'" . C   A 1 54 ? -4.786  -4.073  -25.283 1.00 46.36  ? 54  C   A "C1'" 1 
ATOM   1152 N  N1    . C   A 1 54 ? -3.952  -4.223  -24.064 1.00 46.01  ? 54  C   A N1    1 
ATOM   1153 C  C2    . C   A 1 54 ? -3.393  -3.066  -23.507 1.00 48.36  ? 54  C   A C2    1 
ATOM   1154 O  O2    . C   A 1 54 ? -3.608  -1.981  -24.085 1.00 48.57  ? 54  C   A O2    1 
ATOM   1155 N  N3    . C   A 1 54 ? -2.638  -3.153  -22.373 1.00 44.82  ? 54  C   A N3    1 
ATOM   1156 C  C4    . C   A 1 54 ? -2.443  -4.343  -21.795 1.00 41.57  ? 54  C   A C4    1 
ATOM   1157 N  N4    . C   A 1 54 ? -1.698  -4.393  -20.687 1.00 37.43  ? 54  C   A N4    1 
ATOM   1158 C  C5    . C   A 1 54 ? -3.002  -5.537  -22.332 1.00 40.08  ? 54  C   A C5    1 
ATOM   1159 C  C6    . C   A 1 54 ? -3.736  -5.429  -23.450 1.00 44.90  ? 54  C   A C6    1 
ATOM   1160 P  P     . C   A 1 55 ? -2.326  -6.117  -28.867 1.00 53.77  ? 55  C   A P     1 
ATOM   1161 O  OP1   . C   A 1 55 ? -2.403  -6.498  -30.309 1.00 53.23  ? 55  C   A OP1   1 
ATOM   1162 O  OP2   . C   A 1 55 ? -1.834  -7.178  -27.952 1.00 46.88  ? 55  C   A OP2   1 
ATOM   1163 O  "O5'" . C   A 1 55 ? -1.481  -4.773  -28.679 1.00 49.89  ? 55  C   A "O5'" 1 
ATOM   1164 C  "C5'" . C   A 1 55 ? -1.845  -3.582  -29.374 1.00 49.59  ? 55  C   A "C5'" 1 
ATOM   1165 C  "C4'" . C   A 1 55 ? -0.992  -2.377  -28.998 1.00 54.25  ? 55  C   A "C4'" 1 
ATOM   1166 O  "O4'" . C   A 1 55 ? -1.320  -1.896  -27.665 1.00 50.48  ? 55  C   A "O4'" 1 
ATOM   1167 C  "C3'" . C   A 1 55 ? 0.518   -2.567  -28.955 1.00 53.54  ? 55  C   A "C3'" 1 
ATOM   1168 O  "O3'" . C   A 1 55 ? 1.121   -2.563  -30.237 1.00 54.61  ? 55  C   A "O3'" 1 
ATOM   1169 C  "C2'" . C   A 1 55 ? 0.971   -1.402  -28.085 1.00 55.22  ? 55  C   A "C2'" 1 
ATOM   1170 O  "O2'" . C   A 1 55 ? 1.049   -0.201  -28.843 1.00 55.07  ? 55  C   A "O2'" 1 
ATOM   1171 C  "C1'" . C   A 1 55 ? -0.185  -1.296  -27.081 1.00 51.20  ? 55  C   A "C1'" 1 
ATOM   1172 N  N1    . C   A 1 55 ? 0.132   -2.008  -25.828 1.00 47.72  ? 55  C   A N1    1 
ATOM   1173 C  C2    . C   A 1 55 ? 1.061   -1.413  -24.971 1.00 47.47  ? 55  C   A C2    1 
ATOM   1174 O  O2    . C   A 1 55 ? 1.547   -0.308  -25.285 1.00 47.41  ? 55  C   A O2    1 
ATOM   1175 N  N3    . C   A 1 55 ? 1.402   -2.054  -23.829 1.00 45.14  ? 55  C   A N3    1 
ATOM   1176 C  C4    . C   A 1 55 ? 0.862   -3.246  -23.541 1.00 45.96  ? 55  C   A C4    1 
ATOM   1177 N  N4    . C   A 1 55 ? 1.233   -3.833  -22.393 1.00 45.83  ? 55  C   A N4    1 
ATOM   1178 C  C5    . C   A 1 55 ? -0.083  -3.882  -24.408 1.00 44.54  ? 55  C   A C5    1 
ATOM   1179 C  C6    . C   A 1 55 ? -0.412  -3.232  -25.539 1.00 46.18  ? 55  C   A C6    1 
ATOM   1180 P  P     . A   A 1 56 ? 2.511   -3.336  -30.478 1.00 59.93  ? 56  A   A P     1 
ATOM   1181 O  OP1   . A   A 1 56 ? 2.877   -3.044  -31.890 1.00 60.11  ? 56  A   A OP1   1 
ATOM   1182 O  OP2   . A   A 1 56 ? 2.460   -4.736  -29.986 1.00 49.76  ? 56  A   A OP2   1 
ATOM   1183 O  "O5'" . A   A 1 56 ? 3.540   -2.589  -29.520 1.00 56.00  ? 56  A   A "O5'" 1 
ATOM   1184 C  "C5'" . A   A 1 56 ? 4.437   -1.635  -30.058 1.00 56.38  ? 56  A   A "C5'" 1 
ATOM   1185 C  "C4'" . A   A 1 56 ? 5.239   -0.946  -28.986 1.00 54.48  ? 56  A   A "C4'" 1 
ATOM   1186 O  "O4'" . A   A 1 56 ? 4.435   -0.718  -27.798 1.00 53.98  ? 56  A   A "O4'" 1 
ATOM   1187 C  "C3'" . A   A 1 56 ? 6.434   -1.698  -28.449 1.00 52.80  ? 56  A   A "C3'" 1 
ATOM   1188 O  "O3'" . A   A 1 56 ? 7.521   -1.709  -29.353 1.00 54.82  ? 56  A   A "O3'" 1 
ATOM   1189 C  "C2'" . A   A 1 56 ? 6.697   -0.940  -27.161 1.00 57.83  ? 56  A   A "C2'" 1 
ATOM   1190 O  "O2'" . A   A 1 56 ? 7.247   0.341   -27.442 1.00 62.80  ? 56  A   A "O2'" 1 
ATOM   1191 C  "C1'" . A   A 1 56 ? 5.266   -0.741  -26.657 1.00 50.59  ? 56  A   A "C1'" 1 
ATOM   1192 N  N9    . A   A 1 56 ? 4.877   -1.878  -25.804 1.00 48.11  ? 56  A   A N9    1 
ATOM   1193 C  C8    . A   A 1 56 ? 4.038   -2.937  -26.071 1.00 49.44  ? 56  A   A C8    1 
ATOM   1194 N  N7    . A   A 1 56 ? 3.964   -3.814  -25.089 1.00 47.52  ? 56  A   A N7    1 
ATOM   1195 C  C5    . A   A 1 56 ? 4.834   -3.293  -24.131 1.00 47.21  ? 56  A   A C5    1 
ATOM   1196 C  C6    . A   A 1 56 ? 5.208   -3.730  -22.846 1.00 52.08  ? 56  A   A C6    1 
ATOM   1197 N  N6    . A   A 1 56 ? 4.725   -4.853  -22.304 1.00 53.45  ? 56  A   A N6    1 
ATOM   1198 N  N1    . A   A 1 56 ? 6.088   -2.979  -22.127 1.00 49.68  ? 56  A   A N1    1 
ATOM   1199 C  C2    . A   A 1 56 ? 6.544   -1.854  -22.684 1.00 49.38  ? 56  A   A C2    1 
ATOM   1200 N  N3    . A   A 1 56 ? 6.260   -1.339  -23.883 1.00 49.37  ? 56  A   A N3    1 
ATOM   1201 C  C4    . A   A 1 56 ? 5.392   -2.113  -24.558 1.00 46.76  ? 56  A   A C4    1 
ATOM   1202 P  P     . G   A 1 57 ? 8.407   -3.037  -29.560 1.00 55.12  ? 57  G   A P     1 
ATOM   1203 O  OP1   . G   A 1 57 ? 9.143   -2.812  -30.829 1.00 61.69  ? 57  G   A OP1   1 
ATOM   1204 O  OP2   . G   A 1 57 ? 7.634   -4.306  -29.421 1.00 49.99  ? 57  G   A OP2   1 
ATOM   1205 O  "O5'" . G   A 1 57 ? 9.460   -2.937  -28.376 1.00 51.49  ? 57  G   A "O5'" 1 
ATOM   1206 C  "C5'" . G   A 1 57 ? 10.449  -1.922  -28.403 1.00 54.36  ? 57  G   A "C5'" 1 
ATOM   1207 C  "C4'" . G   A 1 57 ? 10.878  -1.539  -27.013 1.00 55.66  ? 57  G   A "C4'" 1 
ATOM   1208 O  "O4'" . G   A 1 57 ? 9.709   -1.497  -26.143 1.00 55.52  ? 57  G   A "O4'" 1 
ATOM   1209 C  "C3'" . G   A 1 57 ? 11.829  -2.501  -26.313 1.00 52.62  ? 57  G   A "C3'" 1 
ATOM   1210 O  "O3'" . G   A 1 57 ? 13.189  -2.325  -26.712 1.00 58.08  ? 57  G   A "O3'" 1 
ATOM   1211 C  "C2'" . G   A 1 57 ? 11.573  -2.175  -24.846 1.00 50.98  ? 57  G   A "C2'" 1 
ATOM   1212 O  "O2'" . G   A 1 57 ? 12.189  -0.943  -24.505 1.00 50.17  ? 57  G   A "O2'" 1 
ATOM   1213 C  "C1'" . G   A 1 57 ? 10.061  -1.941  -24.850 1.00 51.95  ? 57  G   A "C1'" 1 
ATOM   1214 N  N9    . G   A 1 57 ? 9.306   -3.173  -24.556 1.00 51.06  ? 57  G   A N9    1 
ATOM   1215 C  C8    . G   A 1 57 ? 8.410   -3.799  -25.390 1.00 52.21  ? 57  G   A C8    1 
ATOM   1216 N  N7    . G   A 1 57 ? 7.896   -4.884  -24.867 1.00 53.25  ? 57  G   A N7    1 
ATOM   1217 C  C5    . G   A 1 57 ? 8.486   -4.980  -23.614 1.00 51.66  ? 57  G   A C5    1 
ATOM   1218 C  C6    . G   A 1 57 ? 8.324   -5.954  -22.595 1.00 54.61  ? 57  G   A C6    1 
ATOM   1219 O  O6    . G   A 1 57 ? 7.606   -6.962  -22.575 1.00 57.26  ? 57  G   A O6    1 
ATOM   1220 N  N1    . G   A 1 57 ? 9.120   -5.669  -21.496 1.00 56.97  ? 57  G   A N1    1 
ATOM   1221 C  C2    . G   A 1 57 ? 9.967   -4.594  -21.386 1.00 54.27  ? 57  G   A C2    1 
ATOM   1222 N  N2    . G   A 1 57 ? 10.643  -4.506  -20.236 1.00 57.30  ? 57  G   A N2    1 
ATOM   1223 N  N3    . G   A 1 57 ? 10.128  -3.680  -22.325 1.00 51.68  ? 57  G   A N3    1 
ATOM   1224 C  C4    . G   A 1 57 ? 9.362   -3.931  -23.408 1.00 51.41  ? 57  G   A C4    1 
ATOM   1225 P  P     . G   A 1 58 ? 14.079  -3.533  -27.330 1.00 51.77  ? 58  G   A P     1 
ATOM   1226 O  OP1   . G   A 1 58 ? 15.404  -2.940  -27.663 1.00 51.93  ? 58  G   A OP1   1 
ATOM   1227 O  OP2   . G   A 1 58 ? 13.331  -4.286  -28.377 1.00 43.16  ? 58  G   A OP2   1 
ATOM   1228 O  "O5'" . G   A 1 58 ? 14.326  -4.514  -26.105 1.00 48.55  ? 58  G   A "O5'" 1 
ATOM   1229 C  "C5'" . G   A 1 58 ? 15.017  -4.090  -24.942 1.00 47.81  ? 58  G   A "C5'" 1 
ATOM   1230 C  "C4'" . G   A 1 58 ? 14.744  -5.052  -23.821 1.00 49.00  ? 58  G   A "C4'" 1 
ATOM   1231 O  "O4'" . G   A 1 58 ? 13.330  -4.996  -23.510 1.00 53.15  ? 58  G   A "O4'" 1 
ATOM   1232 C  "C3'" . G   A 1 58 ? 14.996  -6.515  -24.158 1.00 55.05  ? 58  G   A "C3'" 1 
ATOM   1233 O  "O3'" . G   A 1 58 ? 16.356  -6.899  -23.975 1.00 60.75  ? 58  G   A "O3'" 1 
ATOM   1234 C  "C2'" . G   A 1 58 ? 14.038  -7.247  -23.227 1.00 57.67  ? 58  G   A "C2'" 1 
ATOM   1235 O  "O2'" . G   A 1 58 ? 14.602  -7.353  -21.929 1.00 64.75  ? 58  G   A "O2'" 1 
ATOM   1236 C  "C1'" . G   A 1 58 ? 12.856  -6.279  -23.158 1.00 57.19  ? 58  G   A "C1'" 1 
ATOM   1237 N  N9    . G   A 1 58 ? 11.739  -6.672  -24.051 1.00 56.42  ? 58  G   A N9    1 
ATOM   1238 C  C8    . G   A 1 58 ? 11.412  -6.112  -25.261 1.00 54.95  ? 58  G   A C8    1 
ATOM   1239 N  N7    . G   A 1 58 ? 10.375  -6.673  -25.829 1.00 54.99  ? 58  G   A N7    1 
ATOM   1240 C  C5    . G   A 1 58 ? 9.975   -7.666  -24.954 1.00 54.61  ? 58  G   A C5    1 
ATOM   1241 C  C6    . G   A 1 58 ? 8.897   -8.598  -25.050 1.00 61.28  ? 58  G   A C6    1 
ATOM   1242 O  O6    . G   A 1 58 ? 8.051   -8.752  -25.955 1.00 60.57  ? 58  G   A O6    1 
ATOM   1243 N  N1    . G   A 1 58 ? 8.848   -9.426  -23.937 1.00 60.11  ? 58  G   A N1    1 
ATOM   1244 C  C2    . G   A 1 58 ? 9.711   -9.364  -22.880 1.00 61.29  ? 58  G   A C2    1 
ATOM   1245 N  N2    . G   A 1 58 ? 9.478   -10.263 -21.916 1.00 65.28  ? 58  G   A N2    1 
ATOM   1246 N  N3    . G   A 1 58 ? 10.717  -8.500  -22.780 1.00 61.08  ? 58  G   A N3    1 
ATOM   1247 C  C4    . G   A 1 58 ? 10.800  -7.678  -23.849 1.00 56.31  ? 58  G   A C4    1 
ATOM   1248 P  P     . A   A 1 59 ? 17.280  -7.403  -25.202 1.00 55.46  ? 59  A   A P     1 
ATOM   1249 O  OP1   . A   A 1 59 ? 18.520  -7.933  -24.569 1.00 62.73  ? 59  A   A OP1   1 
ATOM   1250 O  OP2   . A   A 1 59 ? 17.434  -6.274  -26.167 1.00 46.24  ? 59  A   A OP2   1 
ATOM   1251 O  "O5'" . A   A 1 59 ? 16.481  -8.629  -25.853 1.00 51.60  ? 59  A   A "O5'" 1 
ATOM   1252 C  "C5'" . A   A 1 59 ? 16.807  -9.990  -25.552 1.00 57.96  ? 59  A   A "C5'" 1 
ATOM   1253 C  "C4'" . A   A 1 59 ? 15.641  -10.716 -24.925 1.00 69.88  ? 59  A   A "C4'" 1 
ATOM   1254 O  "O4'" . A   A 1 59 ? 14.406  -10.274 -25.566 1.00 74.40  ? 59  A   A "O4'" 1 
ATOM   1255 C  "C3'" . A   A 1 59 ? 15.632  -12.249 -25.029 1.00 73.96  ? 59  A   A "C3'" 1 
ATOM   1256 O  "O3'" . A   A 1 59 ? 14.925  -12.769 -23.880 1.00 77.95  ? 59  A   A "O3'" 1 
ATOM   1257 C  "C2'" . A   A 1 59 ? 14.780  -12.444 -26.278 1.00 79.74  ? 59  A   A "C2'" 1 
ATOM   1258 O  "O2'" . A   A 1 59 ? 14.266  -13.743 -26.498 1.00 84.20  ? 59  A   A "O2'" 1 
ATOM   1259 C  "C1'" . A   A 1 59 ? 13.699  -11.410 -26.004 1.00 77.67  ? 59  A   A "C1'" 1 
ATOM   1260 N  N9    . A   A 1 59 ? 12.801  -11.074 -27.112 1.00 75.80  ? 59  A   A N9    1 
ATOM   1261 C  C8    . A   A 1 59 ? 11.466  -10.852 -26.936 1.00 74.92  ? 59  A   A C8    1 
ATOM   1262 N  N7    . A   A 1 59 ? 10.817  -10.585 -28.032 1.00 76.81  ? 59  A   A N7    1 
ATOM   1263 C  C5    . A   A 1 59 ? 11.800  -10.633 -29.002 1.00 76.52  ? 59  A   A C5    1 
ATOM   1264 C  C6    . A   A 1 59 ? 11.743  -10.434 -30.391 1.00 84.86  ? 59  A   A C6    1 
ATOM   1265 N  N6    . A   A 1 59 ? 10.611  -10.134 -31.040 1.00 84.79  ? 59  A   A N6    1 
ATOM   1266 N  N1    . A   A 1 59 ? 12.900  -10.554 -31.094 1.00 91.30  ? 59  A   A N1    1 
ATOM   1267 C  C2    . A   A 1 59 ? 14.034  -10.853 -30.437 1.00 83.04  ? 59  A   A C2    1 
ATOM   1268 N  N3    . A   A 1 59 ? 14.199  -11.060 -29.128 1.00 85.74  ? 59  A   A N3    1 
ATOM   1269 C  C4    . A   A 1 59 ? 13.034  -10.934 -28.456 1.00 77.66  ? 59  A   A C4    1 
ATOM   1270 P  P     . G   A 1 60 ? 14.634  -14.354 -23.661 1.00 89.74  ? 60  G   A P     1 
ATOM   1271 O  OP1   . G   A 1 60 ? 14.117  -14.599 -22.289 1.00 84.25  ? 60  G   A OP1   1 
ATOM   1272 O  OP2   . G   A 1 60 ? 15.871  -15.070 -24.081 1.00 91.49  ? 60  G   A OP2   1 
ATOM   1273 O  "O5'" . G   A 1 60 ? 13.476  -14.724 -24.712 1.00 81.76  ? 60  G   A "O5'" 1 
ATOM   1274 C  "C5'" . G   A 1 60 ? 12.092  -14.820 -24.365 1.00 80.22  ? 60  G   A "C5'" 1 
ATOM   1275 C  "C4'" . G   A 1 60 ? 11.223  -14.038 -25.336 1.00 79.64  ? 60  G   A "C4'" 1 
ATOM   1276 O  "O4'" . G   A 1 60 ? 11.547  -14.406 -26.695 1.00 81.92  ? 60  G   A "O4'" 1 
ATOM   1277 C  "C3'" . G   A 1 60 ? 9.709   -14.227 -25.255 1.00 78.91  ? 60  G   A "C3'" 1 
ATOM   1278 O  "O3'" . G   A 1 60 ? 9.119   -13.463 -24.211 1.00 81.73  ? 60  G   A "O3'" 1 
ATOM   1279 C  "C2'" . G   A 1 60 ? 9.243   -13.813 -26.650 1.00 77.60  ? 60  G   A "C2'" 1 
ATOM   1280 O  "O2'" . G   A 1 60 ? 9.082   -12.409 -26.746 1.00 73.50  ? 60  G   A "O2'" 1 
ATOM   1281 C  "C1'" . G   A 1 60 ? 10.421  -14.232 -27.527 1.00 80.88  ? 60  G   A "C1'" 1 
ATOM   1282 N  N9    . G   A 1 60 ? 10.145  -15.486 -28.238 1.00 87.15  ? 60  G   A N9    1 
ATOM   1283 C  C8    . G   A 1 60 ? 8.999   -16.246 -28.147 1.00 88.99  ? 60  G   A C8    1 
ATOM   1284 N  N7    . G   A 1 60 ? 9.017   -17.302 -28.917 1.00 91.85  ? 60  G   A N7    1 
ATOM   1285 C  C5    . G   A 1 60 ? 10.248  -17.222 -29.561 1.00 93.48  ? 60  G   A C5    1 
ATOM   1286 C  C6    . G   A 1 60 ? 10.825  -18.090 -30.516 1.00 91.82  ? 60  G   A C6    1 
ATOM   1287 O  O6    . G   A 1 60 ? 10.337  -19.130 -30.981 1.00 91.48  ? 60  G   A O6    1 
ATOM   1288 N  N1    . G   A 1 60 ? 12.084  -17.639 -30.910 1.00 93.91  ? 60  G   A N1    1 
ATOM   1289 C  C2    . G   A 1 60 ? 12.713  -16.500 -30.453 1.00 95.22  ? 60  G   A C2    1 
ATOM   1290 N  N2    . G   A 1 60 ? 13.931  -16.244 -30.969 1.00 97.88  ? 60  G   A N2    1 
ATOM   1291 N  N3    . G   A 1 60 ? 12.183  -15.675 -29.558 1.00 88.14  ? 60  G   A N3    1 
ATOM   1292 C  C4    . G   A 1 60 ? 10.957  -16.099 -29.163 1.00 90.34  ? 60  G   A C4    1 
ATOM   1293 P  P     . G   A 1 61 ? 7.517   -13.270 -24.073 1.00 71.87  ? 61  G   A P     1 
ATOM   1294 O  OP1   . G   A 1 61 ? 6.733   -14.037 -25.074 1.00 65.56  ? 61  G   A OP1   1 
ATOM   1295 O  OP2   . G   A 1 61 ? 7.303   -11.807 -23.916 1.00 71.09  ? 61  G   A OP2   1 
ATOM   1296 O  "O5'" . G   A 1 61 ? 7.197   -13.918 -22.661 1.00 70.39  ? 61  G   A "O5'" 1 
ATOM   1297 C  "C5'" . G   A 1 61 ? 7.415   -15.300 -22.442 1.00 74.92  ? 61  G   A "C5'" 1 
ATOM   1298 C  "C4'" . G   A 1 61 ? 8.274   -15.522 -21.227 1.00 74.51  ? 61  G   A "C4'" 1 
ATOM   1299 O  "O4'" . G   A 1 61 ? 9.677   -15.474 -21.590 1.00 73.84  ? 61  G   A "O4'" 1 
ATOM   1300 C  "C3'" . G   A 1 61 ? 8.152   -14.474 -20.138 1.00 78.49  ? 61  G   A "C3'" 1 
ATOM   1301 O  "O3'" . G   A 1 61 ? 6.977   -14.610 -19.354 1.00 73.72  ? 61  G   A "O3'" 1 
ATOM   1302 C  "C2'" . G   A 1 61 ? 9.459   -14.646 -19.368 1.00 79.73  ? 61  G   A "C2'" 1 
ATOM   1303 O  "O2'" . G   A 1 61 ? 9.392   -15.744 -18.467 1.00 81.55  ? 61  G   A "O2'" 1 
ATOM   1304 C  "C1'" . G   A 1 61 ? 10.435  -14.996 -20.496 1.00 76.95  ? 61  G   A "C1'" 1 
ATOM   1305 N  N9    . G   A 1 61 ? 11.238  -13.832 -20.918 1.00 74.96  ? 61  G   A N9    1 
ATOM   1306 C  C8    . G   A 1 61 ? 11.058  -13.016 -22.003 1.00 74.20  ? 61  G   A C8    1 
ATOM   1307 N  N7    . G   A 1 61 ? 11.954  -12.070 -22.094 1.00 74.93  ? 61  G   A N7    1 
ATOM   1308 C  C5    . G   A 1 61 ? 12.774  -12.259 -20.989 1.00 75.42  ? 61  G   A C5    1 
ATOM   1309 C  C6    . G   A 1 61 ? 13.918  -11.538 -20.544 1.00 74.86  ? 61  G   A C6    1 
ATOM   1310 O  O6    . G   A 1 61 ? 14.463  -10.546 -21.049 1.00 72.47  ? 61  G   A O6    1 
ATOM   1311 N  N1    . G   A 1 61 ? 14.431  -12.081 -19.370 1.00 75.57  ? 61  G   A N1    1 
ATOM   1312 C  C2    . G   A 1 61 ? 13.917  -13.177 -18.717 1.00 76.78  ? 61  G   A C2    1 
ATOM   1313 N  N2    . G   A 1 61 ? 14.552  -13.556 -17.599 1.00 78.49  ? 61  G   A N2    1 
ATOM   1314 N  N3    . G   A 1 61 ? 12.856  -13.855 -19.121 1.00 77.55  ? 61  G   A N3    1 
ATOM   1315 C  C4    . G   A 1 61 ? 12.337  -13.343 -20.254 1.00 76.28  ? 61  G   A C4    1 
ATOM   1316 P  P     . A   A 1 62 ? 6.155   -13.300 -18.929 1.00 80.56  ? 62  A   A P     1 
ATOM   1317 O  OP1   . A   A 1 62 ? 4.863   -13.730 -18.316 1.00 81.12  ? 62  A   A OP1   1 
ATOM   1318 O  OP2   . A   A 1 62 ? 6.110   -12.375 -20.093 1.00 73.29  ? 62  A   A OP2   1 
ATOM   1319 O  "O5'" . A   A 1 62 ? 7.065   -12.654 -17.786 1.00 78.87  ? 62  A   A "O5'" 1 
ATOM   1320 C  "C5'" . A   A 1 62 ? 7.181   -13.288 -16.518 1.00 78.30  ? 62  A   A "C5'" 1 
ATOM   1321 C  "C4'" . A   A 1 62 ? 8.511   -13.027 -15.856 1.00 75.67  ? 62  A   A "C4'" 1 
ATOM   1322 O  "O4'" . A   A 1 62 ? 9.587   -13.163 -16.818 1.00 75.38  ? 62  A   A "O4'" 1 
ATOM   1323 C  "C3'" . A   A 1 62 ? 8.706   -11.637 -15.281 1.00 76.01  ? 62  A   A "C3'" 1 
ATOM   1324 O  "O3'" . A   A 1 62 ? 8.080   -11.485 -14.021 1.00 78.89  ? 62  A   A "O3'" 1 
ATOM   1325 C  "C2'" . A   A 1 62 ? 10.228  -11.499 -15.247 1.00 75.81  ? 62  A   A "C2'" 1 
ATOM   1326 O  "O2'" . A   A 1 62 ? 10.790  -12.170 -14.129 1.00 75.57  ? 62  A   A "O2'" 1 
ATOM   1327 C  "C1'" . A   A 1 62 ? 10.628  -12.259 -16.510 1.00 75.95  ? 62  A   A "C1'" 1 
ATOM   1328 N  N9    . A   A 1 62 ? 10.820  -11.357 -17.657 1.00 74.98  ? 62  A   A N9    1 
ATOM   1329 C  C8    . A   A 1 62 ? 10.128  -11.372 -18.838 1.00 73.06  ? 62  A   A C8    1 
ATOM   1330 N  N7    . A   A 1 62 ? 10.522  -10.447 -19.677 1.00 72.71  ? 62  A   A N7    1 
ATOM   1331 C  C5    . A   A 1 62 ? 11.541  -9.780  -19.005 1.00 71.38  ? 62  A   A C5    1 
ATOM   1332 C  C6    . A   A 1 62 ? 12.363  -8.693  -19.362 1.00 68.77  ? 62  A   A C6    1 
ATOM   1333 N  N6    . A   A 1 62 ? 12.275  -8.070  -20.540 1.00 64.54  ? 62  A   A N6    1 
ATOM   1334 N  N1    . A   A 1 62 ? 13.280  -8.264  -18.461 1.00 68.83  ? 62  A   A N1    1 
ATOM   1335 C  C2    . A   A 1 62 ? 13.361  -8.898  -17.286 1.00 71.63  ? 62  A   A C2    1 
ATOM   1336 N  N3    . A   A 1 62 ? 12.645  -9.931  -16.839 1.00 75.77  ? 62  A   A N3    1 
ATOM   1337 C  C4    . A   A 1 62 ? 11.739  -10.332 -17.756 1.00 74.30  ? 62  A   A C4    1 
ATOM   1338 P  P     . C   A 1 63 ? 6.845   -10.469 -13.844 1.00 84.65  ? 63  C   A P     1 
ATOM   1339 O  OP1   . C   A 1 63 ? 6.232   -10.685 -12.502 1.00 78.29  ? 63  C   A OP1   1 
ATOM   1340 O  OP2   . C   A 1 63 ? 5.979   -10.552 -15.050 1.00 74.94  ? 63  C   A OP2   1 
ATOM   1341 O  "O5'" . C   A 1 63 ? 7.560   -9.047  -13.819 1.00 77.55  ? 63  C   A "O5'" 1 
ATOM   1342 C  "C5'" . C   A 1 63 ? 8.754   -8.860  -13.074 1.00 72.97  ? 63  C   A "C5'" 1 
ATOM   1343 C  "C4'" . C   A 1 63 ? 9.648   -7.855  -13.741 1.00 70.38  ? 63  C   A "C4'" 1 
ATOM   1344 O  "O4'" . C   A 1 63 ? 10.105  -8.373  -15.016 1.00 73.56  ? 63  C   A "O4'" 1 
ATOM   1345 C  "C3'" . C   A 1 63 ? 8.990   -6.535  -14.086 1.00 70.12  ? 63  C   A "C3'" 1 
ATOM   1346 O  "O3'" . C   A 1 63 ? 8.956   -5.663  -12.969 1.00 76.15  ? 63  C   A "O3'" 1 
ATOM   1347 C  "C2'" . C   A 1 63 ? 9.849   -6.021  -15.234 1.00 69.47  ? 63  C   A "C2'" 1 
ATOM   1348 O  "O2'" . C   A 1 63 ? 11.036  -5.423  -14.732 1.00 74.24  ? 63  C   A "O2'" 1 
ATOM   1349 C  "C1'" . C   A 1 63 ? 10.216  -7.325  -15.952 1.00 70.28  ? 63  C   A "C1'" 1 
ATOM   1350 N  N1    . C   A 1 63 ? 9.310   -7.617  -17.089 1.00 70.47  ? 63  C   A N1    1 
ATOM   1351 C  C2    . C   A 1 63 ? 9.497   -6.964  -18.309 1.00 67.18  ? 63  C   A C2    1 
ATOM   1352 O  O2    . C   A 1 63 ? 10.430  -6.148  -18.415 1.00 64.93  ? 63  C   A O2    1 
ATOM   1353 N  N3    . C   A 1 63 ? 8.653   -7.238  -19.339 1.00 65.13  ? 63  C   A N3    1 
ATOM   1354 C  C4    . C   A 1 63 ? 7.663   -8.119  -19.188 1.00 65.37  ? 63  C   A C4    1 
ATOM   1355 N  N4    . C   A 1 63 ? 6.859   -8.358  -20.225 1.00 65.37  ? 63  C   A N4    1 
ATOM   1356 C  C5    . C   A 1 63 ? 7.453   -8.801  -17.960 1.00 68.94  ? 63  C   A C5    1 
ATOM   1357 C  C6    . C   A 1 63 ? 8.293   -8.523  -16.956 1.00 71.78  ? 63  C   A C6    1 
ATOM   1358 P  P     . U   A 1 64 ? 7.866   -4.488  -12.873 1.00 73.55  ? 64  U   A P     1 
ATOM   1359 O  OP1   . U   A 1 64 ? 8.087   -3.808  -11.567 1.00 79.82  ? 64  U   A OP1   1 
ATOM   1360 O  OP2   . U   A 1 64 ? 6.523   -5.007  -13.261 1.00 65.46  ? 64  U   A OP2   1 
ATOM   1361 O  "O5'" . U   A 1 64 ? 8.344   -3.448  -13.969 1.00 68.79  ? 64  U   A "O5'" 1 
ATOM   1362 C  "C5'" . U   A 1 64 ? 9.567   -2.757  -13.811 1.00 67.75  ? 64  U   A "C5'" 1 
ATOM   1363 C  "C4'" . U   A 1 64 ? 9.794   -1.847  -14.981 1.00 66.09  ? 64  U   A "C4'" 1 
ATOM   1364 O  "O4'" . U   A 1 64 ? 9.986   -2.642  -16.180 1.00 66.61  ? 64  U   A "O4'" 1 
ATOM   1365 C  "C3'" . U   A 1 64 ? 8.621   -0.948  -15.324 1.00 62.81  ? 64  U   A "C3'" 1 
ATOM   1366 O  "O3'" . U   A 1 64 ? 8.547   0.196   -14.498 1.00 66.42  ? 64  U   A "O3'" 1 
ATOM   1367 C  "C2'" . U   A 1 64 ? 8.862   -0.647  -16.794 1.00 64.05  ? 64  U   A "C2'" 1 
ATOM   1368 O  "O2'" . U   A 1 64 ? 9.900   0.315   -16.946 1.00 62.53  ? 64  U   A "O2'" 1 
ATOM   1369 C  "C1'" . U   A 1 64 ? 9.389   -1.996  -17.283 1.00 63.57  ? 64  U   A "C1'" 1 
ATOM   1370 N  N1    . U   A 1 64 ? 8.313   -2.869  -17.805 1.00 59.50  ? 64  U   A N1    1 
ATOM   1371 C  C2    . U   A 1 64 ? 7.842   -2.587  -19.062 1.00 56.69  ? 64  U   A C2    1 
ATOM   1372 O  O2    . U   A 1 64 ? 8.276   -1.651  -19.706 1.00 55.67  ? 64  U   A O2    1 
ATOM   1373 N  N3    . U   A 1 64 ? 6.854   -3.424  -19.525 1.00 57.86  ? 64  U   A N3    1 
ATOM   1374 C  C4    . U   A 1 64 ? 6.309   -4.516  -18.860 1.00 61.51  ? 64  U   A C4    1 
ATOM   1375 O  O4    . U   A 1 64 ? 5.417   -5.196  -19.399 1.00 56.74  ? 64  U   A O4    1 
ATOM   1376 C  C5    . U   A 1 64 ? 6.867   -4.743  -17.558 1.00 60.51  ? 64  U   A C5    1 
ATOM   1377 C  C6    . U   A 1 64 ? 7.825   -3.935  -17.093 1.00 61.01  ? 64  U   A C6    1 
ATOM   1378 P  P     . G   A 1 65 ? 7.128   0.874   -14.175 1.00 63.75  ? 65  G   A P     1 
ATOM   1379 O  OP1   . G   A 1 65 ? 7.327   1.881   -13.097 1.00 66.93  ? 65  G   A OP1   1 
ATOM   1380 O  OP2   . G   A 1 65 ? 6.122   -0.204  -14.025 1.00 61.23  ? 65  G   A OP2   1 
ATOM   1381 O  "O5'" . G   A 1 65 ? 6.805   1.714   -15.485 1.00 59.22  ? 65  G   A "O5'" 1 
ATOM   1382 C  "C5'" . G   A 1 65 ? 7.656   2.770   -15.884 1.00 57.69  ? 65  G   A "C5'" 1 
ATOM   1383 C  "C4'" . G   A 1 65 ? 7.248   3.322   -17.222 1.00 58.53  ? 65  G   A "C4'" 1 
ATOM   1384 O  "O4'" . G   A 1 65 ? 7.419   2.321   -18.264 1.00 55.61  ? 65  G   A "O4'" 1 
ATOM   1385 C  "C3'" . G   A 1 65 ? 5.793   3.716   -17.337 1.00 59.30  ? 65  G   A "C3'" 1 
ATOM   1386 O  "O3'" . G   A 1 65 ? 5.522   4.962   -16.725 1.00 59.28  ? 65  G   A "O3'" 1 
ATOM   1387 C  "C2'" . G   A 1 65 ? 5.566   3.690   -18.844 1.00 59.58  ? 65  G   A "C2'" 1 
ATOM   1388 O  "O2'" . G   A 1 65 ? 6.128   4.850   -19.445 1.00 59.81  ? 65  G   A "O2'" 1 
ATOM   1389 C  "C1'" . G   A 1 65 ? 6.416   2.482   -19.251 1.00 55.67  ? 65  G   A "C1'" 1 
ATOM   1390 N  N9    . G   A 1 65 ? 5.645   1.216   -19.358 1.00 54.13  ? 65  G   A N9    1 
ATOM   1391 C  C8    . G   A 1 65 ? 5.637   0.225   -18.404 1.00 53.71  ? 65  G   A C8    1 
ATOM   1392 N  N7    . G   A 1 65 ? 4.914   -0.817  -18.738 1.00 53.21  ? 65  G   A N7    1 
ATOM   1393 C  C5    . G   A 1 65 ? 4.406   -0.511  -19.990 1.00 50.33  ? 65  G   A C5    1 
ATOM   1394 C  C6    . G   A 1 65 ? 3.546   -1.278  -20.834 1.00 49.61  ? 65  G   A C6    1 
ATOM   1395 O  O6    . G   A 1 65 ? 3.053   -2.398  -20.661 1.00 48.25  ? 65  G   A O6    1 
ATOM   1396 N  N1    . G   A 1 65 ? 3.267   -0.630  -22.026 1.00 48.31  ? 65  G   A N1    1 
ATOM   1397 C  C2    . G   A 1 65 ? 3.755   0.607   -22.351 1.00 51.63  ? 65  G   A C2    1 
ATOM   1398 N  N2    . G   A 1 65 ? 3.337   1.028   -23.555 1.00 53.04  ? 65  G   A N2    1 
ATOM   1399 N  N3    . G   A 1 65 ? 4.561   1.347   -21.577 1.00 49.65  ? 65  G   A N3    1 
ATOM   1400 C  C4    . G   A 1 65 ? 4.853   0.734   -20.402 1.00 50.08  ? 65  G   A C4    1 
ATOM   1401 P  P     . G   A 1 66 ? 4.019   5.339   -16.286 1.00 70.22  ? 66  G   A P     1 
ATOM   1402 O  OP1   . G   A 1 66 ? 4.123   6.502   -15.367 1.00 71.31  ? 66  G   A OP1   1 
ATOM   1403 O  OP2   . G   A 1 66 ? 3.273   4.117   -15.882 1.00 57.78  ? 66  G   A OP2   1 
ATOM   1404 O  "O5'" . G   A 1 66 ? 3.354   5.844   -17.637 1.00 59.07  ? 66  G   A "O5'" 1 
ATOM   1405 C  "C5'" . G   A 1 66 ? 2.036   5.465   -17.950 1.00 58.10  ? 66  G   A "C5'" 1 
ATOM   1406 C  "C4'" . G   A 1 66 ? 1.886   5.127   -19.405 1.00 58.38  ? 66  G   A "C4'" 1 
ATOM   1407 O  "O4'" . G   A 1 66 ? 2.489   3.836   -19.682 1.00 54.79  ? 66  G   A "O4'" 1 
ATOM   1408 C  "C3'" . G   A 1 66 ? 0.452   4.963   -19.858 1.00 59.32  ? 66  G   A "C3'" 1 
ATOM   1409 O  "O3'" . G   A 1 66 ? -0.185  6.210   -20.081 1.00 59.95  ? 66  G   A "O3'" 1 
ATOM   1410 C  "C2'" . G   A 1 66 ? 0.583   4.069   -21.090 1.00 56.59  ? 66  G   A "C2'" 1 
ATOM   1411 O  "O2'" . G   A 1 66 ? 0.997   4.821   -22.223 1.00 59.83  ? 66  G   A "O2'" 1 
ATOM   1412 C  "C1'" . G   A 1 66 ? 1.742   3.162   -20.680 1.00 51.99  ? 66  G   A "C1'" 1 
ATOM   1413 N  N9    . G   A 1 66 ? 1.308   1.848   -20.163 1.00 47.23  ? 66  G   A N9    1 
ATOM   1414 C  C8    . G   A 1 66 ? 1.668   1.295   -18.954 1.00 49.31  ? 66  G   A C8    1 
ATOM   1415 N  N7    . G   A 1 66 ? 1.169   0.104   -18.750 1.00 49.56  ? 66  G   A N7    1 
ATOM   1416 C  C5    . G   A 1 66 ? 0.434   -0.155  -19.908 1.00 49.20  ? 66  G   A C5    1 
ATOM   1417 C  C6    . G   A 1 66 ? -0.334  -1.299  -20.280 1.00 45.39  ? 66  G   A C6    1 
ATOM   1418 O  O6    . G   A 1 66 ? -0.532  -2.345  -19.649 1.00 47.18  ? 66  G   A O6    1 
ATOM   1419 N  N1    . G   A 1 66 ? -0.905  -1.181  -21.537 1.00 43.01  ? 66  G   A N1    1 
ATOM   1420 C  C2    . G   A 1 66 ? -0.773  -0.079  -22.334 1.00 47.91  ? 66  G   A C2    1 
ATOM   1421 N  N2    . G   A 1 66 ? -1.413  -0.166  -23.510 1.00 47.66  ? 66  G   A N2    1 
ATOM   1422 N  N3    . G   A 1 66 ? -0.060  1.004   -22.011 1.00 50.75  ? 66  G   A N3    1 
ATOM   1423 C  C4    . G   A 1 66 ? 0.522   0.903   -20.792 1.00 48.24  ? 66  G   A C4    1 
ATOM   1424 P  P     . G   A 1 67 ? -1.569  6.532   -19.332 1.00 65.69  ? 67  G   A P     1 
ATOM   1425 O  OP1   . G   A 1 67 ? -1.811  7.998   -19.296 1.00 62.34  ? 67  G   A OP1   1 
ATOM   1426 O  OP2   . G   A 1 67 ? -1.580  5.763   -18.056 1.00 58.97  ? 67  G   A OP2   1 
ATOM   1427 O  "O5'" . G   A 1 67 ? -2.631  5.905   -20.331 1.00 60.97  ? 67  G   A "O5'" 1 
ATOM   1428 C  "C5'" . G   A 1 67 ? -2.458  6.049   -21.736 1.00 56.66  ? 67  G   A "C5'" 1 
ATOM   1429 C  "C4'" . G   A 1 67 ? -3.463  5.228   -22.497 1.00 57.11  ? 67  G   A "C4'" 1 
ATOM   1430 O  "O4'" . G   A 1 67 ? -3.180  3.815   -22.283 1.00 55.15  ? 67  G   A "O4'" 1 
ATOM   1431 C  "C3'" . G   A 1 67 ? -4.920  5.442   -22.080 1.00 55.26  ? 67  G   A "C3'" 1 
ATOM   1432 O  "O3'" . G   A 1 67 ? -5.762  5.331   -23.229 1.00 54.94  ? 67  G   A "O3'" 1 
ATOM   1433 C  "C2'" . G   A 1 67 ? -5.171  4.269   -21.135 1.00 53.60  ? 67  G   A "C2'" 1 
ATOM   1434 O  "O2'" . G   A 1 67 ? -6.522  3.888   -20.997 1.00 53.98  ? 67  G   A "O2'" 1 
ATOM   1435 C  "C1'" . G   A 1 67 ? -4.335  3.171   -21.786 1.00 51.60  ? 67  G   A "C1'" 1 
ATOM   1436 N  N9    . G   A 1 67 ? -3.923  2.122   -20.852 1.00 47.71  ? 67  G   A N9    1 
ATOM   1437 C  C8    . G   A 1 67 ? -3.059  2.255   -19.796 1.00 50.78  ? 67  G   A C8    1 
ATOM   1438 N  N7    . G   A 1 67 ? -2.899  1.144   -19.123 1.00 49.25  ? 67  G   A N7    1 
ATOM   1439 C  C5    . G   A 1 67 ? -3.717  0.235   -19.767 1.00 42.25  ? 67  G   A C5    1 
ATOM   1440 C  C6    . G   A 1 67 ? -3.940  -1.130  -19.488 1.00 44.65  ? 67  G   A C6    1 
ATOM   1441 O  O6    . G   A 1 67 ? -3.445  -1.809  -18.572 1.00 45.42  ? 67  G   A O6    1 
ATOM   1442 N  N1    . G   A 1 67 ? -4.829  -1.705  -20.407 1.00 46.96  ? 67  G   A N1    1 
ATOM   1443 C  C2    . G   A 1 67 ? -5.432  -1.031  -21.452 1.00 47.61  ? 67  G   A C2    1 
ATOM   1444 N  N2    . G   A 1 67 ? -6.275  -1.741  -22.223 1.00 46.72  ? 67  G   A N2    1 
ATOM   1445 N  N3    . G   A 1 67 ? -5.219  0.249   -21.718 1.00 47.65  ? 67  G   A N3    1 
ATOM   1446 C  C4    . G   A 1 67 ? -4.352  0.813   -20.841 1.00 46.49  ? 67  G   A C4    1 
ATOM   1447 P  P     . U   A 1 68 ? -6.299  6.653   -23.974 1.00 60.58  ? 68  U   A P     1 
ATOM   1448 O  OP1   . U   A 1 68 ? -5.489  7.830   -23.568 1.00 61.39  ? 68  U   A OP1   1 
ATOM   1449 O  OP2   . U   A 1 68 ? -7.771  6.676   -23.757 1.00 68.64  ? 68  U   A OP2   1 
ATOM   1450 O  "O5'" . U   A 1 68 ? -6.028  6.379   -25.524 1.00 66.46  ? 68  U   A "O5'" 1 
ATOM   1451 C  "C5'" . U   A 1 68 ? -4.708  6.356   -26.051 1.00 70.74  ? 68  U   A "C5'" 1 
ATOM   1452 C  "C4'" . U   A 1 68 ? -4.694  6.002   -27.521 1.00 78.48  ? 68  U   A "C4'" 1 
ATOM   1453 O  "O4'" . U   A 1 68 ? -3.388  5.455   -27.876 1.00 87.40  ? 68  U   A "O4'" 1 
ATOM   1454 C  "C3'" . U   A 1 68 ? -5.679  4.922   -27.959 1.00 78.42  ? 68  U   A "C3'" 1 
ATOM   1455 O  "O3'" . U   A 1 68 ? -6.990  5.410   -28.188 1.00 84.86  ? 68  U   A "O3'" 1 
ATOM   1456 C  "C2'" . U   A 1 68 ? -5.006  4.356   -29.200 1.00 77.42  ? 68  U   A "C2'" 1 
ATOM   1457 O  "O2'" . U   A 1 68 ? -5.123  5.269   -30.285 1.00 74.70  ? 68  U   A "O2'" 1 
ATOM   1458 C  "C1'" . U   A 1 68 ? -3.550  4.342   -28.741 1.00 85.74  ? 68  U   A "C1'" 1 
ATOM   1459 N  N1    . U   A 1 68 ? -3.250  3.117   -27.948 1.00 81.99  ? 68  U   A N1    1 
ATOM   1460 C  C2    . U   A 1 68 ? -3.385  1.834   -28.481 1.00 74.61  ? 68  U   A C2    1 
ATOM   1461 O  O2    . U   A 1 68 ? -3.729  1.565   -29.624 1.00 77.09  ? 68  U   A O2    1 
ATOM   1462 N  N3    . U   A 1 68 ? -3.102  0.829   -27.594 1.00 67.35  ? 68  U   A N3    1 
ATOM   1463 C  C4    . U   A 1 68 ? -2.704  0.964   -26.277 1.00 66.92  ? 68  U   A C4    1 
ATOM   1464 O  O4    . U   A 1 68 ? -2.483  -0.037  -25.601 1.00 66.94  ? 68  U   A O4    1 
ATOM   1465 C  C5    . U   A 1 68 ? -2.579  2.296   -25.798 1.00 65.58  ? 68  U   A C5    1 
ATOM   1466 C  C6    . U   A 1 68 ? -2.852  3.287   -26.636 1.00 75.47  ? 68  U   A C6    1 
HETATM 1467 MG MG    . MG  B 2 .  ? 7.414   7.579   6.939   1.00 69.16  ? 101 MG  A MG    1 
HETATM 1468 MG MG    . MG  C 2 .  ? 1.719   3.918   4.820   1.00 55.93  ? 102 MG  A MG    1 
HETATM 1469 MG MG    . MG  D 2 .  ? -4.633  -3.164  -11.859 1.00 48.34  ? 103 MG  A MG    1 
HETATM 1470 MG MG    . MG  E 2 .  ? 21.017  9.498   15.770  1.00 52.89  ? 104 MG  A MG    1 
HETATM 1471 MG MG    . MG  F 2 .  ? 4.748   -8.502  -26.160 1.00 65.45  ? 105 MG  A MG    1 
HETATM 1472 MG MG    . MG  G 2 .  ? -10.211 -5.180  6.457   1.00 70.29  ? 106 MG  A MG    1 
HETATM 1473 MG MG    . MG  H 2 .  ? 13.360  12.062  11.269  1.00 75.55  ? 107 MG  A MG    1 
HETATM 1474 MG MG    . MG  I 2 .  ? 22.620  9.609   11.662  1.00 59.68  ? 108 MG  A MG    1 
HETATM 1475 MG MG    . MG  J 2 .  ? -2.255  -0.761  -16.999 1.00 58.73  ? 109 MG  A MG    1 
HETATM 1476 O  O     . HOH K 3 .  ? 0.931   4.789   3.202   1.00 48.47  ? 201 HOH A O     1 
HETATM 1477 O  O     . HOH K 3 .  ? 3.155   5.219   5.599   1.00 57.78  ? 202 HOH A O     1 
HETATM 1478 O  O     . HOH K 3 .  ? 2.975   3.662   3.054   1.00 42.01  ? 203 HOH A O     1 
HETATM 1479 O  O     . HOH K 3 .  ? 19.497  11.143  15.980  1.00 39.80  ? 204 HOH A O     1 
HETATM 1480 O  O     . HOH K 3 .  ? 20.654  9.663   18.091  1.00 39.51  ? 205 HOH A O     1 
HETATM 1481 O  O     . HOH K 3 .  ? 18.681  9.554   17.256  1.00 45.45  ? 206 HOH A O     1 
HETATM 1482 O  O     . HOH K 3 .  ? 3.174   2.234   4.852   1.00 43.30  ? 207 HOH A O     1 
# 
